data_5MTP
#
_entry.id   5MTP
#
_cell.length_a   88.039
_cell.length_b   92.305
_cell.length_c   181.161
_cell.angle_alpha   90.00
_cell.angle_beta   96.45
_cell.angle_gamma   90.00
#
_symmetry.space_group_name_H-M   'P 1 2 1'
#
loop_
_entity.id
_entity.type
_entity.pdbx_description
1 polymer 'Enoyl-[acyl-carrier-protein] reductase [NADH]'
2 non-polymer NICOTINAMIDE-ADENINE-DINUCLEOTIDE
3 non-polymer 2-(2-methylphenoxy)-5-[(4-phenyl-1H-1,2,3-triazol-1-yl)methyl]phenol
4 non-polymer 'CHLORIDE ION'
5 non-polymer 'SODIUM ION'
6 water water
#
_entity_poly.entity_id   1
_entity_poly.type   'polypeptide(L)'
_entity_poly.pdbx_seq_one_letter_code
;MGSSHHHHHHSSGLVPRGSHMTGLLDGKRILVSGIITDSSIAFHIARVAQEQGAQLVLTGFDRLRLIQRITDRLPAKAPL
LELDVQNEEHLASLAGRVTEAIGAGNKLDGVVHSIGFMPQTGMGINPFFDAPYADVSKGIHISAYSYASMAKALLPIMNP
GGSIVGMDFDPSRAMPAYNWMTVAKSALESVNRFVAREAGKYGVRSNLVAAGPIRTLAMSAIVGGALGEEAGAQIQLLEE
GWDQRAPIGWNMKDATPVAKTVCALLSDWLPATTGDIIYADGGAHTQLL
;
_entity_poly.pdbx_strand_id   A,B,E,G,C,D,F,H
#
loop_
_chem_comp.id
_chem_comp.type
_chem_comp.name
_chem_comp.formula
53K non-polymer 2-(2-methylphenoxy)-5-[(4-phenyl-1H-1,2,3-triazol-1-yl)methyl]phenol 'C22 H19 N3 O2'
CL non-polymer 'CHLORIDE ION' 'Cl -1'
NA non-polymer 'SODIUM ION' 'Na 1'
NAD non-polymer NICOTINAMIDE-ADENINE-DINUCLEOTIDE 'C21 H27 N7 O14 P2'
#
# COMPACT_ATOMS: atom_id res chain seq x y z
N THR A 22 33.92 -9.48 -6.85
CA THR A 22 33.29 -8.14 -6.76
C THR A 22 31.86 -8.17 -6.15
N GLY A 23 30.75 -8.37 -6.87
CA GLY A 23 29.50 -8.50 -6.24
C GLY A 23 29.29 -9.92 -5.66
N LEU A 24 28.42 -9.95 -4.65
CA LEU A 24 28.13 -11.13 -3.90
C LEU A 24 27.58 -12.27 -4.76
N LEU A 25 26.83 -11.95 -5.80
CA LEU A 25 26.20 -12.97 -6.62
C LEU A 25 26.75 -12.94 -8.07
N ASP A 26 27.99 -12.53 -8.22
CA ASP A 26 28.59 -12.44 -9.55
CA ASP A 26 28.58 -12.44 -9.55
C ASP A 26 28.51 -13.77 -10.27
N GLY A 27 27.96 -13.75 -11.47
CA GLY A 27 27.91 -14.94 -12.29
C GLY A 27 26.72 -15.81 -11.96
N LYS A 28 25.88 -15.51 -10.98
CA LYS A 28 24.81 -16.45 -10.63
C LYS A 28 23.57 -16.15 -11.46
N ARG A 29 22.84 -17.20 -11.84
CA ARG A 29 21.58 -17.08 -12.57
C ARG A 29 20.47 -17.43 -11.58
N ILE A 30 19.59 -16.48 -11.35
CA ILE A 30 18.62 -16.55 -10.28
C ILE A 30 17.21 -16.23 -10.86
N LEU A 31 16.24 -17.06 -10.53
CA LEU A 31 14.86 -16.81 -10.82
C LEU A 31 14.22 -16.07 -9.62
N VAL A 32 13.48 -15.02 -9.91
CA VAL A 32 12.75 -14.31 -8.90
C VAL A 32 11.29 -14.15 -9.28
N SER A 33 10.42 -14.76 -8.47
CA SER A 33 8.97 -14.64 -8.61
C SER A 33 8.46 -13.53 -7.72
N GLY A 34 7.24 -13.09 -7.94
CA GLY A 34 6.51 -12.27 -6.95
C GLY A 34 6.54 -10.75 -7.06
N ILE A 35 7.10 -10.22 -8.14
CA ILE A 35 7.02 -8.81 -8.41
C ILE A 35 5.60 -8.44 -8.92
N ILE A 36 4.97 -7.50 -8.23
CA ILE A 36 3.77 -6.87 -8.76
C ILE A 36 3.86 -5.36 -8.74
N THR A 37 4.48 -4.73 -7.75
CA THR A 37 4.75 -3.31 -7.78
C THR A 37 6.19 -3.07 -7.41
N ASP A 38 6.65 -1.82 -7.49
CA ASP A 38 8.00 -1.53 -7.01
C ASP A 38 8.15 -1.44 -5.47
N SER A 39 7.10 -1.71 -4.71
CA SER A 39 7.17 -1.95 -3.27
C SER A 39 7.31 -3.43 -2.94
N SER A 40 7.10 -4.31 -3.91
CA SER A 40 7.12 -5.73 -3.65
C SER A 40 8.47 -6.15 -3.05
N ILE A 41 8.45 -7.03 -2.07
CA ILE A 41 9.69 -7.58 -1.53
C ILE A 41 10.54 -8.14 -2.68
N ALA A 42 9.90 -8.84 -3.61
CA ALA A 42 10.61 -9.42 -4.72
C ALA A 42 11.29 -8.39 -5.63
N PHE A 43 10.68 -7.20 -5.76
CA PHE A 43 11.29 -6.15 -6.54
C PHE A 43 12.68 -5.79 -5.91
N HIS A 44 12.69 -5.61 -4.60
CA HIS A 44 13.88 -5.23 -3.92
C HIS A 44 14.92 -6.36 -3.88
N ILE A 45 14.45 -7.62 -3.80
CA ILE A 45 15.36 -8.74 -3.90
C ILE A 45 16.03 -8.72 -5.26
N ALA A 46 15.25 -8.53 -6.30
CA ALA A 46 15.76 -8.47 -7.65
C ALA A 46 16.76 -7.30 -7.85
N ARG A 47 16.40 -6.11 -7.34
CA ARG A 47 17.26 -4.95 -7.45
C ARG A 47 18.65 -5.25 -6.81
N VAL A 48 18.61 -5.69 -5.56
CA VAL A 48 19.85 -5.94 -4.82
C VAL A 48 20.67 -7.06 -5.52
N ALA A 49 19.97 -8.09 -6.00
CA ALA A 49 20.67 -9.18 -6.65
C ALA A 49 21.38 -8.69 -7.92
N GLN A 50 20.71 -7.83 -8.69
CA GLN A 50 21.36 -7.28 -9.89
C GLN A 50 22.49 -6.36 -9.48
N GLU A 51 22.33 -5.55 -8.43
CA GLU A 51 23.46 -4.71 -8.01
C GLU A 51 24.64 -5.60 -7.66
N GLN A 52 24.41 -6.84 -7.23
CA GLN A 52 25.48 -7.74 -6.80
C GLN A 52 25.93 -8.69 -7.90
N GLY A 53 25.55 -8.38 -9.13
CA GLY A 53 26.04 -9.07 -10.31
C GLY A 53 25.24 -10.30 -10.77
N ALA A 54 24.06 -10.58 -10.19
CA ALA A 54 23.29 -11.73 -10.63
C ALA A 54 22.66 -11.46 -12.00
N GLN A 55 22.44 -12.46 -12.80
CA GLN A 55 21.61 -12.40 -14.02
C GLN A 55 20.26 -13.00 -13.69
N LEU A 56 19.18 -12.24 -13.86
CA LEU A 56 17.87 -12.69 -13.41
C LEU A 56 16.96 -13.23 -14.51
N VAL A 57 16.06 -14.14 -14.14
CA VAL A 57 14.86 -14.44 -14.90
C VAL A 57 13.74 -14.16 -13.89
N LEU A 58 12.73 -13.43 -14.34
CA LEU A 58 11.64 -12.99 -13.49
C LEU A 58 10.35 -13.72 -13.89
N THR A 59 9.45 -13.97 -12.90
CA THR A 59 8.13 -14.52 -13.17
C THR A 59 7.09 -13.63 -12.55
N GLY A 60 5.97 -13.53 -13.24
CA GLY A 60 4.85 -12.71 -12.82
C GLY A 60 3.52 -13.34 -13.04
N PHE A 61 2.54 -12.92 -12.25
CA PHE A 61 1.19 -13.51 -12.26
C PHE A 61 0.19 -12.48 -12.74
N ASP A 62 -0.57 -12.87 -13.72
CA ASP A 62 -1.83 -12.22 -14.06
C ASP A 62 -1.70 -10.85 -14.77
N ARG A 63 -1.07 -9.85 -14.18
CA ARG A 63 -1.04 -8.50 -14.77
C ARG A 63 0.33 -8.27 -15.42
N LEU A 64 0.60 -9.06 -16.46
CA LEU A 64 1.90 -9.09 -17.05
C LEU A 64 2.34 -7.77 -17.71
N ARG A 65 1.47 -6.99 -18.21
CA ARG A 65 1.79 -5.68 -18.78
C ARG A 65 2.21 -4.74 -17.67
N LEU A 66 1.47 -4.70 -16.57
CA LEU A 66 1.88 -3.87 -15.47
C LEU A 66 3.27 -4.32 -14.97
N ILE A 67 3.44 -5.62 -14.84
CA ILE A 67 4.64 -6.17 -14.22
C ILE A 67 5.87 -5.80 -15.10
N GLN A 68 5.69 -5.90 -16.41
CA GLN A 68 6.74 -5.51 -17.32
C GLN A 68 7.14 -3.99 -17.12
N ARG A 69 6.20 -3.09 -16.99
CA ARG A 69 6.49 -1.68 -16.72
C ARG A 69 7.23 -1.53 -15.37
N ILE A 70 6.85 -2.33 -14.37
CA ILE A 70 7.49 -2.28 -13.11
C ILE A 70 8.95 -2.77 -13.19
N THR A 71 9.19 -3.89 -13.87
CA THR A 71 10.50 -4.46 -13.93
C THR A 71 11.44 -3.64 -14.82
N ASP A 72 10.88 -2.80 -15.67
CA ASP A 72 11.70 -1.80 -16.36
C ASP A 72 12.38 -0.85 -15.40
N ARG A 73 11.92 -0.70 -14.17
CA ARG A 73 12.57 0.18 -13.22
C ARG A 73 13.77 -0.50 -12.54
N LEU A 74 13.99 -1.78 -12.73
CA LEU A 74 15.12 -2.49 -12.13
C LEU A 74 16.38 -1.96 -12.79
N PRO A 75 17.53 -2.16 -12.15
CA PRO A 75 18.70 -1.62 -12.81
C PRO A 75 19.08 -2.35 -14.09
N ALA A 76 18.68 -3.56 -14.36
CA ALA A 76 19.04 -4.18 -15.64
C ALA A 76 17.90 -4.97 -16.22
N LYS A 77 17.95 -5.23 -17.54
CA LYS A 77 16.84 -5.97 -18.22
C LYS A 77 16.89 -7.37 -17.76
N ALA A 78 15.76 -7.99 -17.67
CA ALA A 78 15.72 -9.38 -17.36
C ALA A 78 14.51 -9.91 -18.06
N PRO A 79 14.57 -11.11 -18.56
CA PRO A 79 13.35 -11.64 -19.11
C PRO A 79 12.23 -11.89 -18.11
N LEU A 80 10.97 -11.71 -18.54
CA LEU A 80 9.81 -11.95 -17.68
C LEU A 80 8.98 -13.09 -18.20
N LEU A 81 8.68 -14.10 -17.39
CA LEU A 81 7.88 -15.23 -17.81
C LEU A 81 6.56 -15.21 -16.98
N GLU A 82 5.51 -15.75 -17.54
CA GLU A 82 4.26 -15.85 -16.84
C GLU A 82 4.24 -17.08 -15.96
N LEU A 83 3.80 -16.92 -14.71
CA LEU A 83 3.58 -18.08 -13.87
C LEU A 83 2.49 -17.83 -12.85
N ASP A 84 1.40 -18.56 -13.01
CA ASP A 84 0.30 -18.61 -12.06
C ASP A 84 0.57 -19.99 -11.43
N VAL A 85 0.87 -20.00 -10.13
CA VAL A 85 1.27 -21.27 -9.50
C VAL A 85 0.11 -22.23 -9.33
N GLN A 86 -1.16 -21.79 -9.53
CA GLN A 86 -2.29 -22.71 -9.61
C GLN A 86 -2.49 -23.37 -10.97
N ASN A 87 -1.73 -22.95 -11.95
CA ASN A 87 -1.96 -23.44 -13.31
C ASN A 87 -0.94 -24.58 -13.63
N GLU A 88 -1.43 -25.79 -13.75
CA GLU A 88 -0.61 -26.92 -14.05
C GLU A 88 0.23 -26.82 -15.29
N GLU A 89 -0.34 -26.21 -16.32
CA GLU A 89 0.37 -26.06 -17.58
C GLU A 89 1.51 -25.11 -17.44
N HIS A 90 1.31 -24.04 -16.72
CA HIS A 90 2.43 -23.09 -16.44
C HIS A 90 3.61 -23.79 -15.71
N LEU A 91 3.29 -24.60 -14.69
CA LEU A 91 4.32 -25.36 -13.94
C LEU A 91 4.98 -26.42 -14.83
N ALA A 92 4.24 -27.09 -15.67
CA ALA A 92 4.80 -28.16 -16.48
C ALA A 92 5.72 -27.58 -17.57
N SER A 93 5.51 -26.31 -18.00
CA SER A 93 6.30 -25.72 -19.09
C SER A 93 7.39 -24.82 -18.50
N LEU A 94 7.36 -24.56 -17.21
CA LEU A 94 8.26 -23.60 -16.58
C LEU A 94 9.75 -23.87 -16.84
N ALA A 95 10.18 -25.10 -16.64
CA ALA A 95 11.68 -25.37 -16.76
C ALA A 95 12.07 -25.11 -18.18
N GLY A 96 11.27 -25.56 -19.17
CA GLY A 96 11.58 -25.30 -20.60
C GLY A 96 11.67 -23.80 -20.93
N ARG A 97 10.75 -23.03 -20.37
CA ARG A 97 10.75 -21.59 -20.60
C ARG A 97 11.90 -20.89 -19.88
N VAL A 98 12.25 -21.34 -18.68
CA VAL A 98 13.45 -20.84 -18.01
C VAL A 98 14.71 -21.17 -18.81
N THR A 99 14.81 -22.38 -19.31
CA THR A 99 16.03 -22.79 -20.04
C THR A 99 16.21 -21.90 -21.27
N GLU A 100 15.12 -21.62 -21.96
CA GLU A 100 15.20 -20.73 -23.09
C GLU A 100 15.60 -19.28 -22.63
N ALA A 101 15.09 -18.79 -21.54
CA ALA A 101 15.44 -17.46 -21.06
C ALA A 101 16.83 -17.30 -20.54
N ILE A 102 17.43 -18.29 -19.86
CA ILE A 102 18.85 -18.13 -19.39
C ILE A 102 19.88 -18.67 -20.31
N GLY A 103 19.47 -19.30 -21.36
CA GLY A 103 20.32 -19.78 -22.46
C GLY A 103 20.46 -21.30 -22.38
N ALA A 104 20.15 -22.04 -23.45
CA ALA A 104 20.01 -23.46 -23.37
C ALA A 104 21.33 -24.10 -22.78
N GLY A 105 21.19 -25.01 -21.83
CA GLY A 105 22.36 -25.59 -21.27
C GLY A 105 22.91 -24.91 -20.04
N ASN A 106 22.54 -23.68 -19.76
CA ASN A 106 22.86 -23.10 -18.46
C ASN A 106 21.88 -23.56 -17.41
N LYS A 107 22.27 -23.46 -16.17
CA LYS A 107 21.37 -23.77 -15.10
C LYS A 107 21.23 -22.64 -14.14
N LEU A 108 20.19 -22.75 -13.30
CA LEU A 108 19.96 -21.79 -12.25
C LEU A 108 20.82 -22.08 -11.03
N ASP A 109 21.31 -21.01 -10.40
CA ASP A 109 21.91 -21.09 -9.11
C ASP A 109 20.97 -20.71 -7.97
N GLY A 110 19.88 -20.00 -8.29
CA GLY A 110 18.98 -19.53 -7.28
C GLY A 110 17.56 -19.48 -7.73
N VAL A 111 16.65 -19.70 -6.79
CA VAL A 111 15.21 -19.52 -7.01
C VAL A 111 14.63 -18.80 -5.81
N VAL A 112 13.86 -17.74 -6.07
CA VAL A 112 13.18 -17.01 -4.99
C VAL A 112 11.67 -17.11 -5.18
N HIS A 113 11.03 -17.67 -4.14
CA HIS A 113 9.57 -17.73 -4.02
C HIS A 113 9.15 -16.54 -3.16
N SER A 114 8.45 -15.56 -3.76
CA SER A 114 7.98 -14.37 -2.99
C SER A 114 6.50 -14.18 -3.37
N ILE A 115 5.70 -15.15 -3.01
CA ILE A 115 4.36 -15.32 -3.51
C ILE A 115 3.42 -15.67 -2.34
N GLY A 116 2.29 -14.99 -2.33
CA GLY A 116 1.24 -15.38 -1.36
C GLY A 116 -0.12 -14.85 -1.75
N PHE A 117 -1.17 -15.47 -1.23
CA PHE A 117 -2.53 -15.01 -1.40
C PHE A 117 -3.40 -15.67 -0.32
N MET A 118 -4.38 -14.95 0.14
CA MET A 118 -5.44 -15.47 0.95
C MET A 118 -6.70 -14.68 0.63
N PRO A 119 -7.83 -15.36 0.38
CA PRO A 119 -9.03 -14.58 0.17
C PRO A 119 -9.40 -13.74 1.40
N GLN A 120 -10.11 -12.66 1.19
CA GLN A 120 -10.57 -11.76 2.25
C GLN A 120 -11.28 -12.43 3.40
N THR A 121 -12.03 -13.52 3.15
CA THR A 121 -12.74 -14.17 4.21
C THR A 121 -11.76 -14.77 5.22
N GLY A 122 -10.52 -15.05 4.78
CA GLY A 122 -9.53 -15.58 5.67
C GLY A 122 -8.67 -14.68 6.49
N MET A 123 -8.94 -13.39 6.50
CA MET A 123 -8.05 -12.35 7.06
C MET A 123 -8.83 -11.23 7.70
N GLY A 124 -8.17 -10.40 8.48
CA GLY A 124 -8.75 -9.15 8.92
C GLY A 124 -9.74 -9.34 10.07
N ILE A 125 -10.79 -8.54 10.06
CA ILE A 125 -11.88 -8.64 11.00
C ILE A 125 -12.90 -9.65 10.61
N ASN A 126 -12.82 -10.25 9.46
CA ASN A 126 -13.74 -11.36 9.15
C ASN A 126 -13.55 -12.50 10.14
N PRO A 127 -14.63 -13.00 10.76
CA PRO A 127 -14.43 -14.02 11.81
C PRO A 127 -13.64 -15.24 11.30
N PHE A 128 -12.67 -15.66 12.10
CA PHE A 128 -11.83 -16.78 11.81
C PHE A 128 -12.65 -18.05 11.35
N PHE A 129 -13.73 -18.30 12.07
CA PHE A 129 -14.52 -19.51 11.81
C PHE A 129 -15.41 -19.40 10.56
N ASP A 130 -15.57 -18.20 10.01
CA ASP A 130 -16.44 -18.06 8.84
C ASP A 130 -15.67 -18.21 7.53
N ALA A 131 -14.37 -18.43 7.50
CA ALA A 131 -13.72 -18.64 6.23
C ALA A 131 -14.02 -20.03 5.66
N PRO A 132 -14.66 -20.13 4.52
CA PRO A 132 -14.92 -21.50 3.99
C PRO A 132 -13.64 -22.19 3.55
N TYR A 133 -13.65 -23.51 3.61
CA TYR A 133 -12.40 -24.22 3.31
C TYR A 133 -11.95 -23.99 1.87
N ALA A 134 -12.86 -23.84 0.94
CA ALA A 134 -12.49 -23.53 -0.45
C ALA A 134 -11.60 -22.28 -0.52
N ASP A 135 -11.88 -21.28 0.29
CA ASP A 135 -11.03 -20.09 0.33
C ASP A 135 -9.70 -20.38 1.01
N VAL A 136 -9.73 -21.02 2.16
CA VAL A 136 -8.50 -21.34 2.89
C VAL A 136 -7.58 -22.21 1.98
N SER A 137 -8.18 -23.19 1.27
CA SER A 137 -7.43 -24.12 0.44
C SER A 137 -6.74 -23.37 -0.72
N LYS A 138 -7.44 -22.43 -1.29
CA LYS A 138 -6.84 -21.58 -2.31
C LYS A 138 -5.62 -20.84 -1.79
N GLY A 139 -5.74 -20.27 -0.61
CA GLY A 139 -4.59 -19.60 0.00
C GLY A 139 -3.44 -20.49 0.32
N ILE A 140 -3.72 -21.68 0.80
CA ILE A 140 -2.65 -22.65 1.11
C ILE A 140 -2.01 -23.12 -0.20
N HIS A 141 -2.79 -23.28 -1.25
CA HIS A 141 -2.26 -23.72 -2.54
C HIS A 141 -1.20 -22.66 -2.98
N ILE A 142 -1.58 -21.40 -3.00
CA ILE A 142 -0.70 -20.34 -3.49
C ILE A 142 0.48 -20.07 -2.59
N SER A 143 0.23 -20.09 -1.28
CA SER A 143 1.18 -19.58 -0.33
C SER A 143 2.11 -20.64 0.21
N ALA A 144 1.71 -21.90 0.18
CA ALA A 144 2.52 -23.00 0.80
C ALA A 144 2.84 -24.14 -0.20
N TYR A 145 1.84 -24.74 -0.79
CA TYR A 145 2.09 -25.85 -1.72
C TYR A 145 2.96 -25.43 -2.88
N SER A 146 2.76 -24.22 -3.39
CA SER A 146 3.49 -23.75 -4.58
C SER A 146 5.01 -23.69 -4.32
N TYR A 147 5.46 -23.60 -3.08
CA TYR A 147 6.91 -23.66 -2.79
C TYR A 147 7.45 -24.99 -3.21
N ALA A 148 6.70 -26.07 -2.93
CA ALA A 148 7.05 -27.41 -3.42
C ALA A 148 6.95 -27.52 -4.91
N SER A 149 5.84 -27.04 -5.49
CA SER A 149 5.68 -27.18 -6.96
C SER A 149 6.76 -26.42 -7.75
N MET A 150 7.19 -25.28 -7.26
CA MET A 150 8.27 -24.55 -7.93
C MET A 150 9.59 -25.30 -7.81
N ALA A 151 9.84 -25.81 -6.62
CA ALA A 151 11.07 -26.60 -6.43
C ALA A 151 11.08 -27.85 -7.32
N LYS A 152 9.93 -28.51 -7.41
CA LYS A 152 9.83 -29.65 -8.25
C LYS A 152 10.14 -29.33 -9.72
N ALA A 153 9.60 -28.21 -10.19
CA ALA A 153 9.80 -27.84 -11.57
C ALA A 153 11.27 -27.44 -11.84
N LEU A 154 11.91 -26.76 -10.87
CA LEU A 154 13.19 -26.10 -11.10
C LEU A 154 14.44 -26.88 -10.64
N LEU A 155 14.32 -27.75 -9.63
CA LEU A 155 15.47 -28.52 -9.19
C LEU A 155 16.22 -29.23 -10.29
N PRO A 156 15.51 -29.82 -11.27
CA PRO A 156 16.29 -30.49 -12.36
C PRO A 156 17.16 -29.57 -13.18
N ILE A 157 16.96 -28.26 -13.10
CA ILE A 157 17.82 -27.33 -13.82
C ILE A 157 18.55 -26.39 -12.86
N MET A 158 18.85 -26.86 -11.63
CA MET A 158 19.67 -26.13 -10.68
C MET A 158 21.04 -26.76 -10.52
N ASN A 159 22.05 -25.90 -10.38
CA ASN A 159 23.41 -26.34 -10.14
C ASN A 159 23.60 -26.77 -8.69
N PRO A 160 24.52 -27.72 -8.47
CA PRO A 160 25.00 -27.99 -7.10
C PRO A 160 25.49 -26.69 -6.46
N GLY A 161 25.27 -26.52 -5.16
CA GLY A 161 25.64 -25.31 -4.46
C GLY A 161 24.51 -24.28 -4.55
N GLY A 162 23.42 -24.57 -5.23
CA GLY A 162 22.44 -23.54 -5.45
C GLY A 162 21.52 -23.41 -4.26
N SER A 163 20.54 -22.54 -4.39
CA SER A 163 19.75 -22.06 -3.25
C SER A 163 18.33 -21.69 -3.63
N ILE A 164 17.38 -22.23 -2.89
CA ILE A 164 16.00 -21.85 -3.01
C ILE A 164 15.60 -21.10 -1.72
N VAL A 165 14.95 -19.96 -1.90
CA VAL A 165 14.54 -19.11 -0.80
C VAL A 165 13.08 -18.71 -0.95
N GLY A 166 12.32 -18.83 0.12
CA GLY A 166 10.90 -18.39 0.17
C GLY A 166 10.74 -17.34 1.30
N MET A 167 9.65 -16.60 1.26
CA MET A 167 9.35 -15.57 2.25
C MET A 167 8.31 -16.05 3.24
N ASP A 168 8.60 -15.88 4.55
CA ASP A 168 7.81 -16.29 5.68
C ASP A 168 7.49 -15.06 6.51
N PHE A 169 6.47 -15.19 7.33
CA PHE A 169 6.15 -14.23 8.37
C PHE A 169 5.79 -15.10 9.57
N ASP A 170 6.57 -14.92 10.62
CA ASP A 170 6.62 -15.86 11.73
C ASP A 170 5.22 -16.22 12.28
N PRO A 171 4.83 -17.48 12.10
CA PRO A 171 3.50 -17.91 12.48
C PRO A 171 3.47 -18.75 13.77
N SER A 172 4.56 -18.71 14.54
CA SER A 172 4.72 -19.57 15.70
CA SER A 172 4.70 -19.58 15.69
C SER A 172 3.71 -19.19 16.81
N ARG A 173 3.16 -17.94 16.76
CA ARG A 173 2.16 -17.51 17.71
C ARG A 173 1.02 -16.91 16.91
N ALA A 174 -0.23 -17.08 17.40
CA ALA A 174 -1.33 -16.47 16.75
C ALA A 174 -1.32 -14.97 16.96
N MET A 175 -2.08 -14.25 16.15
CA MET A 175 -2.07 -12.79 16.19
C MET A 175 -3.38 -12.22 15.60
N PRO A 176 -3.66 -10.95 15.84
CA PRO A 176 -4.79 -10.35 15.10
C PRO A 176 -4.64 -10.33 13.63
N ALA A 177 -5.76 -10.52 12.93
CA ALA A 177 -5.92 -10.26 11.48
C ALA A 177 -5.24 -11.20 10.50
N TYR A 178 -4.07 -11.69 10.83
CA TYR A 178 -3.32 -12.52 9.88
C TYR A 178 -4.02 -13.89 9.70
N ASN A 179 -4.73 -14.32 10.75
CA ASN A 179 -5.71 -15.38 10.64
C ASN A 179 -5.25 -16.58 9.83
N TRP A 180 -5.97 -16.91 8.75
CA TRP A 180 -5.66 -18.14 8.01
C TRP A 180 -4.34 -18.02 7.21
N MET A 181 -3.86 -16.78 6.95
CA MET A 181 -2.51 -16.69 6.35
C MET A 181 -1.46 -17.25 7.35
N THR A 182 -1.71 -17.06 8.65
CA THR A 182 -0.82 -17.59 9.65
C THR A 182 -0.70 -19.14 9.49
N VAL A 183 -1.87 -19.76 9.25
CA VAL A 183 -1.94 -21.19 9.06
C VAL A 183 -1.19 -21.59 7.79
N ALA A 184 -1.37 -20.81 6.71
CA ALA A 184 -0.62 -21.07 5.49
C ALA A 184 0.91 -20.98 5.68
N LYS A 185 1.37 -19.99 6.44
CA LYS A 185 2.78 -19.85 6.75
C LYS A 185 3.32 -21.01 7.61
N SER A 186 2.56 -21.48 8.56
CA SER A 186 2.94 -22.68 9.32
C SER A 186 3.10 -23.85 8.35
N ALA A 187 2.16 -24.00 7.40
CA ALA A 187 2.27 -25.04 6.42
C ALA A 187 3.55 -24.84 5.56
N LEU A 188 3.81 -23.63 5.16
CA LEU A 188 4.98 -23.32 4.37
C LEU A 188 6.27 -23.72 5.07
N GLU A 189 6.35 -23.42 6.36
CA GLU A 189 7.54 -23.80 7.13
C GLU A 189 7.78 -25.28 7.05
N SER A 190 6.70 -26.06 7.16
CA SER A 190 6.82 -27.50 7.15
C SER A 190 7.22 -27.96 5.72
N VAL A 191 6.61 -27.35 4.71
CA VAL A 191 6.93 -27.65 3.32
C VAL A 191 8.44 -27.40 3.03
N ASN A 192 8.97 -26.29 3.51
CA ASN A 192 10.38 -25.96 3.37
C ASN A 192 11.30 -27.05 3.89
N ARG A 193 10.95 -27.66 5.00
CA ARG A 193 11.80 -28.70 5.58
C ARG A 193 11.81 -29.95 4.69
N PHE A 194 10.68 -30.26 4.05
CA PHE A 194 10.63 -31.36 3.09
C PHE A 194 11.32 -31.03 1.75
N VAL A 195 11.17 -29.80 1.29
CA VAL A 195 11.83 -29.35 0.08
C VAL A 195 13.33 -29.47 0.27
N ALA A 196 13.79 -29.14 1.48
CA ALA A 196 15.20 -29.31 1.79
C ALA A 196 15.69 -30.75 1.66
N ARG A 197 14.90 -31.70 2.07
CA ARG A 197 15.26 -33.09 1.89
C ARG A 197 15.39 -33.45 0.39
N GLU A 198 14.47 -32.96 -0.44
CA GLU A 198 14.59 -33.26 -1.90
C GLU A 198 15.73 -32.51 -2.52
N ALA A 199 15.86 -31.24 -2.16
CA ALA A 199 16.89 -30.40 -2.72
C ALA A 199 18.32 -30.85 -2.38
N GLY A 200 18.47 -31.46 -1.24
CA GLY A 200 19.76 -31.92 -0.83
C GLY A 200 20.32 -32.98 -1.77
N LYS A 201 19.48 -33.76 -2.44
CA LYS A 201 19.97 -34.76 -3.42
C LYS A 201 20.63 -34.09 -4.61
N TYR A 202 20.33 -32.81 -4.88
CA TYR A 202 20.93 -32.02 -5.92
C TYR A 202 22.05 -31.12 -5.44
N GLY A 203 22.44 -31.21 -4.17
CA GLY A 203 23.39 -30.24 -3.60
C GLY A 203 22.80 -28.84 -3.46
N VAL A 204 21.46 -28.75 -3.32
CA VAL A 204 20.81 -27.44 -3.22
C VAL A 204 20.19 -27.26 -1.82
N ARG A 205 20.30 -26.04 -1.35
CA ARG A 205 19.70 -25.59 -0.09
C ARG A 205 18.32 -25.03 -0.29
N SER A 206 17.50 -25.14 0.74
CA SER A 206 16.14 -24.51 0.77
C SER A 206 15.97 -23.89 2.11
N ASN A 207 15.62 -22.61 2.14
CA ASN A 207 15.42 -21.86 3.36
C ASN A 207 14.33 -20.81 3.18
N LEU A 208 13.76 -20.39 4.29
CA LEU A 208 12.86 -19.23 4.31
C LEU A 208 13.51 -18.06 5.01
N VAL A 209 13.14 -16.85 4.57
CA VAL A 209 13.43 -15.66 5.29
C VAL A 209 12.13 -15.19 5.95
N ALA A 210 12.13 -15.13 7.26
CA ALA A 210 10.99 -14.59 8.01
C ALA A 210 11.25 -13.12 8.19
N ALA A 211 10.54 -12.32 7.41
CA ALA A 211 10.80 -10.88 7.39
C ALA A 211 9.89 -10.18 8.40
N GLY A 212 10.39 -9.08 8.90
CA GLY A 212 9.51 -8.14 9.53
C GLY A 212 8.55 -7.45 8.53
N PRO A 213 7.58 -6.69 9.03
CA PRO A 213 6.57 -6.14 8.16
C PRO A 213 7.14 -5.03 7.21
N ILE A 214 6.72 -5.12 5.95
CA ILE A 214 7.17 -4.18 4.92
C ILE A 214 5.88 -3.69 4.20
N ARG A 215 5.83 -2.40 3.95
CA ARG A 215 4.65 -1.84 3.33
C ARG A 215 4.63 -2.27 1.81
N THR A 216 3.80 -3.24 1.50
CA THR A 216 3.63 -3.77 0.17
C THR A 216 2.16 -3.74 -0.24
N LEU A 217 1.90 -4.04 -1.51
CA LEU A 217 0.54 -4.10 -1.99
C LEU A 217 -0.26 -5.12 -1.15
N ALA A 218 0.30 -6.28 -0.87
CA ALA A 218 -0.42 -7.27 -0.07
C ALA A 218 -0.71 -6.76 1.35
N MET A 219 0.23 -6.06 1.96
CA MET A 219 -0.02 -5.51 3.29
CA MET A 219 -0.02 -5.51 3.29
C MET A 219 -1.27 -4.62 3.25
N SER A 220 -1.35 -3.73 2.30
CA SER A 220 -2.38 -2.74 2.29
C SER A 220 -3.73 -3.34 1.91
N ALA A 221 -3.67 -3.95 0.73
CA ALA A 221 -4.92 -4.37 -0.02
C ALA A 221 -5.48 -5.66 0.54
N ILE A 222 -4.64 -6.58 0.88
CA ILE A 222 -5.20 -7.85 1.37
C ILE A 222 -5.40 -7.65 2.87
N VAL A 223 -4.36 -7.36 3.67
CA VAL A 223 -4.49 -7.46 5.12
C VAL A 223 -5.33 -6.20 5.60
N GLY A 224 -4.86 -5.04 5.17
CA GLY A 224 -5.46 -3.75 5.47
C GLY A 224 -6.92 -3.60 4.94
N GLY A 225 -7.15 -4.07 3.74
CA GLY A 225 -8.51 -4.24 3.17
C GLY A 225 -9.41 -5.08 4.12
N ALA A 226 -8.89 -6.19 4.56
CA ALA A 226 -9.74 -7.15 5.33
C ALA A 226 -10.03 -6.61 6.73
N LEU A 227 -9.15 -5.70 7.21
CA LEU A 227 -9.38 -4.94 8.39
C LEU A 227 -10.51 -3.86 8.33
N GLY A 228 -10.87 -3.39 7.10
CA GLY A 228 -11.81 -2.33 6.95
C GLY A 228 -11.42 -1.15 7.85
N GLU A 229 -12.35 -0.74 8.73
CA GLU A 229 -12.12 0.41 9.59
C GLU A 229 -11.06 0.23 10.66
N GLU A 230 -10.38 -0.91 10.78
CA GLU A 230 -9.29 -1.05 11.71
C GLU A 230 -7.87 -0.79 11.12
N ALA A 231 -7.77 -0.33 9.88
CA ALA A 231 -6.42 -0.28 9.30
C ALA A 231 -5.48 0.78 9.99
N GLY A 232 -5.99 1.83 10.68
CA GLY A 232 -5.14 2.74 11.52
C GLY A 232 -4.37 1.92 12.62
N ALA A 233 -5.15 1.03 13.26
CA ALA A 233 -4.65 0.05 14.21
C ALA A 233 -3.65 -0.89 13.64
N GLN A 234 -3.68 -1.25 12.38
CA GLN A 234 -2.67 -2.06 11.76
C GLN A 234 -1.27 -1.50 11.93
N ILE A 235 -1.04 -0.26 11.64
CA ILE A 235 0.23 0.31 11.81
C ILE A 235 0.74 0.26 13.23
N GLN A 236 -0.12 0.60 14.15
CA GLN A 236 0.26 0.58 15.57
C GLN A 236 0.63 -0.84 16.03
N LEU A 237 -0.17 -1.84 15.65
CA LEU A 237 0.10 -3.27 15.98
C LEU A 237 1.50 -3.67 15.40
N LEU A 238 1.76 -3.25 14.18
CA LEU A 238 3.03 -3.61 13.58
C LEU A 238 4.23 -2.90 14.30
N GLU A 239 4.05 -1.68 14.66
CA GLU A 239 5.07 -0.93 15.46
C GLU A 239 5.29 -1.60 16.87
N GLU A 240 4.25 -2.07 17.49
CA GLU A 240 4.38 -2.78 18.75
C GLU A 240 5.07 -4.13 18.62
N GLY A 241 4.70 -4.89 17.60
CA GLY A 241 5.24 -6.19 17.39
C GLY A 241 6.75 -6.23 16.91
N TRP A 242 7.17 -5.15 16.17
CA TRP A 242 8.40 -5.11 15.51
C TRP A 242 9.29 -3.95 16.04
N ASP A 243 9.10 -2.75 15.58
CA ASP A 243 10.04 -1.69 15.89
C ASP A 243 10.33 -1.54 17.39
N GLN A 244 9.29 -1.59 18.21
CA GLN A 244 9.46 -1.47 19.66
C GLN A 244 10.27 -2.67 20.28
N ARG A 245 10.17 -3.85 19.73
CA ARG A 245 10.81 -5.02 20.29
C ARG A 245 12.19 -5.23 19.68
N ALA A 246 12.41 -4.77 18.46
CA ALA A 246 13.68 -5.00 17.72
C ALA A 246 14.82 -4.21 18.38
N PRO A 247 15.91 -4.92 18.81
CA PRO A 247 17.01 -4.13 19.42
C PRO A 247 17.65 -3.17 18.46
N ILE A 248 17.56 -3.43 17.15
CA ILE A 248 18.15 -2.51 16.20
C ILE A 248 17.10 -1.73 15.49
N GLY A 249 15.84 -1.75 15.95
CA GLY A 249 14.76 -1.04 15.26
C GLY A 249 14.30 -1.76 14.00
N TRP A 250 13.22 -1.24 13.47
CA TRP A 250 12.60 -1.80 12.26
C TRP A 250 11.87 -0.71 11.53
N ASN A 251 12.14 -0.55 10.25
CA ASN A 251 11.50 0.47 9.42
C ASN A 251 10.75 -0.29 8.29
N MET A 252 9.47 -0.24 8.36
CA MET A 252 8.58 -0.95 7.42
C MET A 252 8.62 -0.35 6.02
N LYS A 253 9.19 0.84 5.83
CA LYS A 253 9.28 1.44 4.50
C LYS A 253 10.59 1.04 3.84
N ASP A 254 11.45 0.27 4.48
CA ASP A 254 12.76 -0.03 3.92
C ASP A 254 12.90 -1.55 3.77
N ALA A 255 12.72 -2.01 2.52
CA ALA A 255 12.84 -3.42 2.17
C ALA A 255 14.28 -3.90 2.01
N THR A 256 15.23 -3.00 1.96
CA THR A 256 16.62 -3.38 1.67
C THR A 256 17.19 -4.45 2.61
N PRO A 257 17.00 -4.33 3.92
CA PRO A 257 17.56 -5.31 4.85
C PRO A 257 17.01 -6.74 4.60
N VAL A 258 15.76 -6.82 4.19
CA VAL A 258 15.15 -8.12 3.84
C VAL A 258 15.78 -8.64 2.54
N ALA A 259 15.89 -7.78 1.55
CA ALA A 259 16.48 -8.14 0.26
C ALA A 259 17.92 -8.61 0.42
N LYS A 260 18.68 -7.91 1.24
CA LYS A 260 20.06 -8.31 1.53
C LYS A 260 20.13 -9.67 2.13
N THR A 261 19.25 -9.95 3.08
CA THR A 261 19.24 -11.24 3.73
C THR A 261 18.93 -12.37 2.73
N VAL A 262 17.96 -12.15 1.82
CA VAL A 262 17.68 -13.16 0.82
C VAL A 262 18.96 -13.40 -0.06
N CYS A 263 19.65 -12.30 -0.44
CA CYS A 263 20.85 -12.36 -1.22
C CYS A 263 21.96 -13.15 -0.46
N ALA A 264 22.03 -12.98 0.87
CA ALA A 264 23.00 -13.72 1.66
C ALA A 264 22.75 -15.27 1.51
N LEU A 265 21.47 -15.65 1.56
CA LEU A 265 21.08 -17.04 1.38
C LEU A 265 21.35 -17.54 -0.04
N LEU A 266 21.18 -16.68 -1.02
CA LEU A 266 21.45 -17.05 -2.42
C LEU A 266 22.98 -17.19 -2.70
N SER A 267 23.81 -16.57 -1.86
CA SER A 267 25.22 -16.55 -2.05
C SER A 267 25.84 -17.87 -1.58
N ASP A 268 27.14 -17.91 -1.63
CA ASP A 268 27.91 -19.02 -1.13
C ASP A 268 28.26 -18.86 0.35
N TRP A 269 27.67 -17.85 1.05
CA TRP A 269 28.13 -17.49 2.41
C TRP A 269 27.32 -18.09 3.56
N LEU A 270 26.26 -18.84 3.22
CA LEU A 270 25.57 -19.63 4.18
C LEU A 270 25.47 -21.07 3.70
N PRO A 271 26.62 -21.71 3.53
CA PRO A 271 26.63 -22.97 2.75
C PRO A 271 26.17 -24.19 3.57
N ALA A 272 26.01 -24.01 4.87
CA ALA A 272 25.62 -25.15 5.70
C ALA A 272 24.25 -24.97 6.38
N THR A 273 23.40 -24.14 5.78
CA THR A 273 22.11 -23.84 6.33
C THR A 273 21.07 -24.31 5.33
N THR A 274 20.20 -25.23 5.74
CA THR A 274 19.11 -25.70 4.89
C THR A 274 17.96 -26.22 5.75
N GLY A 275 16.81 -26.27 5.15
CA GLY A 275 15.57 -26.59 5.84
C GLY A 275 15.16 -25.60 6.93
N ASP A 276 15.72 -24.39 6.85
CA ASP A 276 15.78 -23.52 7.97
C ASP A 276 15.09 -22.19 7.69
N ILE A 277 15.10 -21.32 8.70
CA ILE A 277 14.42 -20.04 8.69
C ILE A 277 15.39 -19.00 9.23
N ILE A 278 15.68 -17.94 8.45
CA ILE A 278 16.51 -16.86 8.93
C ILE A 278 15.55 -15.68 9.09
N TYR A 279 15.67 -15.03 10.25
CA TYR A 279 14.77 -13.98 10.67
C TYR A 279 15.40 -12.64 10.35
N ALA A 280 14.79 -11.91 9.43
CA ALA A 280 15.20 -10.56 9.06
C ALA A 280 14.15 -9.58 9.53
N ASP A 281 14.16 -9.35 10.86
CA ASP A 281 13.08 -8.68 11.56
C ASP A 281 13.54 -7.76 12.64
N GLY A 282 14.82 -7.35 12.55
CA GLY A 282 15.41 -6.44 13.53
C GLY A 282 15.67 -7.10 14.88
N GLY A 283 15.54 -8.43 14.92
CA GLY A 283 15.61 -9.18 16.15
C GLY A 283 14.34 -9.17 16.98
N ALA A 284 13.23 -8.66 16.41
CA ALA A 284 12.03 -8.58 17.19
C ALA A 284 11.57 -9.91 17.82
N HIS A 285 11.69 -11.00 17.08
CA HIS A 285 11.17 -12.29 17.53
C HIS A 285 12.05 -12.84 18.71
N THR A 286 13.18 -12.20 19.02
CA THR A 286 14.04 -12.64 20.12
C THR A 286 13.74 -11.93 21.45
N GLN A 287 12.79 -10.99 21.41
CA GLN A 287 12.47 -10.15 22.52
C GLN A 287 10.96 -10.22 22.81
N LEU A 288 10.61 -10.37 24.07
CA LEU A 288 9.24 -10.60 24.44
C LEU A 288 8.44 -9.28 24.43
N LEU A 289 9.07 -8.26 24.94
CA LEU A 289 8.62 -6.91 25.08
C LEU A 289 9.92 -6.08 25.00
N THR B 22 -11.59 -42.32 42.19
CA THR B 22 -11.08 -41.19 41.34
C THR B 22 -12.25 -40.23 40.91
N GLY B 23 -12.90 -40.43 39.75
CA GLY B 23 -13.69 -39.49 39.15
C GLY B 23 -13.09 -38.22 38.62
N LEU B 24 -12.01 -38.20 37.84
CA LEU B 24 -11.46 -36.98 37.31
C LEU B 24 -12.45 -36.14 36.50
N LEU B 25 -13.33 -36.80 35.77
CA LEU B 25 -14.26 -36.11 34.90
C LEU B 25 -15.72 -36.29 35.35
N ASP B 26 -15.92 -36.50 36.64
CA ASP B 26 -17.25 -36.73 37.18
C ASP B 26 -18.21 -35.62 36.79
N GLY B 27 -19.32 -35.99 36.19
CA GLY B 27 -20.34 -35.02 35.85
C GLY B 27 -20.05 -34.28 34.55
N LYS B 28 -18.98 -34.54 33.85
CA LYS B 28 -18.71 -33.81 32.62
C LYS B 28 -19.32 -34.51 31.44
N ARG B 29 -19.82 -33.75 30.48
CA ARG B 29 -20.35 -34.24 29.22
C ARG B 29 -19.31 -33.92 28.15
N ILE B 30 -18.83 -34.95 27.48
CA ILE B 30 -17.72 -34.86 26.57
C ILE B 30 -18.07 -35.55 25.24
N LEU B 31 -17.82 -34.86 24.13
CA LEU B 31 -17.92 -35.42 22.81
C LEU B 31 -16.58 -35.98 22.39
N VAL B 32 -16.57 -37.20 21.87
CA VAL B 32 -15.36 -37.84 21.38
C VAL B 32 -15.56 -38.32 19.95
N SER B 33 -14.78 -37.73 19.02
CA SER B 33 -14.76 -38.15 17.65
C SER B 33 -13.64 -39.11 17.41
N GLY B 34 -13.64 -39.79 16.25
CA GLY B 34 -12.47 -40.53 15.80
C GLY B 34 -12.33 -42.02 16.12
N ILE B 35 -13.34 -42.63 16.70
CA ILE B 35 -13.30 -44.10 16.86
C ILE B 35 -13.60 -44.79 15.54
N ILE B 36 -12.69 -45.67 15.13
CA ILE B 36 -13.00 -46.61 14.06
C ILE B 36 -12.72 -48.06 14.47
N THR B 37 -11.66 -48.33 15.25
CA THR B 37 -11.47 -49.67 15.80
C THR B 37 -11.17 -49.54 17.27
N ASP B 38 -11.05 -50.66 17.97
CA ASP B 38 -10.65 -50.59 19.36
C ASP B 38 -9.15 -50.34 19.61
N SER B 39 -8.35 -50.14 18.55
CA SER B 39 -7.00 -49.60 18.66
C SER B 39 -6.98 -48.07 18.52
N SER B 40 -8.07 -47.47 18.07
CA SER B 40 -8.09 -46.04 17.86
C SER B 40 -7.73 -45.28 19.13
N ILE B 41 -6.91 -44.24 19.00
CA ILE B 41 -6.62 -43.41 20.15
C ILE B 41 -7.92 -42.94 20.82
N ALA B 42 -8.88 -42.55 20.01
CA ALA B 42 -10.18 -42.09 20.50
C ALA B 42 -10.93 -43.14 21.31
N PHE B 43 -10.77 -44.42 20.95
CA PHE B 43 -11.41 -45.47 21.74
C PHE B 43 -10.87 -45.44 23.18
N HIS B 44 -9.57 -45.35 23.31
CA HIS B 44 -8.96 -45.33 24.61
C HIS B 44 -9.23 -44.03 25.37
N ILE B 45 -9.32 -42.91 24.65
CA ILE B 45 -9.73 -41.66 25.27
C ILE B 45 -11.14 -41.83 25.88
N ALA B 46 -12.03 -42.39 25.08
CA ALA B 46 -13.36 -42.63 25.55
C ALA B 46 -13.45 -43.60 26.75
N ARG B 47 -12.70 -44.68 26.66
CA ARG B 47 -12.66 -45.67 27.74
C ARG B 47 -12.23 -45.00 29.07
N VAL B 48 -11.09 -44.31 29.01
CA VAL B 48 -10.56 -43.70 30.22
C VAL B 48 -11.53 -42.63 30.75
N ALA B 49 -12.11 -41.86 29.85
CA ALA B 49 -13.02 -40.81 30.26
C ALA B 49 -14.24 -41.40 30.98
N GLN B 50 -14.77 -42.51 30.46
CA GLN B 50 -15.90 -43.16 31.14
C GLN B 50 -15.45 -43.75 32.45
N GLU B 51 -14.25 -44.35 32.52
CA GLU B 51 -13.78 -44.84 33.82
C GLU B 51 -13.74 -43.72 34.82
N GLN B 52 -13.52 -42.46 34.38
CA GLN B 52 -13.37 -41.32 35.26
C GLN B 52 -14.66 -40.53 35.44
N GLY B 53 -15.79 -41.15 35.03
CA GLY B 53 -17.10 -40.61 35.32
C GLY B 53 -17.69 -39.68 34.28
N ALA B 54 -17.08 -39.54 33.11
CA ALA B 54 -17.65 -38.65 32.08
C ALA B 54 -18.86 -39.32 31.45
N GLN B 55 -19.83 -38.55 30.99
CA GLN B 55 -20.92 -39.00 30.10
C GLN B 55 -20.55 -38.59 28.68
N LEU B 56 -20.45 -39.54 27.77
CA LEU B 56 -19.98 -39.30 26.43
C LEU B 56 -21.06 -39.18 25.37
N VAL B 57 -20.75 -38.43 24.32
CA VAL B 57 -21.43 -38.47 23.03
C VAL B 57 -20.30 -38.82 22.09
N LEU B 58 -20.52 -39.80 21.24
CA LEU B 58 -19.50 -40.24 20.28
C LEU B 58 -19.90 -39.82 18.85
N THR B 59 -18.89 -39.52 18.02
CA THR B 59 -19.13 -39.31 16.59
C THR B 59 -18.24 -40.24 15.80
N GLY B 60 -18.83 -40.68 14.69
CA GLY B 60 -18.18 -41.60 13.80
C GLY B 60 -18.41 -41.23 12.35
N PHE B 61 -17.44 -41.65 11.51
CA PHE B 61 -17.45 -41.31 10.09
C PHE B 61 -17.65 -42.56 9.25
N ASP B 62 -18.63 -42.50 8.39
CA ASP B 62 -18.80 -43.40 7.29
C ASP B 62 -19.24 -44.83 7.64
N ARG B 63 -18.55 -45.57 8.49
CA ARG B 63 -18.84 -47.00 8.75
C ARG B 63 -19.57 -47.13 10.10
N LEU B 64 -20.72 -46.51 10.18
CA LEU B 64 -21.38 -46.35 11.46
C LEU B 64 -21.87 -47.69 12.08
N ARG B 65 -22.18 -48.73 11.28
CA ARG B 65 -22.52 -49.99 11.87
C ARG B 65 -21.31 -50.66 12.47
N LEU B 66 -20.17 -50.62 11.78
CA LEU B 66 -18.96 -51.18 12.38
C LEU B 66 -18.64 -50.42 13.69
N ILE B 67 -18.76 -49.10 13.63
CA ILE B 67 -18.34 -48.26 14.75
C ILE B 67 -19.22 -48.58 15.97
N GLN B 68 -20.51 -48.76 15.75
CA GLN B 68 -21.42 -49.16 16.79
C GLN B 68 -20.99 -50.49 17.46
N ARG B 69 -20.60 -51.51 16.70
CA ARG B 69 -20.07 -52.78 17.30
C ARG B 69 -18.83 -52.50 18.13
N ILE B 70 -17.95 -51.58 17.65
CA ILE B 70 -16.77 -51.27 18.38
C ILE B 70 -17.08 -50.53 19.70
N THR B 71 -17.99 -49.57 19.67
CA THR B 71 -18.29 -48.76 20.82
C THR B 71 -19.10 -49.54 21.84
N ASP B 72 -19.72 -50.63 21.44
CA ASP B 72 -20.27 -51.55 22.42
C ASP B 72 -19.22 -52.14 23.34
N ARG B 73 -17.94 -52.13 22.97
CA ARG B 73 -16.93 -52.66 23.86
C ARG B 73 -16.49 -51.63 24.90
N LEU B 74 -16.93 -50.37 24.83
CA LEU B 74 -16.58 -49.37 25.84
C LEU B 74 -17.24 -49.76 27.14
N PRO B 75 -16.73 -49.24 28.25
CA PRO B 75 -17.39 -49.66 29.47
C PRO B 75 -18.80 -49.15 29.65
N ALA B 76 -19.25 -48.10 29.00
CA ALA B 76 -20.66 -47.69 29.16
C ALA B 76 -21.25 -47.30 27.81
N LYS B 77 -22.59 -47.28 27.73
CA LYS B 77 -23.26 -46.92 26.46
C LYS B 77 -23.09 -45.50 26.26
N ALA B 78 -23.00 -45.08 25.01
CA ALA B 78 -22.99 -43.68 24.72
C ALA B 78 -23.67 -43.54 23.42
N PRO B 79 -24.41 -42.48 23.22
CA PRO B 79 -24.96 -42.31 21.89
C PRO B 79 -23.92 -42.04 20.81
N LEU B 80 -24.17 -42.54 19.59
CA LEU B 80 -23.23 -42.37 18.47
C LEU B 80 -23.88 -41.56 17.41
N LEU B 81 -23.26 -40.47 16.98
CA LEU B 81 -23.82 -39.61 15.94
C LEU B 81 -22.88 -39.67 14.74
N GLU B 82 -23.46 -39.45 13.57
CA GLU B 82 -22.65 -39.44 12.37
C GLU B 82 -22.01 -38.07 12.15
N LEU B 83 -20.73 -38.06 11.83
CA LEU B 83 -20.07 -36.83 11.44
C LEU B 83 -18.92 -37.07 10.48
N ASP B 84 -19.07 -36.57 9.28
CA ASP B 84 -18.05 -36.51 8.27
C ASP B 84 -17.70 -35.01 8.29
N VAL B 85 -16.49 -34.68 8.67
CA VAL B 85 -16.12 -33.26 8.80
C VAL B 85 -16.02 -32.53 7.48
N GLN B 86 -16.03 -33.23 6.32
CA GLN B 86 -16.19 -32.54 5.01
C GLN B 86 -17.62 -32.22 4.65
N ASN B 87 -18.57 -32.69 5.43
CA ASN B 87 -19.97 -32.49 5.08
C ASN B 87 -20.58 -31.30 5.83
N GLU B 88 -20.87 -30.24 5.10
CA GLU B 88 -21.46 -29.04 5.68
C GLU B 88 -22.74 -29.26 6.43
N GLU B 89 -23.58 -30.15 5.92
CA GLU B 89 -24.85 -30.40 6.59
C GLU B 89 -24.63 -31.08 7.90
N HIS B 90 -23.70 -32.03 7.95
CA HIS B 90 -23.38 -32.68 9.23
C HIS B 90 -22.92 -31.66 10.30
N LEU B 91 -22.04 -30.74 9.90
CA LEU B 91 -21.53 -29.69 10.81
C LEU B 91 -22.63 -28.74 11.22
N ALA B 92 -23.50 -28.36 10.31
CA ALA B 92 -24.54 -27.42 10.63
C ALA B 92 -25.58 -28.01 11.56
N SER B 93 -25.77 -29.34 11.56
CA SER B 93 -26.85 -29.99 12.37
C SER B 93 -26.21 -30.55 13.64
N LEU B 94 -24.89 -30.58 13.75
CA LEU B 94 -24.24 -31.29 14.86
C LEU B 94 -24.65 -30.83 16.25
N ALA B 95 -24.69 -29.53 16.47
CA ALA B 95 -25.05 -29.00 17.83
C ALA B 95 -26.43 -29.45 18.21
N GLY B 96 -27.37 -29.32 17.28
CA GLY B 96 -28.78 -29.76 17.50
C GLY B 96 -28.88 -31.25 17.82
N ARG B 97 -28.11 -32.06 17.10
CA ARG B 97 -28.12 -33.51 17.33
C ARG B 97 -27.44 -33.88 18.66
N VAL B 98 -26.37 -33.17 19.03
CA VAL B 98 -25.76 -33.36 20.35
C VAL B 98 -26.75 -32.97 21.46
N THR B 99 -27.43 -31.85 21.28
CA THR B 99 -28.31 -31.34 22.33
C THR B 99 -29.44 -32.34 22.55
N GLU B 100 -29.98 -32.89 21.46
CA GLU B 100 -30.97 -33.91 21.59
C GLU B 100 -30.45 -35.16 22.28
N ALA B 101 -29.21 -35.60 22.03
CA ALA B 101 -28.67 -36.72 22.76
C ALA B 101 -28.43 -36.45 24.24
N ILE B 102 -27.90 -35.28 24.64
CA ILE B 102 -27.61 -35.03 26.07
C ILE B 102 -28.72 -34.38 26.82
N GLY B 103 -29.72 -33.91 26.13
CA GLY B 103 -30.92 -33.36 26.80
C GLY B 103 -30.92 -31.84 26.71
N ALA B 104 -32.06 -31.27 26.37
CA ALA B 104 -32.22 -29.83 26.23
C ALA B 104 -31.81 -29.16 27.55
N GLY B 105 -31.12 -28.05 27.49
CA GLY B 105 -30.68 -27.39 28.72
C GLY B 105 -29.31 -27.87 29.20
N ASN B 106 -28.76 -28.93 28.65
CA ASN B 106 -27.42 -29.37 29.04
C ASN B 106 -26.46 -29.01 27.96
N LYS B 107 -25.22 -28.78 28.34
CA LYS B 107 -24.18 -28.47 27.42
C LYS B 107 -23.01 -29.40 27.59
N LEU B 108 -22.07 -29.30 26.64
CA LEU B 108 -20.84 -30.05 26.70
C LEU B 108 -19.81 -29.33 27.54
N ASP B 109 -19.01 -30.10 28.25
CA ASP B 109 -17.82 -29.61 28.92
C ASP B 109 -16.54 -29.93 28.17
N GLY B 110 -16.60 -30.87 27.26
CA GLY B 110 -15.40 -31.28 26.54
C GLY B 110 -15.70 -31.70 25.12
N VAL B 111 -14.72 -31.48 24.23
CA VAL B 111 -14.74 -31.95 22.85
C VAL B 111 -13.38 -32.53 22.52
N VAL B 112 -13.34 -33.74 21.96
CA VAL B 112 -12.10 -34.35 21.52
C VAL B 112 -12.14 -34.56 20.00
N HIS B 113 -11.17 -33.94 19.33
CA HIS B 113 -10.91 -34.12 17.89
C HIS B 113 -9.81 -35.16 17.79
N SER B 114 -10.13 -36.36 17.27
CA SER B 114 -9.10 -37.40 17.09
C SER B 114 -9.31 -37.98 15.69
N ILE B 115 -9.05 -37.12 14.73
CA ILE B 115 -9.44 -37.34 13.33
C ILE B 115 -8.26 -36.92 12.45
N GLY B 116 -8.03 -37.74 11.43
CA GLY B 116 -7.04 -37.39 10.39
C GLY B 116 -7.21 -38.22 9.15
N PHE B 117 -6.68 -37.73 8.02
CA PHE B 117 -6.68 -38.45 6.77
C PHE B 117 -5.70 -37.77 5.84
N MET B 118 -5.04 -38.58 5.04
CA MET B 118 -4.21 -38.11 3.94
C MET B 118 -4.28 -39.17 2.86
N PRO B 119 -4.52 -38.78 1.61
CA PRO B 119 -4.49 -39.80 0.57
C PRO B 119 -3.06 -40.43 0.49
N GLN B 120 -3.03 -41.65 -0.02
CA GLN B 120 -1.80 -42.42 -0.21
C GLN B 120 -0.71 -41.69 -0.99
N THR B 121 -1.07 -40.80 -1.91
CA THR B 121 -0.06 -40.07 -2.67
C THR B 121 0.74 -39.14 -1.76
N GLY B 122 0.16 -38.77 -0.63
CA GLY B 122 0.80 -37.82 0.26
C GLY B 122 1.68 -38.37 1.37
N MET B 123 1.93 -39.67 1.36
CA MET B 123 2.58 -40.38 2.47
C MET B 123 3.42 -41.57 1.95
N GLY B 124 4.34 -42.05 2.80
CA GLY B 124 5.02 -43.26 2.51
C GLY B 124 6.16 -43.12 1.53
N ILE B 125 6.33 -44.09 0.60
CA ILE B 125 7.43 -43.95 -0.34
C ILE B 125 7.05 -43.12 -1.57
N ASN B 126 5.80 -42.74 -1.70
CA ASN B 126 5.47 -41.92 -2.85
C ASN B 126 6.25 -40.56 -2.78
N PRO B 127 6.88 -40.16 -3.88
CA PRO B 127 7.69 -38.93 -3.79
C PRO B 127 6.88 -37.71 -3.31
N PHE B 128 7.46 -36.97 -2.39
CA PHE B 128 6.83 -35.79 -1.83
C PHE B 128 6.28 -34.85 -2.91
N PHE B 129 7.06 -34.63 -3.97
CA PHE B 129 6.69 -33.70 -5.01
C PHE B 129 5.59 -34.23 -5.94
N ASP B 130 5.27 -35.52 -5.88
CA ASP B 130 4.25 -36.05 -6.77
C ASP B 130 2.85 -36.02 -6.16
N ALA B 131 2.65 -35.55 -4.95
CA ALA B 131 1.28 -35.55 -4.42
C ALA B 131 0.51 -34.36 -5.06
N PRO B 132 -0.56 -34.61 -5.78
CA PRO B 132 -1.30 -33.45 -6.32
C PRO B 132 -1.97 -32.62 -5.25
N TYR B 133 -2.15 -31.34 -5.51
CA TYR B 133 -2.71 -30.49 -4.49
C TYR B 133 -4.15 -30.93 -4.08
N ALA B 134 -4.92 -31.46 -5.03
CA ALA B 134 -6.29 -31.91 -4.66
C ALA B 134 -6.22 -32.96 -3.54
N ASP B 135 -5.19 -33.81 -3.56
CA ASP B 135 -5.04 -34.79 -2.48
C ASP B 135 -4.58 -34.15 -1.20
N VAL B 136 -3.56 -33.30 -1.28
CA VAL B 136 -3.02 -32.63 -0.09
C VAL B 136 -4.17 -31.81 0.57
N SER B 137 -4.97 -31.11 -0.26
CA SER B 137 -6.05 -30.23 0.23
C SER B 137 -7.10 -31.07 0.99
N LYS B 138 -7.42 -32.22 0.47
CA LYS B 138 -8.33 -33.12 1.15
C LYS B 138 -7.81 -33.50 2.53
N GLY B 139 -6.54 -33.85 2.59
CA GLY B 139 -5.94 -34.16 3.86
C GLY B 139 -5.90 -33.02 4.85
N ILE B 140 -5.59 -31.84 4.37
CA ILE B 140 -5.57 -30.65 5.23
C ILE B 140 -7.00 -30.33 5.71
N HIS B 141 -7.99 -30.53 4.85
CA HIS B 141 -9.37 -30.26 5.20
C HIS B 141 -9.72 -31.15 6.43
N ILE B 142 -9.50 -32.44 6.31
CA ILE B 142 -9.88 -33.40 7.35
C ILE B 142 -9.03 -33.27 8.60
N SER B 143 -7.73 -33.05 8.43
CA SER B 143 -6.80 -33.15 9.50
C SER B 143 -6.55 -31.87 10.25
N ALA B 144 -6.76 -30.74 9.62
CA ALA B 144 -6.47 -29.42 10.23
C ALA B 144 -7.66 -28.46 10.22
N TYR B 145 -8.24 -28.16 9.07
CA TYR B 145 -9.36 -27.24 9.06
C TYR B 145 -10.53 -27.70 9.94
N SER B 146 -10.78 -29.01 9.96
CA SER B 146 -11.87 -29.56 10.73
C SER B 146 -11.78 -29.29 12.22
N TYR B 147 -10.57 -29.05 12.75
CA TYR B 147 -10.43 -28.68 14.16
C TYR B 147 -11.19 -27.34 14.41
N ALA B 148 -11.05 -26.41 13.49
CA ALA B 148 -11.81 -25.17 13.53
C ALA B 148 -13.28 -25.37 13.28
N SER B 149 -13.64 -26.16 12.25
CA SER B 149 -15.05 -26.38 11.96
C SER B 149 -15.80 -27.05 13.15
N MET B 150 -15.16 -27.98 13.82
CA MET B 150 -15.78 -28.60 15.00
C MET B 150 -15.95 -27.61 16.14
N ALA B 151 -14.92 -26.80 16.35
CA ALA B 151 -15.03 -25.79 17.39
C ALA B 151 -16.16 -24.79 17.09
N LYS B 152 -16.25 -24.40 15.84
CA LYS B 152 -17.31 -23.53 15.46
C LYS B 152 -18.70 -24.11 15.73
N ALA B 153 -18.86 -25.38 15.39
CA ALA B 153 -20.17 -26.04 15.55
C ALA B 153 -20.50 -26.22 17.05
N LEU B 154 -19.50 -26.52 17.90
CA LEU B 154 -19.73 -26.92 19.24
C LEU B 154 -19.57 -25.86 20.34
N LEU B 155 -18.78 -24.82 20.10
CA LEU B 155 -18.63 -23.78 21.14
C LEU B 155 -19.96 -23.20 21.60
N PRO B 156 -20.94 -23.02 20.69
CA PRO B 156 -22.22 -22.48 21.20
C PRO B 156 -22.96 -23.38 22.16
N ILE B 157 -22.59 -24.66 22.27
CA ILE B 157 -23.18 -25.53 23.27
C ILE B 157 -22.12 -26.06 24.26
N MET B 158 -21.09 -25.24 24.53
CA MET B 158 -20.09 -25.60 25.57
C MET B 158 -20.25 -24.68 26.78
N ASN B 159 -20.05 -25.28 27.95
CA ASN B 159 -20.07 -24.55 29.20
C ASN B 159 -18.77 -23.80 29.42
N PRO B 160 -18.84 -22.67 30.13
CA PRO B 160 -17.58 -22.03 30.61
C PRO B 160 -16.75 -23.03 31.39
N GLY B 161 -15.43 -22.96 31.31
CA GLY B 161 -14.56 -23.95 31.97
C GLY B 161 -14.32 -25.14 31.09
N GLY B 162 -14.92 -25.21 29.91
CA GLY B 162 -14.79 -26.41 29.10
C GLY B 162 -13.47 -26.48 28.36
N SER B 163 -13.31 -27.54 27.60
CA SER B 163 -12.02 -27.90 27.01
C SER B 163 -12.17 -28.62 25.66
N ILE B 164 -11.47 -28.14 24.67
CA ILE B 164 -11.33 -28.78 23.38
C ILE B 164 -9.90 -29.31 23.23
N VAL B 165 -9.80 -30.58 22.83
CA VAL B 165 -8.52 -31.23 22.68
C VAL B 165 -8.44 -31.90 21.31
N GLY B 166 -7.34 -31.71 20.61
CA GLY B 166 -7.05 -32.40 19.35
C GLY B 166 -5.75 -33.20 19.45
N MET B 167 -5.52 -34.12 18.53
CA MET B 167 -4.34 -34.95 18.51
C MET B 167 -3.36 -34.50 17.45
N ASP B 168 -2.08 -34.41 17.85
CA ASP B 168 -0.97 -33.89 17.05
C ASP B 168 0.12 -34.95 17.05
N PHE B 169 0.99 -34.85 16.07
CA PHE B 169 2.21 -35.63 15.99
C PHE B 169 3.28 -34.62 15.58
N ASP B 170 4.29 -34.46 16.42
CA ASP B 170 5.19 -33.32 16.37
C ASP B 170 5.79 -33.12 14.97
N PRO B 171 5.42 -32.02 14.32
CA PRO B 171 5.83 -31.76 12.95
C PRO B 171 6.93 -30.70 12.82
N SER B 172 7.58 -30.40 13.92
CA SER B 172 8.55 -29.29 13.95
C SER B 172 9.82 -29.62 13.14
N ARG B 173 10.05 -30.87 12.84
CA ARG B 173 11.14 -31.32 11.96
C ARG B 173 10.58 -32.28 10.94
N ALA B 174 11.15 -32.26 9.74
CA ALA B 174 10.73 -33.18 8.72
C ALA B 174 11.22 -34.60 9.05
N MET B 175 10.65 -35.57 8.39
CA MET B 175 10.99 -36.96 8.68
C MET B 175 10.51 -37.87 7.51
N PRO B 176 11.01 -39.10 7.45
CA PRO B 176 10.59 -39.97 6.38
C PRO B 176 9.11 -40.33 6.47
N ALA B 177 8.49 -40.52 5.29
CA ALA B 177 7.16 -41.12 5.12
C ALA B 177 5.96 -40.28 5.55
N TYR B 178 6.07 -39.51 6.64
CA TYR B 178 4.89 -38.78 7.14
C TYR B 178 4.54 -37.64 6.18
N ASN B 179 5.53 -37.14 5.45
CA ASN B 179 5.36 -36.30 4.28
C ASN B 179 4.30 -35.24 4.46
N TRP B 180 3.25 -35.25 3.64
CA TRP B 180 2.27 -34.16 3.66
C TRP B 180 1.41 -34.17 4.93
N MET B 181 1.32 -35.34 5.64
CA MET B 181 0.64 -35.32 6.91
C MET B 181 1.41 -34.37 7.89
N THR B 182 2.75 -34.32 7.77
CA THR B 182 3.52 -33.44 8.59
C THR B 182 3.06 -31.98 8.38
N VAL B 183 2.84 -31.65 7.11
CA VAL B 183 2.40 -30.31 6.74
C VAL B 183 1.00 -30.05 7.31
N ALA B 184 0.14 -31.04 7.24
CA ALA B 184 -1.18 -30.91 7.85
C ALA B 184 -1.14 -30.67 9.37
N LYS B 185 -0.25 -31.37 10.06
CA LYS B 185 -0.06 -31.17 11.50
C LYS B 185 0.49 -29.79 11.83
N SER B 186 1.43 -29.29 11.04
CA SER B 186 1.94 -27.93 11.21
C SER B 186 0.73 -26.95 11.09
N ALA B 187 -0.11 -27.16 10.10
CA ALA B 187 -1.27 -26.33 9.93
C ALA B 187 -2.21 -26.46 11.16
N LEU B 188 -2.41 -27.68 11.65
CA LEU B 188 -3.25 -27.91 12.80
C LEU B 188 -2.75 -27.14 14.03
N GLU B 189 -1.45 -27.15 14.25
CA GLU B 189 -0.88 -26.43 15.37
C GLU B 189 -1.24 -24.94 15.32
N SER B 190 -1.16 -24.39 14.13
CA SER B 190 -1.46 -22.98 13.92
C SER B 190 -2.98 -22.77 14.13
N VAL B 191 -3.78 -23.66 13.60
CA VAL B 191 -5.23 -23.59 13.78
C VAL B 191 -5.63 -23.59 15.26
N ASN B 192 -4.99 -24.48 16.05
CA ASN B 192 -5.23 -24.58 17.47
C ASN B 192 -5.03 -23.24 18.20
N ARG B 193 -3.99 -22.50 17.81
CA ARG B 193 -3.74 -21.21 18.46
C ARG B 193 -4.83 -20.17 18.15
N PHE B 194 -5.41 -20.24 16.95
CA PHE B 194 -6.57 -19.38 16.60
C PHE B 194 -7.84 -19.83 17.26
N VAL B 195 -8.07 -21.14 17.33
CA VAL B 195 -9.22 -21.68 17.99
C VAL B 195 -9.23 -21.24 19.45
N ALA B 196 -8.04 -21.25 20.04
CA ALA B 196 -7.92 -20.76 21.41
C ALA B 196 -8.37 -19.31 21.59
N ARG B 197 -8.06 -18.46 20.65
CA ARG B 197 -8.54 -17.07 20.74
C ARG B 197 -10.08 -17.02 20.68
N GLU B 198 -10.71 -17.83 19.83
CA GLU B 198 -12.20 -17.81 19.77
C GLU B 198 -12.79 -18.45 21.00
N ALA B 199 -12.20 -19.58 21.40
CA ALA B 199 -12.75 -20.32 22.51
C ALA B 199 -12.66 -19.55 23.85
N GLY B 200 -11.64 -18.72 23.97
CA GLY B 200 -11.50 -17.95 25.18
C GLY B 200 -12.67 -17.05 25.48
N LYS B 201 -13.36 -16.58 24.45
CA LYS B 201 -14.56 -15.72 24.66
C LYS B 201 -15.68 -16.50 25.34
N TYR B 202 -15.68 -17.83 25.26
CA TYR B 202 -16.62 -18.71 25.91
C TYR B 202 -16.12 -19.30 27.22
N GLY B 203 -14.94 -18.88 27.69
CA GLY B 203 -14.33 -19.52 28.86
C GLY B 203 -13.83 -20.92 28.56
N VAL B 204 -13.51 -21.23 27.30
CA VAL B 204 -13.10 -22.55 26.92
C VAL B 204 -11.65 -22.57 26.44
N ARG B 205 -10.96 -23.64 26.81
CA ARG B 205 -9.58 -23.89 26.43
C ARG B 205 -9.52 -24.74 25.17
N SER B 206 -8.45 -24.57 24.40
CA SER B 206 -8.17 -25.42 23.22
C SER B 206 -6.70 -25.78 23.28
N ASN B 207 -6.41 -27.07 23.19
CA ASN B 207 -5.07 -27.58 23.23
C ASN B 207 -4.93 -28.86 22.38
N LEU B 208 -3.71 -29.15 21.97
CA LEU B 208 -3.39 -30.39 21.34
C LEU B 208 -2.54 -31.27 22.24
N VAL B 209 -2.69 -32.57 22.06
CA VAL B 209 -1.76 -33.54 22.64
C VAL B 209 -0.92 -34.10 21.54
N ALA B 210 0.37 -33.88 21.61
CA ALA B 210 1.33 -34.45 20.63
C ALA B 210 1.74 -35.82 21.19
N ALA B 211 1.17 -36.86 20.64
CA ALA B 211 1.37 -38.21 21.18
C ALA B 211 2.52 -38.87 20.50
N GLY B 212 3.21 -39.74 21.23
CA GLY B 212 4.09 -40.68 20.59
C GLY B 212 3.32 -41.69 19.75
N PRO B 213 4.04 -42.51 18.99
CA PRO B 213 3.38 -43.42 18.04
C PRO B 213 2.61 -44.55 18.78
N ILE B 214 1.43 -44.81 18.25
CA ILE B 214 0.53 -45.85 18.76
C ILE B 214 0.06 -46.66 17.54
N ARG B 215 0.08 -47.97 17.71
CA ARG B 215 -0.28 -48.84 16.61
C ARG B 215 -1.79 -48.79 16.37
N THR B 216 -2.19 -48.09 15.34
CA THR B 216 -3.58 -47.99 14.92
C THR B 216 -3.72 -48.29 13.44
N LEU B 217 -4.94 -48.33 12.96
CA LEU B 217 -5.19 -48.50 11.52
C LEU B 217 -4.50 -47.40 10.75
N ALA B 218 -4.59 -46.15 11.17
CA ALA B 218 -3.96 -45.07 10.41
C ALA B 218 -2.41 -45.26 10.37
N MET B 219 -1.79 -45.71 11.47
CA MET B 219 -0.39 -45.94 11.46
C MET B 219 -0.01 -46.88 10.32
N SER B 220 -0.70 -47.99 10.18
CA SER B 220 -0.37 -48.90 9.11
C SER B 220 -0.57 -48.35 7.70
N ALA B 221 -1.51 -47.43 7.55
CA ALA B 221 -1.82 -46.83 6.26
C ALA B 221 -0.79 -45.77 5.77
N ILE B 222 -0.02 -45.20 6.69
CA ILE B 222 1.09 -44.37 6.32
C ILE B 222 2.05 -45.06 5.29
N VAL B 223 2.36 -46.35 5.52
CA VAL B 223 3.16 -47.07 4.54
C VAL B 223 2.34 -48.00 3.69
N GLY B 224 1.06 -47.77 3.46
CA GLY B 224 0.23 -48.54 2.55
C GLY B 224 -0.19 -49.88 3.16
N GLY B 225 -0.13 -50.13 4.46
CA GLY B 225 -0.67 -51.31 5.07
C GLY B 225 0.33 -51.96 5.99
N ALA B 226 -0.06 -53.00 6.74
CA ALA B 226 0.90 -53.61 7.68
C ALA B 226 2.01 -54.35 6.91
N LEU B 227 1.69 -54.76 5.67
CA LEU B 227 2.72 -55.37 4.88
C LEU B 227 3.14 -54.42 3.76
N GLY B 228 3.07 -53.12 3.96
CA GLY B 228 3.63 -52.09 3.09
C GLY B 228 5.08 -52.39 2.88
N GLU B 229 5.58 -51.94 1.74
CA GLU B 229 6.98 -52.13 1.32
C GLU B 229 8.07 -51.75 2.41
N GLU B 230 7.79 -50.65 3.06
CA GLU B 230 8.73 -50.13 4.03
C GLU B 230 8.29 -50.32 5.48
N ALA B 231 7.36 -51.21 5.73
CA ALA B 231 6.85 -51.39 7.09
C ALA B 231 7.94 -51.78 8.15
N GLY B 232 8.95 -52.55 7.72
CA GLY B 232 10.08 -52.94 8.61
C GLY B 232 10.85 -51.65 9.04
N ALA B 233 11.09 -50.79 8.05
CA ALA B 233 11.73 -49.47 8.24
C ALA B 233 10.87 -48.59 9.13
N GLN B 234 9.56 -48.66 9.01
CA GLN B 234 8.70 -47.91 9.88
C GLN B 234 8.89 -48.30 11.34
N ILE B 235 8.87 -49.57 11.65
CA ILE B 235 9.03 -49.97 13.00
C ILE B 235 10.41 -49.51 13.56
N GLN B 236 11.45 -49.67 12.76
CA GLN B 236 12.76 -49.31 13.23
C GLN B 236 12.86 -47.77 13.54
N LEU B 237 12.34 -46.95 12.62
CA LEU B 237 12.33 -45.48 12.78
C LEU B 237 11.51 -45.11 14.03
N LEU B 238 10.39 -45.79 14.27
CA LEU B 238 9.59 -45.45 15.42
C LEU B 238 10.30 -45.80 16.72
N GLU B 239 10.98 -46.94 16.73
CA GLU B 239 11.76 -47.31 17.90
C GLU B 239 12.92 -46.33 18.17
N GLU B 240 13.57 -45.89 17.13
CA GLU B 240 14.69 -44.93 17.28
C GLU B 240 14.23 -43.56 17.71
N GLY B 241 13.11 -43.09 17.12
CA GLY B 241 12.60 -41.78 17.37
C GLY B 241 11.96 -41.58 18.74
N TRP B 242 11.37 -42.67 19.28
CA TRP B 242 10.58 -42.59 20.48
C TRP B 242 11.17 -43.44 21.60
N ASP B 243 10.95 -44.73 21.62
CA ASP B 243 11.39 -45.51 22.75
C ASP B 243 12.86 -45.33 23.15
N GLN B 244 13.73 -45.31 22.15
CA GLN B 244 15.17 -45.10 22.38
C GLN B 244 15.50 -43.69 22.93
N ARG B 245 14.74 -42.68 22.62
CA ARG B 245 15.04 -41.34 23.07
C ARG B 245 14.32 -41.04 24.39
N ALA B 246 13.18 -41.67 24.63
CA ALA B 246 12.33 -41.33 25.79
C ALA B 246 12.97 -41.76 27.10
N PRO B 247 13.18 -40.81 28.04
CA PRO B 247 13.80 -41.22 29.31
C PRO B 247 12.95 -42.22 30.08
N ILE B 248 11.65 -42.26 29.88
CA ILE B 248 10.85 -43.24 30.61
C ILE B 248 10.35 -44.30 29.65
N GLY B 249 10.92 -44.41 28.44
CA GLY B 249 10.47 -45.41 27.48
C GLY B 249 9.20 -45.04 26.77
N TRP B 250 8.85 -45.83 25.78
CA TRP B 250 7.64 -45.61 25.01
C TRP B 250 7.14 -46.97 24.48
N ASN B 251 5.87 -47.28 24.74
CA ASN B 251 5.28 -48.51 24.27
C ASN B 251 4.14 -48.20 23.29
N MET B 252 4.37 -48.48 22.05
CA MET B 252 3.45 -48.20 20.96
C MET B 252 2.20 -49.05 21.01
N LYS B 253 2.17 -50.11 21.83
CA LYS B 253 0.97 -50.91 21.95
C LYS B 253 0.07 -50.38 23.05
N ASP B 254 0.47 -49.36 23.78
CA ASP B 254 -0.28 -48.94 24.96
C ASP B 254 -0.72 -47.48 24.82
N ALA B 255 -1.98 -47.30 24.48
CA ALA B 255 -2.60 -46.00 24.31
C ALA B 255 -2.99 -45.31 25.62
N THR B 256 -2.97 -46.02 26.73
CA THR B 256 -3.44 -45.48 27.98
C THR B 256 -2.78 -44.15 28.40
N PRO B 257 -1.44 -44.05 28.29
CA PRO B 257 -0.80 -42.78 28.74
C PRO B 257 -1.25 -41.58 27.91
N VAL B 258 -1.56 -41.81 26.63
CA VAL B 258 -2.05 -40.77 25.74
C VAL B 258 -3.49 -40.39 26.20
N ALA B 259 -4.30 -41.40 26.39
CA ALA B 259 -5.67 -41.19 26.81
C ALA B 259 -5.74 -40.43 28.14
N LYS B 260 -4.90 -40.81 29.09
CA LYS B 260 -4.85 -40.12 30.38
C LYS B 260 -4.49 -38.64 30.20
N THR B 261 -3.53 -38.35 29.35
CA THR B 261 -3.13 -37.00 29.09
C THR B 261 -4.27 -36.15 28.48
N VAL B 262 -5.01 -36.72 27.54
CA VAL B 262 -6.17 -36.01 27.00
C VAL B 262 -7.20 -35.73 28.14
N CYS B 263 -7.43 -36.72 29.00
CA CYS B 263 -8.34 -36.58 30.14
C CYS B 263 -7.83 -35.49 31.10
N ALA B 264 -6.53 -35.37 31.28
CA ALA B 264 -5.97 -34.30 32.11
C ALA B 264 -6.37 -32.92 31.56
N LEU B 265 -6.26 -32.78 30.25
CA LEU B 265 -6.64 -31.54 29.56
C LEU B 265 -8.16 -31.31 29.62
N LEU B 266 -8.95 -32.36 29.59
CA LEU B 266 -10.39 -32.23 29.69
C LEU B 266 -10.85 -31.87 31.11
N SER B 267 -10.02 -32.14 32.10
CA SER B 267 -10.36 -31.95 33.48
C SER B 267 -10.18 -30.47 33.86
N ASP B 268 -10.37 -30.17 35.13
CA ASP B 268 -10.16 -28.87 35.64
C ASP B 268 -8.74 -28.68 36.15
N TRP B 269 -7.81 -29.62 35.84
CA TRP B 269 -6.45 -29.61 36.45
C TRP B 269 -5.38 -28.94 35.62
N LEU B 270 -5.72 -28.49 34.41
CA LEU B 270 -4.84 -27.65 33.62
C LEU B 270 -5.62 -26.40 33.20
N PRO B 271 -6.01 -25.59 34.20
CA PRO B 271 -6.99 -24.53 33.91
C PRO B 271 -6.37 -23.28 33.26
N ALA B 272 -5.07 -23.25 33.20
CA ALA B 272 -4.41 -22.03 32.67
C ALA B 272 -3.58 -22.33 31.38
N THR B 273 -3.91 -23.41 30.71
CA THR B 273 -3.18 -23.84 29.54
C THR B 273 -4.17 -23.81 28.37
N THR B 274 -3.86 -22.99 27.35
CA THR B 274 -4.67 -22.91 26.15
C THR B 274 -3.79 -22.45 24.97
N GLY B 275 -4.27 -22.74 23.78
CA GLY B 275 -3.53 -22.51 22.58
C GLY B 275 -2.23 -23.34 22.46
N ASP B 276 -2.15 -24.43 23.23
CA ASP B 276 -0.91 -25.01 23.53
C ASP B 276 -0.85 -26.48 23.11
N ILE B 277 0.32 -27.10 23.33
CA ILE B 277 0.61 -28.46 22.95
C ILE B 277 1.26 -29.18 24.13
N ILE B 278 0.68 -30.29 24.55
CA ILE B 278 1.27 -31.09 25.62
C ILE B 278 1.80 -32.35 24.95
N TYR B 279 3.03 -32.71 25.29
CA TYR B 279 3.72 -33.81 24.63
C TYR B 279 3.58 -35.05 25.49
N ALA B 280 2.84 -36.07 24.99
CA ALA B 280 2.74 -37.33 25.65
C ALA B 280 3.46 -38.38 24.81
N ASP B 281 4.78 -38.36 24.94
CA ASP B 281 5.68 -39.10 24.08
C ASP B 281 6.85 -39.68 24.81
N GLY B 282 6.72 -39.83 26.12
CA GLY B 282 7.78 -40.42 26.93
C GLY B 282 8.98 -39.46 27.16
N GLY B 283 8.78 -38.18 26.75
CA GLY B 283 9.85 -37.21 26.75
C GLY B 283 10.81 -37.33 25.56
N ALA B 284 10.45 -38.14 24.56
CA ALA B 284 11.34 -38.29 23.44
C ALA B 284 11.78 -36.97 22.75
N HIS B 285 10.85 -36.03 22.63
CA HIS B 285 11.12 -34.81 21.89
C HIS B 285 12.11 -33.90 22.69
N THR B 286 12.42 -34.24 23.93
CA THR B 286 13.35 -33.44 24.75
C THR B 286 14.78 -33.95 24.70
N GLN B 287 14.99 -35.03 23.96
CA GLN B 287 16.27 -35.70 23.87
C GLN B 287 16.68 -35.81 22.38
N LEU B 288 17.93 -35.57 22.14
CA LEU B 288 18.46 -35.52 20.81
C LEU B 288 18.69 -36.92 20.28
N LEU B 289 19.29 -37.71 21.14
CA LEU B 289 19.79 -39.05 20.86
C LEU B 289 19.58 -39.72 22.27
N THR C 22 -12.36 -39.21 46.52
CA THR C 22 -10.92 -39.41 46.15
C THR C 22 -10.35 -38.12 45.48
N GLY C 23 -9.38 -37.58 46.18
CA GLY C 23 -8.55 -36.53 45.71
C GLY C 23 -7.49 -37.06 44.70
N LEU C 24 -7.04 -36.11 43.91
CA LEU C 24 -6.07 -36.34 42.86
C LEU C 24 -4.77 -36.94 43.35
N LEU C 25 -4.32 -36.58 44.55
CA LEU C 25 -3.05 -37.05 45.07
C LEU C 25 -3.22 -37.94 46.30
N ASP C 26 -4.35 -38.59 46.41
CA ASP C 26 -4.64 -39.46 47.55
C ASP C 26 -3.54 -40.48 47.78
N GLY C 27 -3.01 -40.50 48.99
CA GLY C 27 -2.01 -41.50 49.31
C GLY C 27 -0.60 -41.08 48.88
N LYS C 28 -0.39 -39.95 48.25
CA LYS C 28 0.96 -39.63 47.77
C LYS C 28 1.70 -38.86 48.84
N ARG C 29 3.00 -39.10 48.95
CA ARG C 29 3.90 -38.37 49.82
C ARG C 29 4.72 -37.43 48.93
N ILE C 30 4.63 -36.14 49.20
CA ILE C 30 5.19 -35.11 48.38
C ILE C 30 5.98 -34.11 49.23
N LEU C 31 7.22 -33.83 48.81
CA LEU C 31 8.03 -32.79 49.39
C LEU C 31 7.80 -31.50 48.63
N VAL C 32 7.58 -30.40 49.36
CA VAL C 32 7.39 -29.09 48.77
C VAL C 32 8.35 -28.09 49.41
N SER C 33 9.25 -27.56 48.59
CA SER C 33 10.17 -26.52 48.99
C SER C 33 9.60 -25.15 48.62
N GLY C 34 10.17 -24.09 49.18
CA GLY C 34 9.93 -22.76 48.70
C GLY C 34 8.85 -21.88 49.31
N ILE C 35 8.26 -22.32 50.39
CA ILE C 35 7.35 -21.47 51.16
C ILE C 35 8.13 -20.45 51.97
N ILE C 36 7.79 -19.18 51.77
CA ILE C 36 8.26 -18.11 52.62
C ILE C 36 7.13 -17.25 53.15
N THR C 37 6.10 -16.96 52.36
CA THR C 37 4.89 -16.32 52.87
C THR C 37 3.68 -17.05 52.36
N ASP C 38 2.48 -16.63 52.79
CA ASP C 38 1.29 -17.24 52.24
C ASP C 38 0.90 -16.78 50.84
N SER C 39 1.70 -15.93 50.20
CA SER C 39 1.59 -15.61 48.77
C SER C 39 2.49 -16.51 47.94
N SER C 40 3.42 -17.21 48.55
CA SER C 40 4.37 -18.03 47.79
C SER C 40 3.65 -19.03 46.89
N ILE C 41 4.13 -19.20 45.69
CA ILE C 41 3.59 -20.22 44.79
C ILE C 41 3.58 -21.60 45.53
N ALA C 42 4.67 -21.89 46.24
CA ALA C 42 4.77 -23.13 46.97
C ALA C 42 3.70 -23.29 48.08
N PHE C 43 3.29 -22.19 48.68
CA PHE C 43 2.23 -22.25 49.67
C PHE C 43 0.94 -22.78 49.02
N HIS C 44 0.62 -22.22 47.86
CA HIS C 44 -0.58 -22.62 47.16
C HIS C 44 -0.48 -24.03 46.61
N ILE C 45 0.72 -24.43 46.17
CA ILE C 45 0.94 -25.80 45.71
C ILE C 45 0.64 -26.74 46.88
N ALA C 46 1.20 -26.41 48.04
CA ALA C 46 0.97 -27.22 49.22
C ALA C 46 -0.49 -27.29 49.66
N ARG C 47 -1.17 -26.14 49.64
CA ARG C 47 -2.58 -26.08 50.00
C ARG C 47 -3.41 -27.01 49.10
N VAL C 48 -3.26 -26.81 47.81
CA VAL C 48 -4.03 -27.61 46.83
C VAL C 48 -3.68 -29.11 46.97
N ALA C 49 -2.41 -29.41 47.16
CA ALA C 49 -2.00 -30.80 47.26
C ALA C 49 -2.63 -31.45 48.48
N GLN C 50 -2.67 -30.73 49.61
CA GLN C 50 -3.36 -31.28 50.80
C GLN C 50 -4.83 -31.37 50.57
N GLU C 51 -5.45 -30.41 49.92
CA GLU C 51 -6.91 -30.54 49.63
C GLU C 51 -7.13 -31.78 48.79
N GLN C 52 -6.15 -32.23 47.99
CA GLN C 52 -6.30 -33.39 47.13
C GLN C 52 -5.75 -34.66 47.73
N GLY C 53 -5.53 -34.64 49.06
CA GLY C 53 -5.20 -35.84 49.80
C GLY C 53 -3.73 -36.17 49.93
N ALA C 54 -2.80 -35.30 49.51
CA ALA C 54 -1.38 -35.61 49.62
C ALA C 54 -0.96 -35.49 51.09
N GLN C 55 0.05 -36.24 51.53
CA GLN C 55 0.77 -36.01 52.78
C GLN C 55 2.07 -35.32 52.45
N LEU C 56 2.28 -34.15 53.03
CA LEU C 56 3.42 -33.32 52.68
C LEU C 56 4.59 -33.38 53.66
N VAL C 57 5.79 -33.13 53.13
CA VAL C 57 6.96 -32.78 53.90
C VAL C 57 7.33 -31.43 53.28
N LEU C 58 7.59 -30.44 54.10
CA LEU C 58 7.91 -29.10 53.68
C LEU C 58 9.39 -28.79 53.96
N THR C 59 10.03 -27.97 53.09
CA THR C 59 11.36 -27.46 53.35
C THR C 59 11.36 -25.96 53.25
N GLY C 60 12.18 -25.36 54.09
CA GLY C 60 12.28 -23.92 54.15
C GLY C 60 13.70 -23.46 54.42
N PHE C 61 13.95 -22.21 54.00
CA PHE C 61 15.29 -21.63 54.01
C PHE C 61 15.32 -20.46 54.93
N ASP C 62 16.25 -20.44 55.81
CA ASP C 62 16.67 -19.24 56.51
C ASP C 62 15.72 -18.74 57.61
N ARG C 63 14.47 -18.43 57.33
CA ARG C 63 13.55 -17.87 58.34
C ARG C 63 12.60 -18.92 58.85
N LEU C 64 13.16 -19.94 59.48
CA LEU C 64 12.33 -21.14 59.79
C LEU C 64 11.22 -20.90 60.79
N ARG C 65 11.37 -19.93 61.71
CA ARG C 65 10.31 -19.59 62.63
C ARG C 65 9.16 -18.96 61.89
N LEU C 66 9.45 -18.00 60.99
CA LEU C 66 8.39 -17.37 60.22
C LEU C 66 7.68 -18.46 59.40
N ILE C 67 8.48 -19.35 58.77
CA ILE C 67 7.93 -20.30 57.84
C ILE C 67 6.98 -21.24 58.56
N GLN C 68 7.37 -21.66 59.75
CA GLN C 68 6.50 -22.48 60.59
C GLN C 68 5.13 -21.79 60.86
N ARG C 69 5.12 -20.50 61.22
CA ARG C 69 3.83 -19.75 61.40
C ARG C 69 3.02 -19.73 60.11
N ILE C 70 3.72 -19.58 58.97
CA ILE C 70 3.03 -19.57 57.70
C ILE C 70 2.40 -20.95 57.38
N THR C 71 3.14 -22.02 57.60
CA THR C 71 2.67 -23.34 57.24
C THR C 71 1.60 -23.83 58.22
N ASP C 72 1.50 -23.22 59.38
CA ASP C 72 0.34 -23.45 60.22
C ASP C 72 -0.95 -23.03 59.59
N ARG C 73 -0.94 -22.17 58.58
CA ARG C 73 -2.20 -21.78 57.94
C ARG C 73 -2.61 -22.77 56.89
N LEU C 74 -1.79 -23.79 56.55
CA LEU C 74 -2.17 -24.78 55.57
C LEU C 74 -3.30 -25.61 56.14
N PRO C 75 -4.03 -26.30 55.29
CA PRO C 75 -5.12 -27.06 55.90
C PRO C 75 -4.68 -28.23 56.74
N ALA C 76 -3.48 -28.77 56.62
CA ALA C 76 -3.07 -29.86 57.54
C ALA C 76 -1.64 -29.70 57.98
N LYS C 77 -1.28 -30.36 59.09
CA LYS C 77 0.09 -30.23 59.65
C LYS C 77 0.99 -30.93 58.72
N ALA C 78 2.20 -30.47 58.62
CA ALA C 78 3.17 -31.16 57.84
C ALA C 78 4.48 -30.87 58.44
N PRO C 79 5.38 -31.84 58.50
CA PRO C 79 6.67 -31.48 59.08
C PRO C 79 7.47 -30.51 58.23
N LEU C 80 8.26 -29.65 58.87
CA LEU C 80 9.09 -28.67 58.18
C LEU C 80 10.54 -28.95 58.38
N LEU C 81 11.32 -29.09 57.32
CA LEU C 81 12.74 -29.35 57.42
C LEU C 81 13.50 -28.15 56.87
N GLU C 82 14.70 -27.95 57.37
CA GLU C 82 15.52 -26.87 56.87
C GLU C 82 16.28 -27.29 55.63
N LEU C 83 16.28 -26.45 54.61
CA LEU C 83 17.12 -26.68 53.44
C LEU C 83 17.52 -25.40 52.77
N ASP C 84 18.81 -25.14 52.82
CA ASP C 84 19.45 -24.07 52.08
C ASP C 84 20.14 -24.86 50.96
N VAL C 85 19.76 -24.66 49.73
CA VAL C 85 20.33 -25.48 48.63
C VAL C 85 21.75 -25.14 48.31
N GLN C 86 22.32 -24.04 48.87
CA GLN C 86 23.78 -23.84 48.81
C GLN C 86 24.57 -24.59 49.86
N ASN C 87 23.90 -25.22 50.79
CA ASN C 87 24.61 -25.94 51.84
C ASN C 87 24.71 -27.43 51.56
N GLU C 88 25.91 -27.88 51.30
CA GLU C 88 26.18 -29.28 51.02
C GLU C 88 25.72 -30.24 52.08
N GLU C 89 25.87 -29.84 53.34
CA GLU C 89 25.47 -30.70 54.43
C GLU C 89 24.00 -30.87 54.48
N HIS C 90 23.26 -29.81 54.23
CA HIS C 90 21.78 -29.91 54.18
C HIS C 90 21.33 -30.91 53.08
N LEU C 91 21.95 -30.82 51.89
CA LEU C 91 21.63 -31.72 50.77
C LEU C 91 22.03 -33.16 51.09
N ALA C 92 23.17 -33.37 51.73
CA ALA C 92 23.64 -34.69 51.99
C ALA C 92 22.78 -35.39 53.06
N SER C 93 22.13 -34.63 53.97
CA SER C 93 21.37 -35.22 55.07
C SER C 93 19.88 -35.21 54.72
N LEU C 94 19.49 -34.55 53.62
CA LEU C 94 18.07 -34.34 53.32
C LEU C 94 17.25 -35.65 53.24
N ALA C 95 17.77 -36.64 52.52
CA ALA C 95 17.03 -37.91 52.36
C ALA C 95 16.76 -38.55 53.68
N GLY C 96 17.79 -38.62 54.51
CA GLY C 96 17.69 -39.21 55.89
C GLY C 96 16.67 -38.46 56.75
N ARG C 97 16.66 -37.14 56.65
CA ARG C 97 15.71 -36.35 57.41
C ARG C 97 14.27 -36.49 56.88
N VAL C 98 14.11 -36.58 55.58
CA VAL C 98 12.80 -36.89 55.01
C VAL C 98 12.32 -38.28 55.43
N THR C 99 13.20 -39.27 55.40
CA THR C 99 12.79 -40.62 55.70
C THR C 99 12.33 -40.70 57.16
N GLU C 100 13.04 -40.01 58.04
CA GLU C 100 12.62 -39.94 59.42
C GLU C 100 11.28 -39.24 59.57
N ALA C 101 10.99 -38.17 58.84
CA ALA C 101 9.68 -37.57 58.91
C ALA C 101 8.55 -38.43 58.35
N ILE C 102 8.74 -39.15 57.23
CA ILE C 102 7.63 -39.94 56.65
C ILE C 102 7.59 -41.37 57.09
N GLY C 103 8.63 -41.82 57.77
CA GLY C 103 8.63 -43.17 58.35
C GLY C 103 9.52 -44.09 57.52
N ALA C 104 10.33 -44.88 58.20
CA ALA C 104 11.24 -45.84 57.55
C ALA C 104 10.39 -46.78 56.68
N GLY C 105 10.86 -47.11 55.51
CA GLY C 105 10.10 -47.97 54.62
C GLY C 105 9.17 -47.20 53.70
N ASN C 106 8.95 -45.91 53.90
CA ASN C 106 8.09 -45.15 52.99
C ASN C 106 8.98 -44.29 52.13
N LYS C 107 8.51 -44.00 50.94
CA LYS C 107 9.24 -43.14 50.04
C LYS C 107 8.34 -42.02 49.54
N LEU C 108 8.97 -41.06 48.88
CA LEU C 108 8.27 -39.97 48.26
C LEU C 108 7.75 -40.32 46.89
N ASP C 109 6.57 -39.80 46.57
CA ASP C 109 6.02 -39.86 45.23
C ASP C 109 6.24 -38.56 44.45
N GLY C 110 6.49 -37.47 45.15
CA GLY C 110 6.61 -36.19 44.49
C GLY C 110 7.59 -35.28 45.16
N VAL C 111 8.24 -34.44 44.35
CA VAL C 111 9.15 -33.37 44.85
C VAL C 111 8.84 -32.11 44.09
N VAL C 112 8.66 -31.01 44.80
CA VAL C 112 8.44 -29.70 44.19
C VAL C 112 9.59 -28.77 44.55
N HIS C 113 10.27 -28.29 43.50
CA HIS C 113 11.30 -27.26 43.59
C HIS C 113 10.62 -25.93 43.27
N SER C 114 10.47 -25.04 44.24
CA SER C 114 9.83 -23.72 44.01
C SER C 114 10.73 -22.69 44.70
N ILE C 115 11.94 -22.57 44.12
CA ILE C 115 13.04 -21.87 44.73
C ILE C 115 13.74 -21.00 43.69
N GLY C 116 14.13 -19.81 44.08
CA GLY C 116 14.99 -18.99 43.21
C GLY C 116 15.57 -17.81 43.95
N PHE C 117 16.65 -17.22 43.40
CA PHE C 117 17.22 -16.01 43.92
C PHE C 117 18.16 -15.42 42.85
N MET C 118 18.29 -14.12 42.84
CA MET C 118 19.28 -13.41 42.08
C MET C 118 19.64 -12.15 42.83
N PRO C 119 20.92 -11.84 43.02
CA PRO C 119 21.22 -10.57 43.68
C PRO C 119 20.71 -9.38 42.85
N GLN C 120 20.45 -8.27 43.52
CA GLN C 120 19.97 -7.04 42.92
C GLN C 120 20.77 -6.57 41.69
N THR C 121 22.09 -6.79 41.68
CA THR C 121 22.88 -6.30 40.58
C THR C 121 22.49 -7.06 39.27
N GLY C 122 21.91 -8.25 39.40
CA GLY C 122 21.45 -8.97 38.25
C GLY C 122 20.06 -8.71 37.69
N MET C 123 19.35 -7.70 38.19
CA MET C 123 17.92 -7.48 37.95
C MET C 123 17.55 -6.05 37.78
N GLY C 124 16.41 -5.76 37.21
CA GLY C 124 15.83 -4.43 37.30
C GLY C 124 16.45 -3.44 36.36
N ILE C 125 16.60 -2.21 36.82
CA ILE C 125 17.34 -1.16 36.12
C ILE C 125 18.81 -1.24 36.32
N ASN C 126 19.33 -2.12 37.16
CA ASN C 126 20.78 -2.25 37.21
C ASN C 126 21.36 -2.72 35.90
N PRO C 127 22.37 -2.04 35.37
CA PRO C 127 22.82 -2.46 34.01
C PRO C 127 23.21 -3.91 33.90
N PHE C 128 22.72 -4.60 32.87
CA PHE C 128 22.99 -5.98 32.61
C PHE C 128 24.50 -6.30 32.68
N PHE C 129 25.32 -5.44 32.07
CA PHE C 129 26.75 -5.69 32.00
C PHE C 129 27.47 -5.42 33.32
N ASP C 130 26.83 -4.78 34.27
CA ASP C 130 27.51 -4.47 35.54
C ASP C 130 27.30 -5.56 36.58
N ALA C 131 26.56 -6.63 36.32
CA ALA C 131 26.43 -7.66 37.31
C ALA C 131 27.74 -8.48 37.38
N PRO C 132 28.43 -8.50 38.52
CA PRO C 132 29.65 -9.34 38.56
C PRO C 132 29.31 -10.82 38.52
N TYR C 133 30.23 -11.60 38.02
CA TYR C 133 29.94 -13.02 37.88
C TYR C 133 29.67 -13.68 39.25
N ALA C 134 30.32 -13.23 40.32
CA ALA C 134 30.06 -13.84 41.62
C ALA C 134 28.57 -13.74 41.99
N ASP C 135 27.92 -12.63 41.60
CA ASP C 135 26.50 -12.50 41.89
C ASP C 135 25.67 -13.38 40.94
N VAL C 136 25.99 -13.36 39.65
CA VAL C 136 25.26 -14.19 38.69
C VAL C 136 25.37 -15.68 39.09
N SER C 137 26.59 -16.09 39.50
CA SER C 137 26.85 -17.49 39.83
C SER C 137 26.02 -17.92 41.04
N LYS C 138 25.91 -17.04 42.02
CA LYS C 138 25.08 -17.33 43.18
C LYS C 138 23.62 -17.55 42.75
N GLY C 139 23.12 -16.69 41.87
CA GLY C 139 21.76 -16.87 41.39
C GLY C 139 21.55 -18.14 40.61
N ILE C 140 22.52 -18.50 39.77
CA ILE C 140 22.42 -19.72 38.99
C ILE C 140 22.49 -20.95 39.93
N HIS C 141 23.31 -20.86 40.97
CA HIS C 141 23.45 -21.94 41.91
C HIS C 141 22.04 -22.22 42.54
N ILE C 142 21.42 -21.19 43.08
CA ILE C 142 20.14 -21.35 43.77
C ILE C 142 18.98 -21.69 42.82
N SER C 143 18.98 -21.06 41.65
CA SER C 143 17.83 -21.07 40.80
C SER C 143 17.83 -22.21 39.79
N ALA C 144 19.00 -22.74 39.44
CA ALA C 144 19.15 -23.74 38.38
C ALA C 144 19.91 -25.00 38.79
N TYR C 145 21.12 -24.86 39.28
CA TYR C 145 21.87 -26.04 39.72
C TYR C 145 21.15 -26.82 40.80
N SER C 146 20.47 -26.10 41.72
CA SER C 146 19.82 -26.76 42.85
C SER C 146 18.70 -27.70 42.39
N TYR C 147 18.13 -27.51 41.18
CA TYR C 147 17.15 -28.44 40.68
C TYR C 147 17.82 -29.84 40.53
N ALA C 148 19.04 -29.87 40.03
CA ALA C 148 19.82 -31.10 39.97
C ALA C 148 20.20 -31.63 41.31
N SER C 149 20.71 -30.75 42.19
CA SER C 149 21.15 -31.20 43.51
C SER C 149 19.98 -31.81 44.35
N MET C 150 18.79 -31.23 44.23
CA MET C 150 17.64 -31.80 44.91
C MET C 150 17.25 -33.15 44.35
N ALA C 151 17.26 -33.24 43.04
CA ALA C 151 16.97 -34.54 42.40
C ALA C 151 17.96 -35.61 42.82
N LYS C 152 19.24 -35.22 42.86
CA LYS C 152 20.23 -36.15 43.24
C LYS C 152 20.00 -36.67 44.71
N ALA C 153 19.66 -35.76 45.59
CA ALA C 153 19.46 -36.12 46.97
C ALA C 153 18.21 -36.97 47.16
N LEU C 154 17.14 -36.69 46.42
CA LEU C 154 15.84 -37.29 46.64
C LEU C 154 15.46 -38.49 45.77
N LEU C 155 16.02 -38.63 44.57
CA LEU C 155 15.70 -39.78 43.73
C LEU C 155 15.88 -41.12 44.46
N PRO C 156 16.93 -41.29 45.26
CA PRO C 156 17.05 -42.59 45.96
C PRO C 156 15.93 -42.90 46.93
N ILE C 157 15.11 -41.92 47.31
CA ILE C 157 13.95 -42.21 48.15
C ILE C 157 12.64 -41.87 47.44
N MET C 158 12.61 -41.98 46.11
CA MET C 158 11.38 -41.82 45.33
C MET C 158 10.89 -43.15 44.79
N ASN C 159 9.58 -43.32 44.80
CA ASN C 159 8.93 -44.49 44.24
C ASN C 159 8.88 -44.40 42.70
N PRO C 160 8.91 -45.55 42.04
CA PRO C 160 8.57 -45.58 40.59
C PRO C 160 7.20 -44.93 40.36
N GLY C 161 7.03 -44.24 39.26
CA GLY C 161 5.78 -43.50 38.99
C GLY C 161 5.84 -42.11 39.58
N GLY C 162 6.89 -41.72 40.25
CA GLY C 162 6.89 -40.44 40.92
C GLY C 162 7.18 -39.29 39.98
N SER C 163 7.26 -38.10 40.57
CA SER C 163 7.28 -36.85 39.78
C SER C 163 8.05 -35.73 40.47
N ILE C 164 9.00 -35.14 39.75
CA ILE C 164 9.70 -33.96 40.23
C ILE C 164 9.22 -32.76 39.34
N VAL C 165 8.87 -31.66 40.02
CA VAL C 165 8.38 -30.51 39.34
C VAL C 165 9.14 -29.27 39.85
N GLY C 166 9.60 -28.41 38.93
CA GLY C 166 10.20 -27.15 39.24
C GLY C 166 9.40 -25.98 38.59
N MET C 167 9.65 -24.75 39.05
CA MET C 167 8.96 -23.60 38.56
C MET C 167 9.89 -22.78 37.63
N ASP C 168 9.33 -22.40 36.47
CA ASP C 168 10.04 -21.74 35.38
C ASP C 168 9.25 -20.46 35.06
N PHE C 169 9.93 -19.53 34.38
CA PHE C 169 9.29 -18.36 33.83
C PHE C 169 9.94 -18.25 32.43
N ASP C 170 9.11 -18.24 31.40
CA ASP C 170 9.59 -18.48 30.05
C ASP C 170 10.73 -17.57 29.64
N PRO C 171 11.92 -18.13 29.42
CA PRO C 171 13.10 -17.33 29.11
C PRO C 171 13.52 -17.40 27.67
N SER C 172 12.61 -17.86 26.80
CA SER C 172 12.92 -18.08 25.39
CA SER C 172 12.93 -18.08 25.39
C SER C 172 13.24 -16.77 24.66
N ARG C 173 12.76 -15.63 25.21
CA ARG C 173 13.05 -14.32 24.66
C ARG C 173 13.49 -13.43 25.76
N ALA C 174 14.34 -12.45 25.43
CA ALA C 174 14.81 -11.50 26.44
C ALA C 174 13.68 -10.53 26.75
N MET C 175 13.84 -9.83 27.86
CA MET C 175 12.78 -8.88 28.30
C MET C 175 13.36 -7.86 29.28
N PRO C 176 12.68 -6.78 29.52
CA PRO C 176 13.15 -5.83 30.57
C PRO C 176 13.15 -6.49 31.96
N ALA C 177 14.10 -6.06 32.77
CA ALA C 177 14.20 -6.27 34.21
C ALA C 177 14.57 -7.66 34.68
N TYR C 178 14.08 -8.69 34.02
CA TYR C 178 14.33 -10.06 34.51
C TYR C 178 15.81 -10.44 34.30
N ASN C 179 16.44 -9.82 33.30
CA ASN C 179 17.87 -9.79 33.18
C ASN C 179 18.55 -11.15 33.44
N TRP C 180 19.43 -11.24 34.44
CA TRP C 180 20.20 -12.44 34.67
C TRP C 180 19.33 -13.62 35.22
N MET C 181 18.17 -13.31 35.79
CA MET C 181 17.29 -14.41 36.18
C MET C 181 16.80 -15.13 34.90
N THR C 182 16.64 -14.39 33.78
CA THR C 182 16.26 -15.00 32.54
C THR C 182 17.31 -16.07 32.16
N VAL C 183 18.57 -15.72 32.35
CA VAL C 183 19.67 -16.62 32.02
C VAL C 183 19.64 -17.83 32.94
N ALA C 184 19.38 -17.60 34.20
CA ALA C 184 19.24 -18.73 35.16
C ALA C 184 18.09 -19.68 34.77
N LYS C 185 16.96 -19.13 34.34
CA LYS C 185 15.83 -19.94 33.90
C LYS C 185 16.17 -20.75 32.61
N SER C 186 16.89 -20.15 31.66
CA SER C 186 17.37 -20.89 30.53
C SER C 186 18.23 -22.06 30.97
N ALA C 187 19.12 -21.82 31.91
CA ALA C 187 19.96 -22.88 32.45
C ALA C 187 19.07 -23.96 33.13
N LEU C 188 18.07 -23.53 33.90
CA LEU C 188 17.20 -24.48 34.55
C LEU C 188 16.48 -25.39 33.54
N GLU C 189 16.00 -24.81 32.45
CA GLU C 189 15.33 -25.61 31.43
C GLU C 189 16.24 -26.72 30.92
N SER C 190 17.50 -26.37 30.71
CA SER C 190 18.46 -27.36 30.21
C SER C 190 18.72 -28.42 31.29
N VAL C 191 18.85 -27.96 32.54
CA VAL C 191 19.06 -28.86 33.65
C VAL C 191 17.91 -29.89 33.77
N ASN C 192 16.68 -29.41 33.63
CA ASN C 192 15.48 -30.25 33.70
C ASN C 192 15.55 -31.41 32.69
N ARG C 193 16.03 -31.14 31.49
CA ARG C 193 16.14 -32.19 30.48
C ARG C 193 17.16 -33.26 30.86
N PHE C 194 18.23 -32.88 31.52
CA PHE C 194 19.22 -33.84 32.06
C PHE C 194 18.72 -34.60 33.29
N VAL C 195 18.00 -33.89 34.16
CA VAL C 195 17.43 -34.53 35.33
C VAL C 195 16.45 -35.59 34.87
N ALA C 196 15.71 -35.31 33.81
CA ALA C 196 14.81 -36.29 33.25
C ALA C 196 15.50 -37.56 32.80
N ARG C 197 16.66 -37.44 32.20
CA ARG C 197 17.42 -38.65 31.83
C ARG C 197 17.79 -39.46 33.08
N GLU C 198 18.22 -38.80 34.15
CA GLU C 198 18.59 -39.56 35.36
C GLU C 198 17.37 -40.13 36.06
N ALA C 199 16.31 -39.29 36.16
CA ALA C 199 15.12 -39.69 36.82
C ALA C 199 14.39 -40.89 36.16
N GLY C 200 14.53 -40.97 34.83
CA GLY C 200 13.92 -42.04 34.13
C GLY C 200 14.38 -43.42 34.55
N LYS C 201 15.62 -43.54 35.01
CA LYS C 201 16.15 -44.82 35.49
C LYS C 201 15.42 -45.29 36.74
N TYR C 202 14.78 -44.38 37.48
CA TYR C 202 13.98 -44.69 38.65
C TYR C 202 12.48 -44.76 38.37
N GLY C 203 12.07 -44.65 37.11
CA GLY C 203 10.66 -44.55 36.80
C GLY C 203 10.05 -43.22 37.19
N VAL C 204 10.87 -42.14 37.27
CA VAL C 204 10.40 -40.86 37.76
C VAL C 204 10.46 -39.83 36.61
N ARG C 205 9.44 -38.99 36.58
CA ARG C 205 9.34 -37.86 35.64
C ARG C 205 9.93 -36.60 36.22
N SER C 206 10.43 -35.73 35.36
CA SER C 206 10.93 -34.39 35.78
C SER C 206 10.37 -33.41 34.75
N ASN C 207 9.71 -32.37 35.24
CA ASN C 207 9.12 -31.34 34.40
C ASN C 207 9.14 -29.99 35.09
N LEU C 208 9.07 -28.93 34.30
CA LEU C 208 8.86 -27.60 34.83
C LEU C 208 7.46 -27.07 34.50
N VAL C 209 6.95 -26.23 35.37
CA VAL C 209 5.77 -25.43 35.04
C VAL C 209 6.21 -23.99 34.81
N ALA C 210 6.00 -23.50 33.61
CA ALA C 210 6.28 -22.09 33.29
C ALA C 210 5.04 -21.30 33.59
N ALA C 211 5.06 -20.61 34.73
CA ALA C 211 3.85 -19.91 35.19
C ALA C 211 3.84 -18.50 34.69
N GLY C 212 2.65 -17.99 34.49
CA GLY C 212 2.48 -16.55 34.39
C GLY C 212 2.79 -15.85 35.72
N PRO C 213 2.84 -14.50 35.69
CA PRO C 213 3.25 -13.78 36.88
C PRO C 213 2.25 -13.90 38.05
N ILE C 214 2.78 -14.07 39.24
CA ILE C 214 1.98 -14.16 40.49
C ILE C 214 2.62 -13.22 41.50
N ARG C 215 1.78 -12.54 42.22
CA ARG C 215 2.29 -11.54 43.18
C ARG C 215 2.90 -12.23 44.41
N THR C 216 4.18 -12.36 44.46
CA THR C 216 4.92 -13.03 45.53
C THR C 216 5.98 -12.10 46.12
N LEU C 217 6.59 -12.54 47.24
CA LEU C 217 7.69 -11.76 47.79
C LEU C 217 8.78 -11.60 46.78
N ALA C 218 9.16 -12.63 46.06
CA ALA C 218 10.26 -12.42 45.08
C ALA C 218 9.84 -11.48 43.96
N MET C 219 8.62 -11.60 43.49
CA MET C 219 8.18 -10.69 42.40
C MET C 219 8.34 -9.24 42.91
N SER C 220 7.87 -8.96 44.11
CA SER C 220 7.82 -7.56 44.48
C SER C 220 9.15 -7.03 44.93
N ALA C 221 9.72 -7.76 45.90
CA ALA C 221 11.00 -7.29 46.58
C ALA C 221 12.26 -7.50 45.71
N ILE C 222 12.32 -8.57 45.00
CA ILE C 222 13.51 -8.77 44.13
C ILE C 222 13.30 -8.08 42.81
N VAL C 223 12.26 -8.39 42.08
CA VAL C 223 12.11 -7.85 40.68
C VAL C 223 11.70 -6.35 40.75
N GLY C 224 10.63 -6.16 41.48
CA GLY C 224 10.01 -4.82 41.69
C GLY C 224 10.96 -3.85 42.45
N GLY C 225 11.61 -4.39 43.48
CA GLY C 225 12.64 -3.63 44.17
C GLY C 225 13.80 -3.20 43.28
N ALA C 226 14.20 -4.07 42.37
CA ALA C 226 15.40 -3.71 41.53
C ALA C 226 15.02 -2.68 40.49
N LEU C 227 13.75 -2.43 40.27
CA LEU C 227 13.33 -1.30 39.47
C LEU C 227 13.29 0.03 40.16
N GLY C 228 13.45 0.11 41.49
CA GLY C 228 13.52 1.44 42.14
C GLY C 228 12.25 2.26 41.76
N GLU C 229 12.52 3.49 41.36
CA GLU C 229 11.46 4.37 40.92
C GLU C 229 10.67 3.98 39.68
N GLU C 230 11.04 2.91 38.99
CA GLU C 230 10.34 2.46 37.80
C GLU C 230 9.42 1.25 38.05
N ALA C 231 9.06 1.01 39.29
CA ALA C 231 8.33 -0.19 39.69
C ALA C 231 6.95 -0.33 38.94
N GLY C 232 6.30 0.79 38.65
CA GLY C 232 5.08 0.90 37.84
C GLY C 232 5.23 0.18 36.46
N ALA C 233 6.42 0.25 35.89
CA ALA C 233 6.84 -0.45 34.66
C ALA C 233 6.69 -1.92 34.78
N GLN C 234 6.93 -2.53 35.95
CA GLN C 234 6.68 -3.91 36.12
C GLN C 234 5.25 -4.31 35.83
N ILE C 235 4.31 -3.62 36.45
CA ILE C 235 2.93 -3.96 36.35
C ILE C 235 2.50 -3.70 34.86
N GLN C 236 2.94 -2.60 34.25
CA GLN C 236 2.57 -2.33 32.93
C GLN C 236 3.05 -3.51 31.91
N LEU C 237 4.29 -3.89 32.06
CA LEU C 237 4.90 -4.96 31.23
C LEU C 237 4.17 -6.28 31.49
N LEU C 238 3.82 -6.56 32.75
CA LEU C 238 3.14 -7.79 33.06
C LEU C 238 1.75 -7.82 32.45
N GLU C 239 1.05 -6.69 32.49
CA GLU C 239 -0.28 -6.64 31.91
C GLU C 239 -0.20 -6.81 30.35
N GLU C 240 0.81 -6.21 29.74
CA GLU C 240 0.97 -6.39 28.30
C GLU C 240 1.35 -7.81 27.87
N GLY C 241 2.27 -8.39 28.61
CA GLY C 241 2.83 -9.68 28.31
C GLY C 241 1.90 -10.87 28.57
N TRP C 242 1.01 -10.73 29.56
CA TRP C 242 0.21 -11.83 30.04
C TRP C 242 -1.27 -11.52 29.89
N ASP C 243 -1.90 -10.76 30.74
CA ASP C 243 -3.32 -10.65 30.70
C ASP C 243 -3.85 -10.22 29.28
N GLN C 244 -3.20 -9.27 28.66
CA GLN C 244 -3.59 -8.81 27.34
C GLN C 244 -3.41 -9.91 26.22
N ARG C 245 -2.45 -10.79 26.35
CA ARG C 245 -2.21 -11.76 25.31
C ARG C 245 -2.97 -13.08 25.60
N ALA C 246 -3.26 -13.37 26.86
CA ALA C 246 -3.86 -14.67 27.26
C ALA C 246 -5.29 -14.79 26.78
N PRO C 247 -5.61 -15.82 25.95
CA PRO C 247 -7.01 -15.92 25.49
C PRO C 247 -7.97 -16.17 26.63
N ILE C 248 -7.54 -16.72 27.76
CA ILE C 248 -8.50 -16.89 28.85
C ILE C 248 -8.17 -15.93 29.97
N GLY C 249 -7.37 -14.89 29.73
CA GLY C 249 -7.02 -13.94 30.78
C GLY C 249 -5.96 -14.45 31.75
N TRP C 250 -5.48 -13.53 32.58
CA TRP C 250 -4.52 -13.89 33.59
C TRP C 250 -4.71 -12.98 34.81
N ASN C 251 -4.82 -13.55 35.99
CA ASN C 251 -4.95 -12.78 37.22
C ASN C 251 -3.75 -13.11 38.10
N MET C 252 -2.89 -12.11 38.27
CA MET C 252 -1.66 -12.33 39.05
C MET C 252 -1.89 -12.48 40.53
N LYS C 253 -3.07 -12.20 40.99
CA LYS C 253 -3.41 -12.36 42.45
C LYS C 253 -3.94 -13.73 42.72
N ASP C 254 -4.10 -14.58 41.74
CA ASP C 254 -4.67 -15.90 41.92
C ASP C 254 -3.66 -16.99 41.53
N ALA C 255 -3.05 -17.59 42.56
CA ALA C 255 -2.06 -18.65 42.38
C ALA C 255 -2.70 -20.04 42.11
N THR C 256 -4.01 -20.16 42.31
CA THR C 256 -4.64 -21.48 42.23
C THR C 256 -4.40 -22.20 40.91
N PRO C 257 -4.55 -21.51 39.76
CA PRO C 257 -4.37 -22.21 38.47
C PRO C 257 -2.95 -22.77 38.31
N VAL C 258 -1.97 -22.08 38.85
CA VAL C 258 -0.59 -22.53 38.79
C VAL C 258 -0.43 -23.76 39.72
N ALA C 259 -0.96 -23.64 40.93
CA ALA C 259 -0.89 -24.73 41.90
C ALA C 259 -1.56 -26.01 41.34
N LYS C 260 -2.72 -25.84 40.71
CA LYS C 260 -3.42 -26.98 40.12
C LYS C 260 -2.58 -27.65 39.06
N THR C 261 -1.93 -26.86 38.22
CA THR C 261 -1.11 -27.40 37.16
C THR C 261 0.07 -28.22 37.73
N VAL C 262 0.71 -27.72 38.79
CA VAL C 262 1.79 -28.47 39.43
C VAL C 262 1.20 -29.84 39.96
N CYS C 263 0.03 -29.78 40.58
CA CYS C 263 -0.63 -30.96 41.10
C CYS C 263 -0.95 -31.96 39.95
N ALA C 264 -1.33 -31.45 38.79
CA ALA C 264 -1.58 -32.31 37.64
C ALA C 264 -0.30 -33.11 37.26
N LEU C 265 0.85 -32.42 37.27
CA LEU C 265 2.14 -33.06 37.02
C LEU C 265 2.54 -34.05 38.11
N LEU C 266 2.18 -33.76 39.34
CA LEU C 266 2.47 -34.67 40.45
C LEU C 266 1.59 -35.92 40.42
N SER C 267 0.45 -35.84 39.75
CA SER C 267 -0.51 -36.92 39.71
C SER C 267 -0.08 -37.97 38.70
N ASP C 268 -0.94 -38.96 38.54
CA ASP C 268 -0.70 -40.01 37.55
C ASP C 268 -1.34 -39.65 36.22
N TRP C 269 -1.79 -38.41 36.02
CA TRP C 269 -2.56 -38.02 34.81
C TRP C 269 -1.74 -37.40 33.67
N LEU C 270 -0.45 -37.24 33.88
CA LEU C 270 0.47 -36.87 32.80
C LEU C 270 1.63 -37.88 32.79
N PRO C 271 1.32 -39.14 32.56
CA PRO C 271 2.31 -40.19 32.84
C PRO C 271 3.37 -40.34 31.72
N ALA C 272 3.16 -39.65 30.61
CA ALA C 272 4.07 -39.79 29.49
C ALA C 272 4.82 -38.46 29.16
N THR C 273 4.88 -37.55 30.12
CA THR C 273 5.46 -36.28 29.95
C THR C 273 6.66 -36.17 30.88
N THR C 274 7.85 -35.99 30.33
CA THR C 274 9.05 -35.78 31.11
C THR C 274 10.10 -34.99 30.27
N GLY C 275 11.02 -34.40 30.98
CA GLY C 275 11.98 -33.48 30.42
C GLY C 275 11.39 -32.18 29.82
N ASP C 276 10.17 -31.88 30.25
CA ASP C 276 9.33 -31.00 29.53
C ASP C 276 8.89 -29.80 30.34
N ILE C 277 8.15 -28.91 29.68
CA ILE C 277 7.69 -27.64 30.26
C ILE C 277 6.21 -27.48 29.95
N ILE C 278 5.40 -27.31 30.99
CA ILE C 278 3.97 -27.08 30.83
C ILE C 278 3.73 -25.62 31.18
N TYR C 279 3.02 -24.92 30.33
CA TYR C 279 2.83 -23.48 30.44
C TYR C 279 1.51 -23.18 31.12
N ALA C 280 1.56 -22.63 32.31
CA ALA C 280 0.36 -22.22 33.04
C ALA C 280 0.33 -20.70 33.12
N ASP C 281 -0.03 -20.10 31.98
CA ASP C 281 0.11 -18.68 31.72
C ASP C 281 -1.04 -18.08 30.98
N GLY C 282 -2.18 -18.78 31.00
CA GLY C 282 -3.38 -18.29 30.31
C GLY C 282 -3.29 -18.39 28.81
N GLY C 283 -2.29 -19.09 28.33
CA GLY C 283 -1.96 -19.17 26.90
C GLY C 283 -1.23 -17.98 26.35
N ALA C 284 -0.76 -17.08 27.21
CA ALA C 284 -0.10 -15.89 26.72
C ALA C 284 1.07 -16.17 25.76
N HIS C 285 1.87 -17.20 26.05
CA HIS C 285 3.07 -17.45 25.26
C HIS C 285 2.70 -17.98 23.83
N THR C 286 1.42 -18.28 23.59
CA THR C 286 0.96 -18.77 22.27
C THR C 286 0.48 -17.66 21.36
N GLN C 287 0.48 -16.42 21.87
CA GLN C 287 -0.07 -15.28 21.21
C GLN C 287 0.96 -14.15 21.13
N LEU C 288 0.98 -13.50 20.00
CA LEU C 288 2.00 -12.52 19.69
C LEU C 288 1.64 -11.20 20.31
N LEU C 289 0.39 -10.85 20.18
CA LEU C 289 -0.22 -9.62 20.72
C LEU C 289 -1.69 -10.18 20.94
N THR D 22 37.03 -7.49 -4.52
CA THR D 22 36.43 -7.04 -3.23
C THR D 22 35.89 -8.34 -2.48
N GLY D 23 36.55 -8.53 -1.36
CA GLY D 23 36.14 -9.46 -0.40
C GLY D 23 34.97 -8.94 0.47
N LEU D 24 34.33 -9.93 1.06
CA LEU D 24 33.14 -9.74 1.89
C LEU D 24 33.38 -8.82 3.04
N LEU D 25 34.58 -8.83 3.63
CA LEU D 25 34.87 -8.05 4.82
C LEU D 25 35.91 -6.96 4.56
N ASP D 26 36.00 -6.51 3.31
CA ASP D 26 36.99 -5.51 2.94
C ASP D 26 36.89 -4.28 3.83
N GLY D 27 38.00 -3.90 4.42
CA GLY D 27 38.03 -2.67 5.21
C GLY D 27 37.57 -2.91 6.66
N LYS D 28 37.15 -4.10 7.05
CA LYS D 28 36.63 -4.26 8.40
C LYS D 28 37.75 -4.65 9.35
N ARG D 29 37.68 -4.18 10.58
CA ARG D 29 38.60 -4.53 11.66
C ARG D 29 37.81 -5.44 12.61
N ILE D 30 38.31 -6.63 12.80
CA ILE D 30 37.61 -7.68 13.50
C ILE D 30 38.57 -8.33 14.55
N LEU D 31 38.07 -8.45 15.78
CA LEU D 31 38.74 -9.17 16.83
C LEU D 31 38.28 -10.62 16.81
N VAL D 32 39.23 -11.56 16.85
CA VAL D 32 38.91 -12.97 16.90
C VAL D 32 39.61 -13.65 18.07
N SER D 33 38.82 -14.16 19.02
CA SER D 33 39.28 -14.90 20.16
C SER D 33 39.24 -16.39 19.85
N GLY D 34 39.89 -17.22 20.65
CA GLY D 34 39.66 -18.64 20.65
C GLY D 34 40.58 -19.56 19.82
N ILE D 35 41.62 -19.03 19.22
CA ILE D 35 42.61 -19.88 18.56
C ILE D 35 43.50 -20.55 19.57
N ILE D 36 43.58 -21.89 19.48
CA ILE D 36 44.56 -22.64 20.20
C ILE D 36 45.36 -23.57 19.29
N THR D 37 44.73 -24.21 18.31
CA THR D 37 45.45 -24.98 17.30
C THR D 37 44.97 -24.61 15.93
N ASP D 38 45.59 -25.15 14.88
CA ASP D 38 45.07 -24.86 13.53
C ASP D 38 43.81 -25.68 13.16
N SER D 39 43.25 -26.49 14.06
CA SER D 39 41.92 -27.06 13.92
C SER D 39 40.86 -26.20 14.57
N SER D 40 41.25 -25.21 15.37
CA SER D 40 40.27 -24.41 16.09
C SER D 40 39.26 -23.78 15.11
N ILE D 41 37.99 -23.77 15.48
CA ILE D 41 37.00 -23.03 14.68
C ILE D 41 37.48 -21.59 14.46
N ALA D 42 38.00 -20.96 15.51
CA ALA D 42 38.49 -19.61 15.41
C ALA D 42 39.62 -19.42 14.41
N PHE D 43 40.47 -20.43 14.25
CA PHE D 43 41.54 -20.35 13.28
C PHE D 43 40.94 -20.22 11.87
N HIS D 44 39.95 -21.05 11.57
CA HIS D 44 39.31 -21.01 10.28
C HIS D 44 38.48 -19.77 10.07
N ILE D 45 37.86 -19.26 11.12
CA ILE D 45 37.15 -17.98 11.04
C ILE D 45 38.15 -16.90 10.65
N ALA D 46 39.27 -16.88 11.34
CA ALA D 46 40.29 -15.88 11.04
C ALA D 46 40.85 -16.01 9.63
N ARG D 47 41.14 -17.26 9.19
CA ARG D 47 41.66 -17.49 7.86
C ARG D 47 40.69 -16.93 6.81
N VAL D 48 39.43 -17.36 6.90
CA VAL D 48 38.44 -16.91 5.92
C VAL D 48 38.25 -15.38 5.96
N ALA D 49 38.24 -14.83 7.14
CA ALA D 49 38.05 -13.38 7.30
C ALA D 49 39.20 -12.63 6.60
N GLN D 50 40.43 -13.12 6.78
CA GLN D 50 41.56 -12.47 6.11
C GLN D 50 41.47 -12.68 4.62
N GLU D 51 41.08 -13.88 4.16
CA GLU D 51 40.91 -14.06 2.70
C GLU D 51 39.91 -13.08 2.18
N GLN D 52 38.96 -12.62 2.99
CA GLN D 52 37.90 -11.72 2.54
C GLN D 52 38.20 -10.27 2.85
N GLY D 53 39.46 -9.97 3.16
CA GLY D 53 39.93 -8.60 3.27
C GLY D 53 39.85 -7.99 4.66
N ALA D 54 39.49 -8.73 5.72
CA ALA D 54 39.40 -8.15 7.04
C ALA D 54 40.82 -7.92 7.59
N GLN D 55 41.02 -6.93 8.44
CA GLN D 55 42.22 -6.76 9.26
C GLN D 55 41.91 -7.25 10.66
N LEU D 56 42.68 -8.22 11.14
CA LEU D 56 42.36 -8.87 12.42
C LEU D 56 43.19 -8.36 13.62
N VAL D 57 42.60 -8.49 14.79
CA VAL D 57 43.30 -8.48 16.08
C VAL D 57 42.89 -9.82 16.66
N LEU D 58 43.87 -10.58 17.15
CA LEU D 58 43.61 -11.89 17.72
C LEU D 58 43.81 -11.86 19.24
N THR D 59 43.05 -12.69 19.96
CA THR D 59 43.27 -12.87 21.39
C THR D 59 43.45 -14.35 21.68
N GLY D 60 44.32 -14.59 22.65
CA GLY D 60 44.63 -15.92 23.09
C GLY D 60 44.79 -16.05 24.57
N PHE D 61 44.53 -17.28 25.05
CA PHE D 61 44.49 -17.59 26.46
C PHE D 61 45.62 -18.53 26.79
N ASP D 62 46.42 -18.13 27.78
CA ASP D 62 47.29 -19.01 28.48
C ASP D 62 48.54 -19.46 27.71
N ARG D 63 48.44 -20.12 26.56
CA ARG D 63 49.62 -20.72 25.89
C ARG D 63 50.04 -19.80 24.72
N LEU D 64 50.43 -18.58 25.06
CA LEU D 64 50.65 -17.55 24.11
C LEU D 64 51.80 -17.85 23.08
N ARG D 65 52.81 -18.61 23.47
CA ARG D 65 53.84 -18.99 22.54
C ARG D 65 53.32 -19.98 21.53
N LEU D 66 52.58 -20.98 21.99
CA LEU D 66 52.00 -21.94 21.05
C LEU D 66 51.07 -21.16 20.06
N ILE D 67 50.27 -20.25 20.64
CA ILE D 67 49.26 -19.60 19.84
C ILE D 67 49.92 -18.74 18.74
N GLN D 68 50.98 -18.06 19.11
CA GLN D 68 51.75 -17.29 18.17
C GLN D 68 52.30 -18.17 16.99
N ARG D 69 52.84 -19.36 17.27
CA ARG D 69 53.28 -20.26 16.19
C ARG D 69 52.10 -20.67 15.30
N ILE D 70 50.92 -20.88 15.91
CA ILE D 70 49.78 -21.26 15.15
C ILE D 70 49.30 -20.11 14.24
N THR D 71 49.24 -18.89 14.77
CA THR D 71 48.73 -17.76 14.02
C THR D 71 49.71 -17.32 12.96
N ASP D 72 50.97 -17.70 13.06
CA ASP D 72 51.86 -17.53 11.93
C ASP D 72 51.42 -18.29 10.70
N ARG D 73 50.59 -19.32 10.82
CA ARG D 73 50.16 -20.04 9.65
C ARG D 73 48.97 -19.35 8.98
N LEU D 74 48.39 -18.28 9.54
CA LEU D 74 47.30 -17.57 8.92
C LEU D 74 47.82 -16.89 7.71
N PRO D 75 46.92 -16.54 6.77
CA PRO D 75 47.47 -15.93 5.60
C PRO D 75 48.06 -14.53 5.82
N ALA D 76 47.73 -13.80 6.86
CA ALA D 76 48.39 -12.52 7.11
C ALA D 76 48.71 -12.33 8.57
N LYS D 77 49.66 -11.42 8.87
CA LYS D 77 50.08 -11.17 10.28
C LYS D 77 48.96 -10.48 10.92
N ALA D 78 48.78 -10.71 12.19
CA ALA D 78 47.80 -9.99 12.95
C ALA D 78 48.35 -9.87 14.32
N PRO D 79 48.12 -8.76 15.00
CA PRO D 79 48.59 -8.76 16.37
C PRO D 79 47.88 -9.74 17.29
N LEU D 80 48.59 -10.30 18.27
CA LEU D 80 48.02 -11.24 19.23
C LEU D 80 48.03 -10.61 20.61
N LEU D 81 46.89 -10.55 21.28
CA LEU D 81 46.79 -10.01 22.60
C LEU D 81 46.37 -11.09 23.56
N GLU D 82 46.78 -10.96 24.81
CA GLU D 82 46.40 -11.95 25.81
C GLU D 82 45.03 -11.63 26.37
N LEU D 83 44.18 -12.65 26.48
CA LEU D 83 42.92 -12.50 27.18
C LEU D 83 42.46 -13.79 27.81
N ASP D 84 42.40 -13.79 29.11
CA ASP D 84 41.81 -14.84 29.91
C ASP D 84 40.50 -14.18 30.34
N VAL D 85 39.36 -14.69 29.92
CA VAL D 85 38.09 -14.05 30.25
C VAL D 85 37.70 -14.11 31.66
N GLN D 86 38.37 -14.95 32.49
CA GLN D 86 38.18 -14.85 33.98
C GLN D 86 38.99 -13.77 34.65
N ASN D 87 39.87 -13.12 33.92
CA ASN D 87 40.74 -12.11 34.53
C ASN D 87 40.21 -10.71 34.34
N GLU D 88 39.76 -10.09 35.41
CA GLU D 88 39.24 -8.74 35.39
C GLU D 88 40.16 -7.72 34.81
N GLU D 89 41.45 -7.84 35.10
CA GLU D 89 42.42 -6.87 34.61
C GLU D 89 42.57 -6.98 33.14
N HIS D 90 42.57 -8.20 32.61
CA HIS D 90 42.65 -8.37 31.16
C HIS D 90 41.42 -7.69 30.44
N LEU D 91 40.23 -7.87 30.99
CA LEU D 91 38.99 -7.28 30.45
C LEU D 91 39.03 -5.75 30.58
N ALA D 92 39.50 -5.23 31.69
CA ALA D 92 39.51 -3.81 31.89
C ALA D 92 40.52 -3.10 30.99
N SER D 93 41.58 -3.79 30.54
CA SER D 93 42.63 -3.16 29.72
C SER D 93 42.40 -3.51 28.25
N LEU D 94 41.50 -4.42 27.95
CA LEU D 94 41.36 -4.96 26.59
C LEU D 94 41.13 -3.89 25.51
N ALA D 95 40.19 -2.99 25.77
CA ALA D 95 39.85 -1.97 24.74
C ALA D 95 41.05 -1.13 24.42
N GLY D 96 41.74 -0.68 25.47
CA GLY D 96 42.99 0.13 25.33
C GLY D 96 44.08 -0.61 24.52
N ARG D 97 44.25 -1.89 24.80
CA ARG D 97 45.24 -2.68 24.08
C ARG D 97 44.83 -2.95 22.61
N VAL D 98 43.53 -3.16 22.37
CA VAL D 98 43.04 -3.24 20.99
C VAL D 98 43.26 -1.90 20.25
N THR D 99 42.95 -0.81 20.90
CA THR D 99 43.02 0.49 20.26
C THR D 99 44.49 0.78 19.87
N GLU D 100 45.41 0.44 20.76
CA GLU D 100 46.81 0.58 20.44
C GLU D 100 47.22 -0.32 19.27
N ALA D 101 46.74 -1.55 19.18
CA ALA D 101 47.03 -2.37 18.02
C ALA D 101 46.42 -1.86 16.71
N ILE D 102 45.20 -1.36 16.68
CA ILE D 102 44.58 -0.92 15.41
C ILE D 102 44.77 0.54 15.10
N GLY D 103 45.26 1.30 16.06
CA GLY D 103 45.55 2.71 15.83
C GLY D 103 44.50 3.61 16.44
N ALA D 104 44.91 4.64 17.13
CA ALA D 104 44.03 5.60 17.79
C ALA D 104 43.08 6.18 16.74
N GLY D 105 41.84 6.36 17.07
CA GLY D 105 40.85 6.86 16.11
C GLY D 105 40.19 5.75 15.31
N ASN D 106 40.66 4.51 15.36
CA ASN D 106 39.97 3.43 14.64
C ASN D 106 39.25 2.60 15.63
N LYS D 107 38.17 1.99 15.17
CA LYS D 107 37.38 1.13 15.98
C LYS D 107 37.20 -0.20 15.29
N LEU D 108 36.64 -1.16 16.06
CA LEU D 108 36.33 -2.46 15.54
C LEU D 108 34.97 -2.46 14.85
N ASP D 109 34.87 -3.25 13.79
CA ASP D 109 33.60 -3.56 13.15
C ASP D 109 33.06 -4.93 13.56
N GLY D 110 33.91 -5.81 14.08
CA GLY D 110 33.49 -7.14 14.42
C GLY D 110 34.20 -7.68 15.64
N VAL D 111 33.49 -8.56 16.35
CA VAL D 111 34.08 -9.33 17.46
C VAL D 111 33.61 -10.76 17.35
N VAL D 112 34.53 -11.70 17.45
CA VAL D 112 34.17 -13.13 17.44
C VAL D 112 34.59 -13.75 18.78
N HIS D 113 33.57 -14.30 19.47
CA HIS D 113 33.73 -15.08 20.69
C HIS D 113 33.74 -16.54 20.28
N SER D 114 34.90 -17.22 20.40
CA SER D 114 34.99 -18.64 20.01
C SER D 114 35.71 -19.37 21.16
N ILE D 115 35.04 -19.38 22.31
CA ILE D 115 35.67 -19.70 23.58
C ILE D 115 34.72 -20.61 24.36
N GLY D 116 35.29 -21.62 24.99
CA GLY D 116 34.51 -22.45 25.94
C GLY D 116 35.42 -23.26 26.83
N PHE D 117 34.89 -23.72 27.97
CA PHE D 117 35.60 -24.63 28.86
C PHE D 117 34.55 -25.24 29.80
N MET D 118 34.81 -26.48 30.17
CA MET D 118 34.07 -27.13 31.23
C MET D 118 35.05 -28.12 31.88
N PRO D 119 35.11 -28.14 33.21
CA PRO D 119 35.97 -29.14 33.82
C PRO D 119 35.48 -30.57 33.47
N GLN D 120 36.40 -31.50 33.54
CA GLN D 120 36.14 -32.92 33.23
C GLN D 120 34.95 -33.53 34.01
N THR D 121 34.71 -33.05 35.22
CA THR D 121 33.63 -33.56 36.02
C THR D 121 32.26 -33.24 35.36
N GLY D 122 32.24 -32.21 34.53
CA GLY D 122 31.00 -31.78 33.94
C GLY D 122 30.62 -32.32 32.58
N MET D 123 31.38 -33.30 32.08
CA MET D 123 31.27 -33.82 30.72
C MET D 123 31.63 -35.29 30.65
N GLY D 124 31.23 -35.93 29.56
CA GLY D 124 31.73 -37.26 29.26
C GLY D 124 30.98 -38.32 30.01
N ILE D 125 31.70 -39.35 30.49
CA ILE D 125 31.00 -40.42 31.20
C ILE D 125 30.81 -40.12 32.68
N ASN D 126 31.37 -39.04 33.18
CA ASN D 126 31.13 -38.71 34.59
C ASN D 126 29.61 -38.44 34.81
N PRO D 127 29.04 -39.05 35.84
CA PRO D 127 27.61 -38.77 36.11
C PRO D 127 27.26 -37.28 36.22
N PHE D 128 26.21 -36.91 35.54
CA PHE D 128 25.67 -35.56 35.55
C PHE D 128 25.54 -34.98 36.97
N PHE D 129 25.04 -35.77 37.89
CA PHE D 129 24.77 -35.32 39.25
C PHE D 129 26.05 -35.20 40.09
N ASP D 130 27.17 -35.76 39.63
CA ASP D 130 28.38 -35.65 40.43
C ASP D 130 29.23 -34.43 40.11
N ALA D 131 28.88 -33.58 39.19
CA ALA D 131 29.68 -32.38 38.96
C ALA D 131 29.44 -31.35 40.07
N PRO D 132 30.46 -31.00 40.83
CA PRO D 132 30.21 -29.96 41.85
C PRO D 132 29.97 -28.59 41.25
N TYR D 133 29.23 -27.77 41.98
CA TYR D 133 28.86 -26.48 41.42
C TYR D 133 30.11 -25.60 41.12
N ALA D 134 31.13 -25.69 41.91
CA ALA D 134 32.36 -24.89 41.65
C ALA D 134 32.89 -25.17 40.25
N ASP D 135 32.79 -26.42 39.78
CA ASP D 135 33.24 -26.74 38.44
C ASP D 135 32.24 -26.23 37.40
N VAL D 136 30.96 -26.47 37.61
CA VAL D 136 29.94 -26.00 36.66
C VAL D 136 30.03 -24.46 36.53
N SER D 137 30.22 -23.77 37.67
CA SER D 137 30.25 -22.29 37.69
C SER D 137 31.43 -21.77 36.84
N LYS D 138 32.57 -22.42 36.99
CA LYS D 138 33.72 -22.08 36.17
C LYS D 138 33.44 -22.22 34.68
N GLY D 139 32.80 -23.32 34.32
CA GLY D 139 32.43 -23.55 32.91
C GLY D 139 31.45 -22.52 32.39
N ILE D 140 30.45 -22.16 33.20
CA ILE D 140 29.50 -21.18 32.79
C ILE D 140 30.16 -19.78 32.69
N HIS D 141 31.11 -19.51 33.58
CA HIS D 141 31.84 -18.24 33.56
C HIS D 141 32.50 -18.10 32.17
N ILE D 142 33.29 -19.09 31.80
CA ILE D 142 34.07 -19.04 30.55
C ILE D 142 33.22 -19.13 29.31
N SER D 143 32.20 -19.99 29.36
CA SER D 143 31.48 -20.36 28.16
C SER D 143 30.28 -19.48 27.87
N ALA D 144 29.70 -18.82 28.90
CA ALA D 144 28.49 -18.04 28.72
C ALA D 144 28.63 -16.60 29.25
N TYR D 145 28.95 -16.39 30.53
CA TYR D 145 29.09 -15.05 31.04
C TYR D 145 30.10 -14.20 30.24
N SER D 146 31.21 -14.83 29.81
CA SER D 146 32.24 -14.11 29.09
C SER D 146 31.76 -13.49 27.77
N TYR D 147 30.69 -14.00 27.19
CA TYR D 147 30.11 -13.37 25.99
C TYR D 147 29.64 -11.96 26.36
N ALA D 148 29.01 -11.81 27.53
CA ALA D 148 28.64 -10.50 28.02
C ALA D 148 29.83 -9.65 28.40
N SER D 149 30.80 -10.25 29.13
CA SER D 149 31.97 -9.46 29.52
C SER D 149 32.79 -8.95 28.34
N MET D 150 32.90 -9.73 27.28
CA MET D 150 33.59 -9.27 26.07
C MET D 150 32.83 -8.14 25.40
N ALA D 151 31.52 -8.30 25.32
CA ALA D 151 30.69 -7.25 24.73
C ALA D 151 30.82 -5.94 25.53
N LYS D 152 30.82 -6.06 26.85
CA LYS D 152 30.94 -4.94 27.68
C LYS D 152 32.30 -4.19 27.44
N ALA D 153 33.36 -4.97 27.33
CA ALA D 153 34.68 -4.39 27.14
C ALA D 153 34.82 -3.74 25.76
N LEU D 154 34.22 -4.36 24.73
CA LEU D 154 34.46 -3.97 23.34
C LEU D 154 33.43 -3.06 22.68
N LEU D 155 32.18 -3.05 23.15
CA LEU D 155 31.18 -2.19 22.53
C LEU D 155 31.60 -0.72 22.51
N PRO D 156 32.28 -0.22 23.57
CA PRO D 156 32.70 1.17 23.49
C PRO D 156 33.73 1.48 22.40
N ILE D 157 34.35 0.48 21.80
CA ILE D 157 35.22 0.72 20.65
C ILE D 157 34.71 0.00 19.39
N MET D 158 33.39 -0.13 19.26
CA MET D 158 32.80 -0.69 18.01
C MET D 158 32.07 0.39 17.22
N ASN D 159 32.20 0.32 15.92
CA ASN D 159 31.51 1.20 15.00
C ASN D 159 30.04 0.80 14.87
N PRO D 160 29.17 1.79 14.60
CA PRO D 160 27.80 1.46 14.18
C PRO D 160 27.83 0.53 12.97
N GLY D 161 26.88 -0.41 12.86
CA GLY D 161 26.88 -1.33 11.77
C GLY D 161 27.71 -2.60 12.14
N GLY D 162 28.34 -2.63 13.30
CA GLY D 162 29.19 -3.73 13.59
C GLY D 162 28.47 -4.97 14.05
N SER D 163 29.25 -5.98 14.38
CA SER D 163 28.69 -7.34 14.60
C SER D 163 29.50 -8.15 15.61
N ILE D 164 28.79 -8.69 16.60
CA ILE D 164 29.40 -9.59 17.57
C ILE D 164 28.82 -10.99 17.31
N VAL D 165 29.70 -11.99 17.20
CA VAL D 165 29.30 -13.33 16.93
C VAL D 165 29.94 -14.28 17.93
N GLY D 166 29.17 -15.19 18.48
CA GLY D 166 29.66 -16.24 19.34
C GLY D 166 29.31 -17.64 18.80
N MET D 167 29.93 -18.66 19.31
CA MET D 167 29.73 -20.04 18.85
C MET D 167 28.87 -20.84 19.86
N ASP D 168 27.89 -21.54 19.31
CA ASP D 168 26.89 -22.31 20.04
C ASP D 168 26.90 -23.72 19.51
N PHE D 169 26.34 -24.61 20.32
CA PHE D 169 26.10 -26.01 19.92
C PHE D 169 24.71 -26.29 20.48
N ASP D 170 23.79 -26.61 19.58
CA ASP D 170 22.36 -26.61 19.92
C ASP D 170 22.02 -27.36 21.20
N PRO D 171 21.58 -26.64 22.23
CA PRO D 171 21.31 -27.23 23.53
C PRO D 171 19.82 -27.41 23.82
N SER D 172 18.98 -27.31 22.79
CA SER D 172 17.54 -27.33 22.96
CA SER D 172 17.54 -27.32 22.97
C SER D 172 17.05 -28.71 23.44
N ARG D 173 17.89 -29.79 23.23
CA ARG D 173 17.51 -31.11 23.68
C ARG D 173 18.72 -31.67 24.45
N ALA D 174 18.48 -32.48 25.50
CA ALA D 174 19.60 -33.10 26.14
C ALA D 174 20.22 -34.21 25.21
N MET D 175 21.43 -34.62 25.55
CA MET D 175 22.19 -35.53 24.78
C MET D 175 23.28 -36.21 25.65
N PRO D 176 23.82 -37.33 25.18
CA PRO D 176 24.90 -37.95 25.98
C PRO D 176 26.13 -37.08 26.03
N ALA D 177 26.86 -37.15 27.15
CA ALA D 177 28.24 -36.63 27.32
C ALA D 177 28.40 -35.13 27.40
N TYR D 178 27.62 -34.37 26.64
CA TYR D 178 27.82 -32.91 26.63
C TYR D 178 27.40 -32.29 27.96
N ASN D 179 26.47 -32.93 28.63
CA ASN D 179 26.18 -32.70 30.04
C ASN D 179 26.10 -31.26 30.41
N TRP D 180 26.95 -30.79 31.33
CA TRP D 180 26.85 -29.41 31.84
C TRP D 180 27.27 -28.37 30.77
N MET D 181 28.02 -28.78 29.75
CA MET D 181 28.29 -27.79 28.65
C MET D 181 26.97 -27.46 27.95
N THR D 182 26.04 -28.44 27.88
CA THR D 182 24.74 -28.18 27.29
C THR D 182 24.04 -27.03 28.08
N VAL D 183 24.17 -27.11 29.38
CA VAL D 183 23.56 -26.10 30.26
C VAL D 183 24.24 -24.75 30.04
N ALA D 184 25.54 -24.76 29.90
CA ALA D 184 26.28 -23.52 29.61
C ALA D 184 25.85 -22.89 28.25
N LYS D 185 25.64 -23.70 27.25
CA LYS D 185 25.16 -23.23 25.97
C LYS D 185 23.72 -22.65 26.04
N SER D 186 22.85 -23.29 26.79
CA SER D 186 21.52 -22.74 27.02
C SER D 186 21.65 -21.36 27.68
N ALA D 187 22.53 -21.23 28.66
CA ALA D 187 22.78 -19.94 29.28
C ALA D 187 23.32 -18.94 28.26
N LEU D 188 24.26 -19.37 27.42
CA LEU D 188 24.83 -18.49 26.40
C LEU D 188 23.75 -17.95 25.45
N GLU D 189 22.84 -18.81 25.03
CA GLU D 189 21.76 -18.36 24.15
C GLU D 189 20.97 -17.22 24.78
N SER D 190 20.68 -17.38 26.08
CA SER D 190 19.91 -16.38 26.79
C SER D 190 20.77 -15.07 26.91
N VAL D 191 22.04 -15.24 27.22
CA VAL D 191 22.96 -14.12 27.32
C VAL D 191 23.01 -13.31 26.00
N ASN D 192 23.10 -14.01 24.88
CA ASN D 192 23.12 -13.40 23.55
C ASN D 192 21.91 -12.47 23.32
N ARG D 193 20.74 -12.89 23.76
CA ARG D 193 19.54 -12.10 23.58
C ARG D 193 19.60 -10.77 24.39
N PHE D 194 20.20 -10.83 25.58
CA PHE D 194 20.43 -9.60 26.36
C PHE D 194 21.56 -8.72 25.82
N VAL D 195 22.64 -9.36 25.31
CA VAL D 195 23.71 -8.64 24.71
C VAL D 195 23.17 -7.87 23.52
N ALA D 196 22.27 -8.48 22.77
CA ALA D 196 21.64 -7.81 21.66
C ALA D 196 20.93 -6.53 22.05
N ARG D 197 20.23 -6.55 23.18
CA ARG D 197 19.59 -5.31 23.66
C ARG D 197 20.60 -4.23 23.96
N GLU D 198 21.74 -4.58 24.55
CA GLU D 198 22.79 -3.53 24.85
C GLU D 198 23.44 -3.10 23.59
N ALA D 199 23.79 -4.05 22.74
CA ALA D 199 24.51 -3.75 21.51
C ALA D 199 23.71 -2.88 20.52
N GLY D 200 22.40 -3.02 20.58
CA GLY D 200 21.55 -2.23 19.71
C GLY D 200 21.69 -0.76 19.94
N LYS D 201 21.98 -0.34 21.16
CA LYS D 201 22.19 1.11 21.47
C LYS D 201 23.41 1.66 20.72
N TYR D 202 24.35 0.81 20.30
CA TYR D 202 25.51 1.20 19.53
C TYR D 202 25.37 0.92 18.04
N GLY D 203 24.19 0.50 17.58
CA GLY D 203 24.05 0.09 16.20
C GLY D 203 24.73 -1.23 15.90
N VAL D 204 24.94 -2.10 16.89
CA VAL D 204 25.65 -3.33 16.72
C VAL D 204 24.74 -4.54 16.93
N ARG D 205 24.94 -5.55 16.10
CA ARG D 205 24.22 -6.82 16.15
C ARG D 205 24.98 -7.82 17.01
N SER D 206 24.23 -8.74 17.61
CA SER D 206 24.82 -9.87 18.37
C SER D 206 24.08 -11.11 17.97
N ASN D 207 24.81 -12.13 17.57
CA ASN D 207 24.24 -13.39 17.16
C ASN D 207 25.18 -14.55 17.48
N LEU D 208 24.61 -15.74 17.57
CA LEU D 208 25.40 -16.96 17.66
C LEU D 208 25.29 -17.80 16.41
N VAL D 209 26.36 -18.53 16.15
CA VAL D 209 26.32 -19.58 15.12
C VAL D 209 26.30 -20.92 15.83
N ALA D 210 25.23 -21.67 15.62
CA ALA D 210 25.13 -23.04 16.20
C ALA D 210 25.72 -23.96 15.14
N ALA D 211 26.96 -24.41 15.36
CA ALA D 211 27.66 -25.18 14.34
C ALA D 211 27.45 -26.64 14.58
N GLY D 212 27.47 -27.40 13.51
CA GLY D 212 27.64 -28.80 13.61
C GLY D 212 29.03 -29.17 14.16
N PRO D 213 29.22 -30.47 14.45
CA PRO D 213 30.47 -30.88 15.09
C PRO D 213 31.70 -30.76 14.20
N ILE D 214 32.79 -30.26 14.78
CA ILE D 214 34.06 -30.11 14.03
C ILE D 214 35.17 -30.71 14.95
N ARG D 215 36.06 -31.45 14.33
CA ARG D 215 37.10 -32.09 15.13
C ARG D 215 38.14 -31.07 15.58
N THR D 216 38.05 -30.67 16.82
CA THR D 216 38.93 -29.69 17.45
C THR D 216 39.57 -30.27 18.71
N LEU D 217 40.50 -29.50 19.28
CA LEU D 217 41.07 -29.90 20.53
C LEU D 217 39.99 -30.08 21.59
N ALA D 218 39.08 -29.15 21.68
CA ALA D 218 38.01 -29.30 22.71
C ALA D 218 37.14 -30.56 22.47
N MET D 219 36.85 -30.88 21.22
CA MET D 219 36.05 -32.05 20.95
CA MET D 219 36.05 -32.05 20.95
C MET D 219 36.73 -33.28 21.58
N SER D 220 38.02 -33.43 21.36
CA SER D 220 38.65 -34.59 21.92
C SER D 220 38.75 -34.59 23.48
N ALA D 221 38.54 -33.47 24.16
CA ALA D 221 38.47 -33.42 25.63
C ALA D 221 37.11 -33.78 26.23
N ILE D 222 36.04 -33.64 25.48
CA ILE D 222 34.71 -33.96 25.99
C ILE D 222 34.65 -35.36 26.64
N VAL D 223 35.17 -36.37 25.97
CA VAL D 223 35.31 -37.68 26.58
C VAL D 223 36.78 -37.95 27.00
N GLY D 224 37.73 -37.97 26.04
CA GLY D 224 39.24 -38.47 26.35
C GLY D 224 40.16 -38.65 25.09
N ALA D 231 35.04 -42.29 22.57
CA ALA D 231 35.76 -41.95 21.25
C ALA D 231 35.10 -42.55 20.03
N GLY D 232 35.16 -43.92 19.76
CA GLY D 232 34.44 -44.57 18.61
C GLY D 232 32.94 -44.29 18.76
N ALA D 233 32.39 -44.48 19.96
CA ALA D 233 30.98 -44.16 20.26
C ALA D 233 30.66 -42.69 20.07
N GLN D 234 31.58 -41.82 20.39
CA GLN D 234 31.39 -40.39 20.18
C GLN D 234 31.24 -40.09 18.70
N ILE D 235 32.14 -40.60 17.88
CA ILE D 235 32.03 -40.34 16.48
C ILE D 235 30.73 -40.90 15.90
N GLN D 236 30.35 -42.09 16.30
CA GLN D 236 29.10 -42.68 15.80
C GLN D 236 27.87 -41.80 16.16
N LEU D 237 27.78 -41.34 17.40
CA LEU D 237 26.69 -40.44 17.83
C LEU D 237 26.70 -39.14 17.01
N LEU D 238 27.89 -38.60 16.76
CA LEU D 238 27.97 -37.38 15.99
C LEU D 238 27.54 -37.62 14.51
N GLU D 239 27.89 -38.74 13.94
CA GLU D 239 27.43 -39.12 12.61
C GLU D 239 25.89 -39.31 12.55
N GLU D 240 25.33 -39.91 13.56
CA GLU D 240 23.87 -40.09 13.66
C GLU D 240 23.12 -38.75 13.82
N GLY D 241 23.63 -37.91 14.68
CA GLY D 241 23.02 -36.62 14.99
C GLY D 241 23.10 -35.56 13.88
N TRP D 242 24.17 -35.62 13.08
CA TRP D 242 24.48 -34.62 12.12
C TRP D 242 24.50 -35.16 10.69
N ASP D 243 25.58 -35.77 10.25
CA ASP D 243 25.65 -36.15 8.84
C ASP D 243 24.45 -36.96 8.33
N GLN D 244 23.98 -37.92 9.13
CA GLN D 244 22.82 -38.74 8.77
C GLN D 244 21.52 -37.93 8.67
N ARG D 245 21.36 -36.87 9.45
CA ARG D 245 20.14 -36.09 9.45
C ARG D 245 20.22 -34.95 8.44
N ALA D 246 21.42 -34.44 8.17
CA ALA D 246 21.61 -33.24 7.34
C ALA D 246 21.25 -33.52 5.87
N PRO D 247 20.31 -32.75 5.30
CA PRO D 247 20.00 -32.97 3.88
C PRO D 247 21.17 -32.72 2.97
N ILE D 248 22.13 -31.89 3.36
CA ILE D 248 23.27 -31.66 2.49
C ILE D 248 24.50 -32.32 3.06
N GLY D 249 24.36 -33.19 4.06
CA GLY D 249 25.52 -33.86 4.67
C GLY D 249 26.28 -32.93 5.63
N TRP D 250 27.20 -33.53 6.32
CA TRP D 250 28.02 -32.82 7.30
C TRP D 250 29.39 -33.49 7.40
N ASN D 251 30.46 -32.72 7.23
CA ASN D 251 31.82 -33.23 7.32
C ASN D 251 32.53 -32.57 8.50
N MET D 252 32.77 -33.34 9.52
CA MET D 252 33.38 -32.85 10.75
C MET D 252 34.86 -32.46 10.58
N LYS D 253 35.49 -32.81 9.48
CA LYS D 253 36.87 -32.43 9.24
C LYS D 253 36.94 -31.10 8.50
N ASP D 254 35.84 -30.52 8.10
CA ASP D 254 35.86 -29.30 7.30
C ASP D 254 35.17 -28.15 8.03
N ALA D 255 35.96 -27.27 8.58
CA ALA D 255 35.49 -26.09 9.32
C ALA D 255 35.02 -24.93 8.41
N THR D 256 35.36 -25.00 7.13
CA THR D 256 35.12 -23.88 6.22
C THR D 256 33.64 -23.37 6.22
N PRO D 257 32.68 -24.30 6.15
CA PRO D 257 31.27 -23.83 6.08
C PRO D 257 30.86 -23.05 7.33
N VAL D 258 31.41 -23.46 8.49
CA VAL D 258 31.17 -22.79 9.75
C VAL D 258 31.82 -21.37 9.70
N ALA D 259 33.07 -21.35 9.29
CA ALA D 259 33.80 -20.08 9.18
C ALA D 259 33.12 -19.09 8.27
N LYS D 260 32.64 -19.60 7.13
CA LYS D 260 31.93 -18.73 6.16
C LYS D 260 30.68 -18.16 6.77
N THR D 261 29.94 -18.97 7.52
CA THR D 261 28.74 -18.51 8.17
C THR D 261 29.02 -17.40 9.18
N VAL D 262 30.09 -17.55 9.96
CA VAL D 262 30.47 -16.47 10.89
C VAL D 262 30.77 -15.18 10.12
N CYS D 263 31.52 -15.31 9.01
CA CYS D 263 31.88 -14.20 8.14
C CYS D 263 30.60 -13.55 7.56
N ALA D 264 29.58 -14.34 7.23
CA ALA D 264 28.33 -13.78 6.74
C ALA D 264 27.69 -12.86 7.78
N LEU D 265 27.70 -13.31 9.05
CA LEU D 265 27.19 -12.50 10.16
C LEU D 265 28.05 -11.25 10.41
N LEU D 266 29.35 -11.35 10.20
CA LEU D 266 30.23 -10.19 10.38
C LEU D 266 30.07 -9.14 9.25
N SER D 267 29.53 -9.57 8.10
CA SER D 267 29.40 -8.75 6.95
C SER D 267 28.18 -7.87 7.08
N ASP D 268 27.89 -7.11 6.03
CA ASP D 268 26.76 -6.27 5.95
C ASP D 268 25.57 -6.97 5.36
N TRP D 269 25.63 -8.32 5.19
CA TRP D 269 24.59 -9.07 4.40
C TRP D 269 23.52 -9.71 5.26
N LEU D 270 23.61 -9.59 6.58
CA LEU D 270 22.57 -9.96 7.49
C LEU D 270 22.27 -8.80 8.40
N PRO D 271 21.80 -7.70 7.82
CA PRO D 271 21.77 -6.44 8.63
C PRO D 271 20.55 -6.35 9.54
N ALA D 272 19.61 -7.29 9.38
CA ALA D 272 18.41 -7.22 10.20
C ALA D 272 18.25 -8.40 11.17
N THR D 273 19.35 -9.07 11.47
CA THR D 273 19.34 -10.24 12.30
C THR D 273 20.15 -9.93 13.56
N THR D 274 19.51 -10.01 14.73
CA THR D 274 20.20 -9.82 16.00
C THR D 274 19.45 -10.57 17.11
N GLY D 275 20.15 -10.81 18.18
CA GLY D 275 19.70 -11.62 19.29
C GLY D 275 19.41 -13.09 18.92
N ASP D 276 20.01 -13.53 17.81
CA ASP D 276 19.52 -14.68 17.12
C ASP D 276 20.61 -15.76 17.00
N ILE D 277 20.21 -16.89 16.42
CA ILE D 277 21.04 -18.07 16.24
C ILE D 277 20.90 -18.54 14.80
N ILE D 278 22.04 -18.65 14.10
CA ILE D 278 22.05 -19.17 12.75
C ILE D 278 22.68 -20.56 12.87
N TYR D 279 22.05 -21.53 12.25
CA TYR D 279 22.45 -22.92 12.33
C TYR D 279 23.31 -23.27 11.12
N ALA D 280 24.57 -23.57 11.38
CA ALA D 280 25.48 -24.02 10.33
C ALA D 280 25.82 -25.50 10.62
N ASP D 281 24.88 -26.36 10.27
CA ASP D 281 24.88 -27.74 10.68
C ASP D 281 24.37 -28.70 9.62
N GLY D 282 24.39 -28.24 8.37
CA GLY D 282 23.93 -29.07 7.28
C GLY D 282 22.39 -29.25 7.22
N GLY D 283 21.70 -28.50 8.05
CA GLY D 283 20.27 -28.61 8.24
C GLY D 283 19.87 -29.76 9.18
N ALA D 284 20.82 -30.35 9.88
CA ALA D 284 20.50 -31.48 10.73
C ALA D 284 19.40 -31.21 11.74
N HIS D 285 19.40 -30.04 12.34
CA HIS D 285 18.45 -29.72 13.40
C HIS D 285 17.00 -29.57 12.82
N THR D 286 16.85 -29.55 11.51
CA THR D 286 15.49 -29.44 10.89
C THR D 286 14.88 -30.78 10.55
N GLN D 287 15.61 -31.86 10.82
CA GLN D 287 15.24 -33.21 10.45
C GLN D 287 15.24 -34.11 11.69
N LEU D 288 14.20 -34.88 11.85
CA LEU D 288 14.03 -35.67 13.06
C LEU D 288 14.91 -36.92 13.01
N LEU D 289 14.86 -37.54 11.84
CA LEU D 289 15.61 -38.73 11.47
C LEU D 289 15.98 -38.50 10.01
N THR E 22 -38.04 12.86 -41.12
CA THR E 22 -37.10 13.37 -42.15
C THR E 22 -37.10 15.00 -42.43
N GLY E 23 -36.08 15.33 -43.19
CA GLY E 23 -35.81 16.63 -43.56
C GLY E 23 -35.19 17.54 -42.59
N LEU E 24 -34.16 17.21 -41.80
CA LEU E 24 -33.54 18.16 -40.91
C LEU E 24 -33.01 19.44 -41.59
N LEU E 25 -32.54 19.33 -42.82
CA LEU E 25 -31.95 20.44 -43.54
C LEU E 25 -32.78 20.84 -44.78
N ASP E 26 -34.07 20.56 -44.74
CA ASP E 26 -34.92 20.83 -45.89
C ASP E 26 -34.85 22.26 -46.34
N GLY E 27 -34.54 22.48 -47.60
CA GLY E 27 -34.50 23.80 -48.16
C GLY E 27 -33.21 24.55 -47.88
N LYS E 28 -32.25 23.98 -47.19
CA LYS E 28 -31.04 24.75 -46.86
C LYS E 28 -30.02 24.57 -47.99
N ARG E 29 -29.27 25.61 -48.29
CA ARG E 29 -28.20 25.59 -49.29
C ARG E 29 -26.89 25.61 -48.47
N ILE E 30 -26.10 24.53 -48.63
CA ILE E 30 -24.95 24.30 -47.82
C ILE E 30 -23.74 24.01 -48.72
N LEU E 31 -22.63 24.71 -48.46
CA LEU E 31 -21.36 24.43 -49.09
C LEU E 31 -20.59 23.44 -48.25
N VAL E 32 -20.06 22.42 -48.90
CA VAL E 32 -19.22 21.41 -48.25
C VAL E 32 -17.90 21.26 -48.95
N SER E 33 -16.83 21.61 -48.24
CA SER E 33 -15.46 21.40 -48.71
C SER E 33 -14.92 20.11 -48.21
N GLY E 34 -13.80 19.65 -48.79
CA GLY E 34 -13.03 18.56 -48.17
C GLY E 34 -13.25 17.12 -48.58
N ILE E 35 -14.05 16.91 -49.63
CA ILE E 35 -14.19 15.59 -50.22
C ILE E 35 -12.96 15.31 -51.07
N ILE E 36 -12.29 14.18 -50.77
CA ILE E 36 -11.30 13.64 -51.67
C ILE E 36 -11.56 12.17 -52.00
N THR E 37 -12.04 11.36 -51.06
CA THR E 37 -12.44 9.98 -51.34
C THR E 37 -13.80 9.74 -50.71
N ASP E 38 -14.40 8.59 -50.95
CA ASP E 38 -15.65 8.27 -50.27
C ASP E 38 -15.52 7.83 -48.81
N SER E 39 -14.29 7.84 -48.25
CA SER E 39 -14.08 7.73 -46.83
C SER E 39 -13.99 9.09 -46.14
N SER E 40 -13.85 10.14 -46.90
CA SER E 40 -13.65 11.49 -46.33
C SER E 40 -14.80 11.82 -45.37
N ILE E 41 -14.49 12.42 -44.26
CA ILE E 41 -15.56 12.89 -43.37
C ILE E 41 -16.54 13.77 -44.15
N ALA E 42 -16.03 14.65 -45.00
CA ALA E 42 -16.86 15.51 -45.79
C ALA E 42 -17.82 14.77 -46.74
N PHE E 43 -17.40 13.63 -47.25
CA PHE E 43 -18.28 12.84 -48.09
C PHE E 43 -19.52 12.40 -47.28
N HIS E 44 -19.29 11.92 -46.06
CA HIS E 44 -20.36 11.49 -45.23
C HIS E 44 -21.25 12.65 -44.72
N ILE E 45 -20.63 13.80 -44.49
CA ILE E 45 -21.38 14.99 -44.14
C ILE E 45 -22.31 15.33 -45.30
N ALA E 46 -21.78 15.35 -46.49
CA ALA E 46 -22.56 15.64 -47.68
C ALA E 46 -23.69 14.61 -47.92
N ARG E 47 -23.38 13.32 -47.76
CA ARG E 47 -24.38 12.28 -47.92
C ARG E 47 -25.55 12.50 -46.96
N VAL E 48 -25.23 12.63 -45.68
CA VAL E 48 -26.27 12.78 -44.67
C VAL E 48 -27.07 14.08 -44.93
N ALA E 49 -26.37 15.16 -45.29
CA ALA E 49 -27.03 16.42 -45.51
C ALA E 49 -28.05 16.30 -46.68
N GLN E 50 -27.65 15.60 -47.75
CA GLN E 50 -28.58 15.38 -48.87
C GLN E 50 -29.69 14.46 -48.45
N GLU E 51 -29.43 13.43 -47.67
CA GLU E 51 -30.54 12.58 -47.18
C GLU E 51 -31.53 13.45 -46.42
N GLN E 52 -31.09 14.54 -45.79
CA GLN E 52 -31.93 15.37 -44.96
C GLN E 52 -32.47 16.59 -45.70
N GLY E 53 -32.34 16.57 -47.03
CA GLY E 53 -33.00 17.55 -47.87
C GLY E 53 -32.17 18.78 -48.22
N ALA E 54 -30.88 18.84 -47.88
CA ALA E 54 -30.09 20.03 -48.19
C ALA E 54 -29.78 20.04 -49.71
N GLN E 55 -29.61 21.21 -50.29
CA GLN E 55 -29.05 21.39 -51.65
C GLN E 55 -27.59 21.81 -51.45
N LEU E 56 -26.66 21.04 -51.97
CA LEU E 56 -25.25 21.26 -51.75
C LEU E 56 -24.53 21.94 -52.90
N VAL E 57 -23.46 22.69 -52.53
CA VAL E 57 -22.42 23.14 -53.43
C VAL E 57 -21.20 22.49 -52.81
N LEU E 58 -20.38 21.83 -53.61
CA LEU E 58 -19.20 21.15 -53.16
C LEU E 58 -17.93 21.89 -53.65
N THR E 59 -16.87 21.84 -52.80
CA THR E 59 -15.55 22.31 -53.24
C THR E 59 -14.54 21.23 -53.09
N GLY E 60 -13.60 21.23 -54.02
CA GLY E 60 -12.51 20.28 -54.02
C GLY E 60 -11.21 20.90 -54.42
N PHE E 61 -10.13 20.22 -53.96
CA PHE E 61 -8.75 20.73 -54.13
C PHE E 61 -8.00 19.80 -55.02
N ASP E 62 -7.40 20.38 -56.05
CA ASP E 62 -6.35 19.74 -56.80
C ASP E 62 -6.79 18.58 -57.73
N ARG E 63 -7.41 17.52 -57.25
CA ARG E 63 -7.66 16.32 -58.10
C ARG E 63 -9.16 16.33 -58.48
N LEU E 64 -9.51 17.30 -59.29
CA LEU E 64 -10.93 17.55 -59.55
C LEU E 64 -11.60 16.44 -60.37
N ARG E 65 -10.88 15.71 -61.18
CA ARG E 65 -11.49 14.58 -61.92
C ARG E 65 -11.78 13.47 -60.96
N LEU E 66 -10.83 13.14 -60.05
CA LEU E 66 -11.15 12.11 -59.08
C LEU E 66 -12.37 12.54 -58.23
N ILE E 67 -12.37 13.80 -57.82
CA ILE E 67 -13.36 14.28 -56.87
C ILE E 67 -14.75 14.20 -57.52
N GLN E 68 -14.83 14.58 -58.77
CA GLN E 68 -16.07 14.45 -59.52
C GLN E 68 -16.59 12.98 -59.56
N ARG E 69 -15.72 11.99 -59.82
CA ARG E 69 -16.14 10.57 -59.75
C ARG E 69 -16.63 10.20 -58.39
N ILE E 70 -15.98 10.72 -57.33
CA ILE E 70 -16.37 10.42 -55.99
C ILE E 70 -17.76 11.03 -55.68
N THR E 71 -17.97 12.28 -56.04
CA THR E 71 -19.22 12.96 -55.72
C THR E 71 -20.37 12.44 -56.54
N ASP E 72 -20.10 11.78 -57.65
CA ASP E 72 -21.14 11.04 -58.32
C ASP E 72 -21.73 9.93 -57.48
N ARG E 73 -21.08 9.47 -56.44
CA ARG E 73 -21.64 8.42 -55.61
C ARG E 73 -22.58 8.99 -54.55
N LEU E 74 -22.67 10.32 -54.39
CA LEU E 74 -23.57 10.91 -53.40
C LEU E 74 -24.97 10.67 -53.87
N PRO E 75 -25.93 10.78 -52.95
CA PRO E 75 -27.28 10.48 -53.44
C PRO E 75 -27.84 11.50 -54.42
N ALA E 76 -27.33 12.73 -54.51
CA ALA E 76 -27.86 13.66 -55.51
C ALA E 76 -26.75 14.46 -56.15
N LYS E 77 -27.02 15.08 -57.28
CA LYS E 77 -25.98 15.82 -58.05
C LYS E 77 -25.74 17.06 -57.29
N ALA E 78 -24.55 17.57 -57.36
CA ALA E 78 -24.29 18.84 -56.73
C ALA E 78 -23.23 19.48 -57.55
N PRO E 79 -23.24 20.76 -57.71
CA PRO E 79 -22.12 21.34 -58.43
C PRO E 79 -20.79 21.27 -57.65
N LEU E 80 -19.67 21.11 -58.35
CA LEU E 80 -18.35 21.04 -57.77
C LEU E 80 -17.52 22.22 -58.19
N LEU E 81 -16.96 22.98 -57.25
CA LEU E 81 -16.15 24.11 -57.54
C LEU E 81 -14.72 23.86 -57.07
N GLU E 82 -13.75 24.46 -57.76
CA GLU E 82 -12.37 24.28 -57.31
C GLU E 82 -12.03 25.26 -56.21
N LEU E 83 -11.37 24.78 -55.15
CA LEU E 83 -10.87 25.68 -54.11
C LEU E 83 -9.63 25.10 -53.44
N ASP E 84 -8.53 25.77 -53.62
CA ASP E 84 -7.27 25.51 -52.95
C ASP E 84 -7.23 26.72 -51.97
N VAL E 85 -7.29 26.44 -50.67
CA VAL E 85 -7.35 27.54 -49.69
C VAL E 85 -6.09 28.35 -49.58
N GLN E 86 -4.96 27.89 -50.17
CA GLN E 86 -3.75 28.74 -50.28
C GLN E 86 -3.78 29.69 -51.47
N ASN E 87 -4.76 29.56 -52.33
CA ASN E 87 -4.79 30.37 -53.55
C ASN E 87 -5.71 31.59 -53.38
N GLU E 88 -5.12 32.76 -53.33
CA GLU E 88 -5.89 33.99 -53.16
C GLU E 88 -6.92 34.23 -54.23
N GLU E 89 -6.63 33.87 -55.46
CA GLU E 89 -7.58 34.09 -56.53
C GLU E 89 -8.79 33.20 -56.35
N HIS E 90 -8.57 31.97 -55.95
CA HIS E 90 -9.70 31.07 -55.68
C HIS E 90 -10.66 31.65 -54.56
N LEU E 91 -10.06 32.17 -53.49
CA LEU E 91 -10.79 32.76 -52.38
C LEU E 91 -11.52 34.04 -52.83
N ALA E 92 -10.88 34.87 -53.64
CA ALA E 92 -11.48 36.11 -54.04
C ALA E 92 -12.65 35.88 -55.02
N SER E 93 -12.67 34.77 -55.76
CA SER E 93 -13.72 34.51 -56.77
C SER E 93 -14.78 33.55 -56.17
N LEU E 94 -14.52 32.98 -55.00
CA LEU E 94 -15.38 31.91 -54.47
C LEU E 94 -16.88 32.29 -54.34
N ALA E 95 -17.14 33.46 -53.77
CA ALA E 95 -18.54 33.86 -53.50
C ALA E 95 -19.26 33.99 -54.83
N GLY E 96 -18.62 34.65 -55.80
CA GLY E 96 -19.20 34.81 -57.14
C GLY E 96 -19.47 33.46 -57.84
N ARG E 97 -18.58 32.51 -57.69
CA ARG E 97 -18.78 31.18 -58.27
C ARG E 97 -19.88 30.39 -57.55
N VAL E 98 -19.98 30.53 -56.23
CA VAL E 98 -21.09 29.95 -55.49
C VAL E 98 -22.43 30.58 -55.94
N THR E 99 -22.45 31.91 -56.08
CA THR E 99 -23.69 32.55 -56.41
C THR E 99 -24.15 32.14 -57.79
N GLU E 100 -23.23 31.99 -58.70
CA GLU E 100 -23.55 31.47 -60.04
C GLU E 100 -24.09 30.04 -59.96
N ALA E 101 -23.55 29.17 -59.13
CA ALA E 101 -24.14 27.85 -58.98
C ALA E 101 -25.53 27.85 -58.32
N ILE E 102 -25.79 28.63 -57.28
CA ILE E 102 -27.12 28.59 -56.60
C ILE E 102 -28.10 29.59 -57.08
N GLY E 103 -27.66 30.50 -57.93
CA GLY E 103 -28.62 31.50 -58.52
C GLY E 103 -28.46 32.85 -57.85
N ALA E 104 -28.38 33.88 -58.67
CA ALA E 104 -28.10 35.24 -58.19
C ALA E 104 -29.25 35.64 -57.23
N GLY E 105 -28.92 36.28 -56.13
CA GLY E 105 -29.95 36.62 -55.16
C GLY E 105 -30.20 35.53 -54.11
N ASN E 106 -29.71 34.32 -54.27
CA ASN E 106 -29.75 33.34 -53.22
C ASN E 106 -28.54 33.27 -52.42
N LYS E 107 -28.68 32.82 -51.17
CA LYS E 107 -27.56 32.75 -50.31
C LYS E 107 -27.45 31.40 -49.68
N LEU E 108 -26.30 31.15 -49.06
CA LEU E 108 -26.03 29.94 -48.33
C LEU E 108 -26.57 30.01 -46.93
N ASP E 109 -27.05 28.87 -46.45
CA ASP E 109 -27.40 28.69 -45.05
C ASP E 109 -26.31 27.97 -44.25
N GLY E 110 -25.42 27.29 -44.93
CA GLY E 110 -24.41 26.51 -44.21
C GLY E 110 -23.11 26.44 -44.96
N VAL E 111 -22.01 26.35 -44.22
CA VAL E 111 -20.69 26.16 -44.78
C VAL E 111 -19.98 25.12 -43.92
N VAL E 112 -19.39 24.10 -44.54
CA VAL E 112 -18.62 23.13 -43.85
C VAL E 112 -17.16 23.17 -44.34
N HIS E 113 -16.27 23.41 -43.36
CA HIS E 113 -14.83 23.35 -43.54
C HIS E 113 -14.38 22.00 -43.08
N SER E 114 -13.93 21.13 -44.01
CA SER E 114 -13.47 19.78 -43.64
C SER E 114 -12.13 19.56 -44.35
N ILE E 115 -11.16 20.38 -43.98
CA ILE E 115 -9.93 20.56 -44.67
C ILE E 115 -8.79 20.57 -43.66
N GLY E 116 -7.75 19.84 -43.99
CA GLY E 116 -6.51 19.91 -43.22
C GLY E 116 -5.33 19.37 -43.99
N PHE E 117 -4.14 19.76 -43.55
CA PHE E 117 -2.90 19.23 -44.06
C PHE E 117 -1.79 19.56 -43.10
N MET E 118 -0.84 18.67 -42.98
CA MET E 118 0.41 18.91 -42.30
C MET E 118 1.44 18.06 -43.01
N PRO E 119 2.60 18.64 -43.36
CA PRO E 119 3.63 17.79 -43.95
C PRO E 119 4.05 16.68 -42.99
N GLN E 120 4.51 15.54 -43.53
CA GLN E 120 4.94 14.41 -42.72
C GLN E 120 6.04 14.76 -41.72
N THR E 121 6.87 15.73 -41.95
CA THR E 121 7.89 16.12 -41.02
C THR E 121 7.28 16.65 -39.72
N GLY E 122 6.04 17.13 -39.79
CA GLY E 122 5.33 17.62 -38.63
C GLY E 122 4.59 16.62 -37.75
N MET E 123 4.66 15.33 -38.05
CA MET E 123 3.87 14.25 -37.53
C MET E 123 4.62 12.98 -37.30
N GLY E 124 4.04 12.05 -36.60
CA GLY E 124 4.49 10.66 -36.59
C GLY E 124 5.70 10.49 -35.65
N ILE E 125 6.65 9.65 -36.09
CA ILE E 125 7.88 9.46 -35.42
C ILE E 125 8.92 10.46 -35.83
N ASN E 126 8.66 11.32 -36.78
CA ASN E 126 9.64 12.38 -37.08
C ASN E 126 9.78 13.30 -35.86
N PRO E 127 11.01 13.57 -35.39
CA PRO E 127 11.15 14.38 -34.20
C PRO E 127 10.43 15.71 -34.23
N PHE E 128 9.70 16.04 -33.17
CA PHE E 128 8.94 17.26 -33.05
C PHE E 128 9.82 18.50 -33.36
N PHE E 129 11.03 18.52 -32.85
CA PHE E 129 11.92 19.68 -33.02
C PHE E 129 12.51 19.77 -34.41
N ASP E 130 12.43 18.70 -35.21
CA ASP E 130 13.03 18.76 -36.54
C ASP E 130 12.07 19.24 -37.60
N ALA E 131 10.79 19.54 -37.29
CA ALA E 131 9.90 20.03 -38.32
C ALA E 131 10.26 21.48 -38.66
N PRO E 132 10.67 21.77 -39.89
CA PRO E 132 11.02 23.19 -40.15
C PRO E 132 9.77 24.07 -40.17
N TYR E 133 9.97 25.34 -39.85
CA TYR E 133 8.83 26.21 -39.76
C TYR E 133 8.06 26.33 -41.10
N ALA E 134 8.76 26.30 -42.20
CA ALA E 134 8.06 26.38 -43.51
C ALA E 134 7.02 25.24 -43.64
N ASP E 135 7.32 24.06 -43.10
CA ASP E 135 6.33 22.98 -43.13
C ASP E 135 5.20 23.23 -42.16
N VAL E 136 5.54 23.60 -40.92
CA VAL E 136 4.51 23.88 -39.93
C VAL E 136 3.58 24.98 -40.41
N SER E 137 4.15 26.03 -41.00
CA SER E 137 3.38 27.21 -41.44
C SER E 137 2.40 26.81 -42.54
N LYS E 138 2.85 25.97 -43.45
CA LYS E 138 1.94 25.45 -44.46
C LYS E 138 0.77 24.70 -43.87
N GLY E 139 1.04 23.88 -42.91
CA GLY E 139 -0.02 23.15 -42.20
C GLY E 139 -1.00 24.05 -41.48
N ILE E 140 -0.47 25.08 -40.81
CA ILE E 140 -1.33 26.00 -40.11
C ILE E 140 -2.17 26.83 -41.12
N HIS E 141 -1.58 27.17 -42.24
CA HIS E 141 -2.28 27.93 -43.26
C HIS E 141 -3.54 27.12 -43.69
N ILE E 142 -3.34 25.85 -44.08
CA ILE E 142 -4.41 25.02 -44.60
C ILE E 142 -5.42 24.63 -43.53
N SER E 143 -4.91 24.30 -42.34
CA SER E 143 -5.73 23.68 -41.33
C SER E 143 -6.43 24.65 -40.40
N ALA E 144 -5.88 25.85 -40.25
CA ALA E 144 -6.42 26.84 -39.25
C ALA E 144 -6.75 28.20 -39.88
N TYR E 145 -5.80 28.83 -40.52
CA TYR E 145 -6.10 30.14 -41.13
C TYR E 145 -7.21 30.07 -42.15
N SER E 146 -7.25 28.96 -42.92
CA SER E 146 -8.27 28.86 -43.99
C SER E 146 -9.70 28.85 -43.45
N TYR E 147 -9.91 28.50 -42.18
CA TYR E 147 -11.22 28.59 -41.56
C TYR E 147 -11.68 30.06 -41.58
N ALA E 148 -10.77 30.98 -41.24
CA ALA E 148 -11.04 32.40 -41.34
C ALA E 148 -11.20 32.87 -42.79
N SER E 149 -10.29 32.45 -43.67
CA SER E 149 -10.39 32.89 -45.05
C SER E 149 -11.69 32.43 -45.75
N MET E 150 -12.16 31.21 -45.44
CA MET E 150 -13.42 30.77 -45.99
C MET E 150 -14.59 31.57 -45.45
N ALA E 151 -14.56 31.81 -44.16
CA ALA E 151 -15.64 32.63 -43.55
C ALA E 151 -15.66 34.02 -44.13
N LYS E 152 -14.48 34.61 -44.33
CA LYS E 152 -14.43 35.90 -44.95
C LYS E 152 -15.05 35.93 -46.35
N ALA E 153 -14.74 34.90 -47.12
CA ALA E 153 -15.24 34.83 -48.51
C ALA E 153 -16.75 34.59 -48.53
N LEU E 154 -17.27 33.78 -47.61
CA LEU E 154 -18.64 33.28 -47.67
C LEU E 154 -19.66 34.01 -46.79
N LEU E 155 -19.25 34.63 -45.68
CA LEU E 155 -20.24 35.37 -44.87
C LEU E 155 -21.04 36.39 -45.62
N PRO E 156 -20.43 37.11 -46.60
CA PRO E 156 -21.31 38.08 -47.32
C PRO E 156 -22.42 37.44 -48.14
N ILE E 157 -22.35 36.13 -48.39
CA ILE E 157 -23.43 35.45 -49.06
C ILE E 157 -24.07 34.38 -48.16
N MET E 158 -24.11 34.60 -46.85
CA MET E 158 -24.83 33.73 -45.92
C MET E 158 -26.04 34.40 -45.32
N ASN E 159 -27.12 33.64 -45.17
CA ASN E 159 -28.35 34.13 -44.60
C ASN E 159 -28.25 34.24 -43.09
N PRO E 160 -29.01 35.15 -42.50
CA PRO E 160 -29.20 35.11 -41.02
C PRO E 160 -29.71 33.73 -40.60
N GLY E 161 -29.27 33.23 -39.46
CA GLY E 161 -29.67 31.90 -39.00
C GLY E 161 -28.71 30.85 -39.53
N GLY E 162 -27.72 31.22 -40.30
CA GLY E 162 -26.89 30.20 -40.93
C GLY E 162 -25.82 29.69 -39.98
N SER E 163 -24.99 28.81 -40.50
CA SER E 163 -24.07 28.04 -39.68
C SER E 163 -22.79 27.65 -40.43
N ILE E 164 -21.65 27.94 -39.82
CA ILE E 164 -20.36 27.53 -40.31
C ILE E 164 -19.81 26.45 -39.33
N VAL E 165 -19.36 25.32 -39.90
CA VAL E 165 -18.86 24.23 -39.10
C VAL E 165 -17.50 23.79 -39.63
N GLY E 166 -16.54 23.61 -38.72
CA GLY E 166 -15.22 23.07 -39.06
C GLY E 166 -14.92 21.79 -38.27
N MET E 167 -13.92 21.03 -38.68
CA MET E 167 -13.60 19.77 -38.00
C MET E 167 -12.32 19.91 -37.17
N ASP E 168 -12.40 19.42 -35.93
CA ASP E 168 -11.39 19.52 -34.90
C ASP E 168 -11.04 18.12 -34.43
N PHE E 169 -9.87 18.00 -33.86
CA PHE E 169 -9.48 16.79 -33.14
C PHE E 169 -8.79 17.31 -31.86
N ASP E 170 -9.37 16.90 -30.74
CA ASP E 170 -9.14 17.56 -29.46
C ASP E 170 -7.66 17.75 -29.15
N PRO E 171 -7.19 19.01 -29.13
CA PRO E 171 -5.80 19.30 -28.94
C PRO E 171 -5.47 19.81 -27.52
N SER E 172 -6.40 19.66 -26.58
CA SER E 172 -6.25 20.19 -25.27
CA SER E 172 -6.25 20.19 -25.27
C SER E 172 -5.12 19.50 -24.49
N ARG E 173 -4.73 18.26 -24.90
CA ARG E 173 -3.60 17.60 -24.27
C ARG E 173 -2.66 17.17 -25.41
N ALA E 174 -1.36 17.13 -25.15
CA ALA E 174 -0.47 16.55 -26.12
C ALA E 174 -0.69 15.02 -26.22
N MET E 175 -0.19 14.44 -27.30
CA MET E 175 -0.36 13.03 -27.56
C MET E 175 0.72 12.52 -28.51
N PRO E 176 0.95 11.23 -28.58
CA PRO E 176 2.00 10.77 -29.58
C PRO E 176 1.53 11.09 -31.00
N ALA E 177 2.53 11.37 -31.86
CA ALA E 177 2.38 11.42 -33.30
C ALA E 177 1.65 12.61 -33.89
N TYR E 178 0.61 13.10 -33.26
CA TYR E 178 -0.19 14.18 -33.87
C TYR E 178 0.61 15.49 -33.90
N ASN E 179 1.54 15.62 -32.95
CA ASN E 179 2.58 16.62 -33.02
C ASN E 179 2.14 17.99 -33.48
N TRP E 180 2.67 18.49 -34.60
CA TRP E 180 2.38 19.87 -35.03
C TRP E 180 0.94 20.03 -35.56
N MET E 181 0.27 18.91 -35.96
CA MET E 181 -1.13 19.06 -36.31
C MET E 181 -1.93 19.45 -35.01
N THR E 182 -1.49 18.97 -33.85
CA THR E 182 -2.11 19.32 -32.58
C THR E 182 -2.06 20.85 -32.42
N VAL E 183 -0.91 21.41 -32.75
CA VAL E 183 -0.69 22.85 -32.63
C VAL E 183 -1.62 23.59 -33.62
N ALA E 184 -1.74 23.05 -34.83
CA ALA E 184 -2.67 23.63 -35.79
C ALA E 184 -4.12 23.62 -35.31
N LYS E 185 -4.54 22.54 -34.70
CA LYS E 185 -5.89 22.43 -34.16
C LYS E 185 -6.13 23.37 -33.01
N SER E 186 -5.14 23.55 -32.12
CA SER E 186 -5.25 24.56 -31.08
C SER E 186 -5.46 25.92 -31.70
N ALA E 187 -4.69 26.25 -32.76
CA ALA E 187 -4.87 27.49 -33.45
C ALA E 187 -6.28 27.58 -34.06
N LEU E 188 -6.76 26.51 -34.67
CA LEU E 188 -8.08 26.49 -35.25
C LEU E 188 -9.16 26.79 -34.21
N GLU E 189 -9.05 26.20 -33.02
CA GLU E 189 -10.01 26.47 -31.98
C GLU E 189 -10.10 27.97 -31.66
N SER E 190 -8.95 28.60 -31.60
CA SER E 190 -8.90 30.02 -31.31
C SER E 190 -9.49 30.82 -32.49
N VAL E 191 -9.14 30.41 -33.70
CA VAL E 191 -9.69 31.03 -34.90
C VAL E 191 -11.23 30.97 -34.93
N ASN E 192 -11.78 29.81 -34.59
CA ASN E 192 -13.23 29.60 -34.52
C ASN E 192 -13.91 30.61 -33.59
N ARG E 193 -13.30 30.92 -32.48
CA ARG E 193 -13.89 31.87 -31.53
C ARG E 193 -13.92 33.30 -32.10
N PHE E 194 -12.90 33.64 -32.90
CA PHE E 194 -12.90 34.94 -33.61
C PHE E 194 -13.86 34.96 -34.78
N VAL E 195 -13.94 33.86 -35.52
CA VAL E 195 -14.89 33.77 -36.62
C VAL E 195 -16.28 33.94 -36.09
N ALA E 196 -16.55 33.38 -34.92
CA ALA E 196 -17.83 33.57 -34.29
C ALA E 196 -18.17 35.03 -34.01
N ARG E 197 -17.19 35.79 -33.58
CA ARG E 197 -17.43 37.24 -33.42
C ARG E 197 -17.82 37.92 -34.71
N GLU E 198 -17.14 37.56 -35.81
CA GLU E 198 -17.49 38.21 -37.12
C GLU E 198 -18.81 37.70 -37.62
N ALA E 199 -19.02 36.39 -37.51
CA ALA E 199 -20.22 35.79 -38.01
C ALA E 199 -21.49 36.26 -37.30
N GLY E 200 -21.36 36.58 -36.04
CA GLY E 200 -22.49 37.06 -35.29
C GLY E 200 -23.08 38.32 -35.84
N LYS E 201 -22.30 39.16 -36.47
CA LYS E 201 -22.85 40.40 -37.11
C LYS E 201 -23.78 40.06 -38.27
N TYR E 202 -23.68 38.86 -38.85
CA TYR E 202 -24.54 38.39 -39.90
C TYR E 202 -25.65 37.45 -39.40
N GLY E 203 -25.80 37.29 -38.09
CA GLY E 203 -26.72 36.30 -37.56
C GLY E 203 -26.28 34.87 -37.79
N VAL E 204 -24.96 34.64 -37.94
CA VAL E 204 -24.45 33.31 -38.29
C VAL E 204 -23.62 32.76 -37.11
N ARG E 205 -23.76 31.45 -36.90
CA ARG E 205 -23.02 30.70 -35.93
C ARG E 205 -21.76 30.13 -36.53
N SER E 206 -20.75 29.93 -35.70
CA SER E 206 -19.49 29.24 -36.13
C SER E 206 -19.16 28.28 -34.99
N ASN E 207 -18.97 27.01 -35.33
CA ASN E 207 -18.63 26.01 -34.36
C ASN E 207 -17.70 24.93 -34.99
N LEU E 208 -16.98 24.22 -34.11
CA LEU E 208 -16.26 23.04 -34.54
C LEU E 208 -16.86 21.78 -33.99
N VAL E 209 -16.71 20.70 -34.76
CA VAL E 209 -17.00 19.37 -34.23
C VAL E 209 -15.66 18.68 -33.95
N ALA E 210 -15.42 18.34 -32.73
CA ALA E 210 -14.20 17.57 -32.34
C ALA E 210 -14.59 16.10 -32.44
N ALA E 211 -14.16 15.46 -33.52
CA ALA E 211 -14.56 14.10 -33.80
C ALA E 211 -13.57 13.14 -33.22
N GLY E 212 -14.05 11.97 -32.86
CA GLY E 212 -13.17 10.87 -32.64
C GLY E 212 -12.52 10.40 -33.97
N PRO E 213 -11.56 9.49 -33.89
CA PRO E 213 -10.81 9.06 -35.05
C PRO E 213 -11.69 8.30 -36.08
N ILE E 214 -11.50 8.65 -37.37
CA ILE E 214 -12.25 8.03 -38.47
C ILE E 214 -11.23 7.64 -39.54
N ARG E 215 -11.42 6.47 -40.09
CA ARG E 215 -10.45 5.96 -41.06
C ARG E 215 -10.66 6.68 -42.39
N THR E 216 -9.78 7.61 -42.67
CA THR E 216 -9.80 8.43 -43.87
C THR E 216 -8.42 8.30 -44.56
N LEU E 217 -8.34 8.87 -45.78
CA LEU E 217 -7.08 8.88 -46.49
C LEU E 217 -6.04 9.63 -45.63
N ALA E 218 -6.42 10.78 -45.04
CA ALA E 218 -5.41 11.49 -44.25
C ALA E 218 -4.96 10.65 -43.00
N MET E 219 -5.90 9.98 -42.35
CA MET E 219 -5.53 9.24 -41.18
C MET E 219 -4.45 8.17 -41.60
N SER E 220 -4.80 7.44 -42.71
CA SER E 220 -4.11 6.26 -42.98
C SER E 220 -2.74 6.54 -43.60
N ALA E 221 -2.79 7.33 -44.66
CA ALA E 221 -1.63 7.59 -45.51
C ALA E 221 -0.78 8.73 -44.93
N ILE E 222 -1.37 9.75 -44.45
CA ILE E 222 -0.53 10.88 -44.01
C ILE E 222 -0.07 10.70 -42.58
N VAL E 223 -0.94 10.43 -41.62
CA VAL E 223 -0.50 10.17 -40.24
C VAL E 223 0.19 8.80 -40.14
N GLY E 224 -0.45 7.80 -40.73
CA GLY E 224 0.14 6.45 -40.87
C GLY E 224 1.49 6.41 -41.50
N GLY E 225 1.63 7.15 -42.61
CA GLY E 225 3.00 7.23 -43.29
C GLY E 225 3.98 7.91 -42.37
N ALA E 226 3.54 8.93 -41.62
CA ALA E 226 4.51 9.66 -40.79
C ALA E 226 4.98 8.78 -39.58
N LEU E 227 4.15 7.80 -39.21
CA LEU E 227 4.54 6.82 -38.26
C LEU E 227 5.59 5.83 -38.67
N GLY E 228 5.93 5.77 -39.98
CA GLY E 228 7.02 4.91 -40.46
C GLY E 228 6.83 3.51 -39.89
N GLU E 229 7.90 2.99 -39.31
CA GLU E 229 7.86 1.61 -38.78
C GLU E 229 7.00 1.43 -37.58
N GLU E 230 6.43 2.49 -36.96
CA GLU E 230 5.45 2.35 -35.94
C GLU E 230 4.00 2.48 -36.40
N ALA E 231 3.72 2.37 -37.70
CA ALA E 231 2.34 2.45 -38.16
C ALA E 231 1.36 1.41 -37.53
N GLY E 232 1.89 0.21 -37.25
CA GLY E 232 1.18 -0.86 -36.50
C GLY E 232 0.67 -0.38 -35.15
N ALA E 233 1.34 0.55 -34.48
CA ALA E 233 0.95 1.17 -33.23
C ALA E 233 -0.40 1.95 -33.32
N GLN E 234 -0.69 2.48 -34.47
CA GLN E 234 -1.69 3.50 -34.61
C GLN E 234 -3.06 3.05 -34.09
N ILE E 235 -3.52 1.88 -34.54
CA ILE E 235 -4.74 1.40 -34.08
C ILE E 235 -4.81 1.21 -32.56
N GLN E 236 -3.77 0.70 -31.97
CA GLN E 236 -3.77 0.44 -30.54
C GLN E 236 -3.92 1.80 -29.77
N LEU E 237 -3.15 2.83 -30.17
CA LEU E 237 -3.18 4.15 -29.54
C LEU E 237 -4.64 4.74 -29.68
N LEU E 238 -5.23 4.56 -30.86
CA LEU E 238 -6.55 5.10 -31.06
C LEU E 238 -7.61 4.37 -30.23
N GLU E 239 -7.48 3.08 -30.10
CA GLU E 239 -8.40 2.29 -29.27
C GLU E 239 -8.24 2.66 -27.80
N GLU E 240 -7.04 2.91 -27.33
CA GLU E 240 -6.84 3.36 -25.96
C GLU E 240 -7.38 4.73 -25.68
N GLY E 241 -7.17 5.67 -26.60
CA GLY E 241 -7.63 7.01 -26.40
C GLY E 241 -9.17 7.24 -26.53
N TRP E 242 -9.81 6.41 -27.35
CA TRP E 242 -11.18 6.59 -27.74
C TRP E 242 -12.07 5.44 -27.34
N ASP E 243 -12.10 4.35 -28.10
CA ASP E 243 -13.07 3.31 -27.83
C ASP E 243 -13.07 2.82 -26.39
N GLN E 244 -11.90 2.64 -25.79
CA GLN E 244 -11.79 2.16 -24.40
C GLN E 244 -12.33 3.19 -23.40
N ARG E 245 -12.26 4.49 -23.67
CA ARG E 245 -12.66 5.48 -22.74
C ARG E 245 -14.15 5.87 -23.00
N ALA E 246 -14.65 5.71 -24.21
CA ALA E 246 -16.00 6.14 -24.58
C ALA E 246 -17.08 5.30 -23.88
N PRO E 247 -17.98 5.94 -23.11
CA PRO E 247 -19.04 5.15 -22.49
C PRO E 247 -19.97 4.49 -23.47
N ILE E 248 -20.10 5.03 -24.66
CA ILE E 248 -20.98 4.36 -25.67
C ILE E 248 -20.14 3.77 -26.74
N GLY E 249 -18.84 3.62 -26.57
CA GLY E 249 -17.99 3.03 -27.62
C GLY E 249 -17.68 3.99 -28.75
N TRP E 250 -16.74 3.56 -29.58
CA TRP E 250 -16.33 4.34 -30.75
C TRP E 250 -15.92 3.39 -31.86
N ASN E 251 -16.49 3.58 -33.05
CA ASN E 251 -16.14 2.76 -34.21
C ASN E 251 -15.54 3.69 -35.28
N MET E 252 -14.26 3.55 -35.50
CA MET E 252 -13.53 4.39 -36.45
C MET E 252 -13.89 4.14 -37.90
N LYS E 253 -14.60 3.04 -38.18
CA LYS E 253 -15.01 2.76 -39.57
C LYS E 253 -16.37 3.36 -39.84
N ASP E 254 -17.00 4.01 -38.90
CA ASP E 254 -18.34 4.55 -39.08
C ASP E 254 -18.33 6.06 -38.88
N ALA E 255 -18.33 6.79 -39.98
CA ALA E 255 -18.40 8.24 -40.01
C ALA E 255 -19.77 8.83 -39.77
N THR E 256 -20.81 8.01 -39.79
CA THR E 256 -22.17 8.54 -39.70
C THR E 256 -22.42 9.40 -38.47
N PRO E 257 -21.99 8.96 -37.28
CA PRO E 257 -22.26 9.74 -36.05
C PRO E 257 -21.63 11.14 -36.12
N VAL E 258 -20.47 11.23 -36.76
CA VAL E 258 -19.78 12.50 -36.94
C VAL E 258 -20.60 13.38 -37.94
N ALA E 259 -20.97 12.78 -39.03
CA ALA E 259 -21.77 13.45 -40.06
C ALA E 259 -23.07 13.99 -39.50
N LYS E 260 -23.75 13.18 -38.71
CA LYS E 260 -25.00 13.58 -38.08
C LYS E 260 -24.77 14.79 -37.18
N THR E 261 -23.72 14.77 -36.41
CA THR E 261 -23.44 15.85 -35.49
C THR E 261 -23.17 17.17 -36.25
N VAL E 262 -22.42 17.10 -37.37
CA VAL E 262 -22.23 18.30 -38.18
C VAL E 262 -23.63 18.82 -38.69
N CYS E 263 -24.47 17.90 -39.15
CA CYS E 263 -25.79 18.24 -39.63
C CYS E 263 -26.64 18.88 -38.49
N ALA E 264 -26.47 18.40 -37.25
CA ALA E 264 -27.18 18.99 -36.12
C ALA E 264 -26.78 20.51 -35.97
N LEU E 265 -25.49 20.77 -36.09
CA LEU E 265 -25.00 22.14 -36.05
C LEU E 265 -25.45 22.99 -37.24
N LEU E 266 -25.59 22.38 -38.42
CA LEU E 266 -26.06 23.09 -39.56
C LEU E 266 -27.58 23.41 -39.48
N SER E 267 -28.32 22.64 -38.68
CA SER E 267 -29.74 22.75 -38.59
C SER E 267 -30.11 23.91 -37.68
N ASP E 268 -31.40 24.06 -37.44
CA ASP E 268 -31.89 25.09 -36.56
C ASP E 268 -32.01 24.56 -35.13
N TRP E 269 -31.45 23.39 -34.81
CA TRP E 269 -31.67 22.74 -33.49
C TRP E 269 -30.58 23.03 -32.45
N LEU E 270 -29.55 23.76 -32.83
CA LEU E 270 -28.57 24.26 -31.90
C LEU E 270 -28.43 25.78 -32.09
N PRO E 271 -29.52 26.51 -31.87
CA PRO E 271 -29.54 27.91 -32.35
C PRO E 271 -28.82 28.90 -31.43
N ALA E 272 -28.41 28.40 -30.24
CA ALA E 272 -27.75 29.29 -29.30
C ALA E 272 -26.31 28.89 -28.99
N THR E 273 -25.70 28.16 -29.89
CA THR E 273 -24.36 27.65 -29.69
C THR E 273 -23.49 28.27 -30.77
N THR E 274 -22.47 29.02 -30.39
CA THR E 274 -21.50 29.59 -31.31
C THR E 274 -20.17 29.84 -30.60
N GLY E 275 -19.14 29.94 -31.41
CA GLY E 275 -17.76 29.99 -30.94
C GLY E 275 -17.26 28.76 -30.22
N ASP E 276 -17.98 27.64 -30.44
CA ASP E 276 -17.93 26.55 -29.53
C ASP E 276 -17.46 25.27 -30.22
N ILE E 277 -17.34 24.21 -29.41
CA ILE E 277 -16.85 22.91 -29.85
C ILE E 277 -17.82 21.85 -29.36
N ILE E 278 -18.36 21.03 -30.28
CA ILE E 278 -19.18 19.91 -29.89
C ILE E 278 -18.33 18.66 -30.12
N TYR E 279 -18.32 17.78 -29.14
CA TYR E 279 -17.50 16.60 -29.15
C TYR E 279 -18.32 15.41 -29.64
N ALA E 280 -17.96 14.88 -30.79
CA ALA E 280 -18.56 13.66 -31.32
C ALA E 280 -17.51 12.53 -31.30
N ASP E 281 -17.29 12.02 -30.12
CA ASP E 281 -16.18 11.12 -29.80
C ASP E 281 -16.54 9.98 -28.88
N GLY E 282 -17.84 9.71 -28.79
CA GLY E 282 -18.33 8.64 -27.92
C GLY E 282 -18.27 8.98 -26.43
N GLY E 283 -17.97 10.24 -26.13
CA GLY E 283 -17.75 10.70 -24.77
C GLY E 283 -16.34 10.41 -24.26
N ALA E 284 -15.43 9.97 -25.14
CA ALA E 284 -14.10 9.66 -24.66
C ALA E 284 -13.40 10.75 -23.86
N HIS E 285 -13.57 11.99 -24.30
CA HIS E 285 -12.84 13.10 -23.71
C HIS E 285 -13.39 13.40 -22.28
N THR E 286 -14.51 12.78 -21.87
CA THR E 286 -15.08 13.01 -20.54
C THR E 286 -14.61 11.99 -19.50
N GLN E 287 -13.79 11.03 -19.94
CA GLN E 287 -13.38 9.91 -19.15
C GLN E 287 -11.84 9.85 -19.11
N LEU E 288 -11.28 9.67 -17.91
CA LEU E 288 -9.86 9.73 -17.77
C LEU E 288 -9.19 8.43 -18.25
N LEU E 289 -9.82 7.36 -17.88
CA LEU E 289 -9.44 5.98 -18.16
C LEU E 289 -10.84 5.28 -18.18
N THR F 22 20.04 31.33 1.29
CA THR F 22 19.43 32.70 1.09
C THR F 22 18.57 32.73 -0.22
N GLY F 23 19.06 32.98 -1.45
CA GLY F 23 18.14 33.28 -2.44
C GLY F 23 17.55 31.99 -3.12
N LEU F 24 16.35 32.17 -3.67
CA LEU F 24 15.60 31.13 -4.26
C LEU F 24 16.32 30.44 -5.43
N LEU F 25 17.13 31.18 -6.19
CA LEU F 25 17.78 30.66 -7.34
C LEU F 25 19.31 30.62 -7.18
N ASP F 26 19.77 30.53 -5.95
CA ASP F 26 21.19 30.52 -5.67
C ASP F 26 21.92 29.46 -6.46
N GLY F 27 22.95 29.85 -7.19
CA GLY F 27 23.76 28.90 -7.90
C GLY F 27 23.16 28.50 -9.26
N LYS F 28 22.00 29.00 -9.66
CA LYS F 28 21.44 28.58 -10.93
C LYS F 28 21.94 29.49 -12.05
N ARG F 29 22.15 28.92 -13.22
CA ARG F 29 22.48 29.64 -14.44
C ARG F 29 21.24 29.64 -15.32
N ILE F 30 20.76 30.81 -15.65
CA ILE F 30 19.48 31.02 -16.31
C ILE F 30 19.64 31.98 -17.49
N LEU F 31 19.13 31.58 -18.63
CA LEU F 31 19.06 32.40 -19.84
C LEU F 31 17.72 33.13 -19.82
N VAL F 32 17.78 34.43 -20.06
CA VAL F 32 16.56 35.24 -20.16
C VAL F 32 16.54 36.04 -21.47
N SER F 33 15.56 35.74 -22.32
CA SER F 33 15.34 36.43 -23.56
C SER F 33 14.30 37.52 -23.36
N GLY F 34 14.18 38.44 -24.30
CA GLY F 34 13.03 39.33 -24.35
C GLY F 34 13.12 40.71 -23.71
N ILE F 35 14.28 41.11 -23.24
CA ILE F 35 14.43 42.49 -22.75
C ILE F 35 14.56 43.44 -23.92
N ILE F 36 13.69 44.45 -23.94
CA ILE F 36 13.87 45.59 -24.83
C ILE F 36 13.83 46.92 -24.11
N THR F 37 12.96 47.08 -23.11
CA THR F 37 13.06 48.27 -22.24
C THR F 37 13.02 47.84 -20.81
N ASP F 38 13.18 48.75 -19.89
CA ASP F 38 13.04 48.40 -18.47
C ASP F 38 11.60 48.20 -17.97
N SER F 39 10.59 48.29 -18.87
CA SER F 39 9.23 47.86 -18.59
C SER F 39 9.01 46.42 -19.02
N SER F 40 9.89 45.86 -19.83
CA SER F 40 9.68 44.52 -20.36
C SER F 40 9.53 43.52 -19.19
N ILE F 41 8.60 42.59 -19.35
CA ILE F 41 8.42 41.55 -18.37
C ILE F 41 9.78 40.86 -18.10
N ALA F 42 10.53 40.60 -19.17
CA ALA F 42 11.82 39.93 -19.04
C ALA F 42 12.83 40.71 -18.21
N PHE F 43 12.76 42.06 -18.26
CA PHE F 43 13.65 42.86 -17.43
C PHE F 43 13.38 42.55 -15.94
N HIS F 44 12.13 42.52 -15.57
CA HIS F 44 11.77 42.24 -14.19
C HIS F 44 12.01 40.82 -13.80
N ILE F 45 11.85 39.87 -14.72
CA ILE F 45 12.21 38.49 -14.46
C ILE F 45 13.71 38.43 -14.13
N ALA F 46 14.50 39.07 -14.97
CA ALA F 46 15.93 39.08 -14.76
C ALA F 46 16.34 39.76 -13.44
N ARG F 47 15.72 40.91 -13.14
CA ARG F 47 16.01 41.62 -11.91
C ARG F 47 15.75 40.70 -10.69
N VAL F 48 14.54 40.16 -10.64
CA VAL F 48 14.18 39.31 -9.49
C VAL F 48 15.09 38.07 -9.41
N ALA F 49 15.41 37.48 -10.56
CA ALA F 49 16.25 36.31 -10.55
C ALA F 49 17.65 36.63 -10.00
N GLN F 50 18.20 37.79 -10.39
CA GLN F 50 19.50 38.19 -9.83
C GLN F 50 19.36 38.50 -8.37
N GLU F 51 18.29 39.15 -7.94
CA GLU F 51 18.13 39.40 -6.49
C GLU F 51 18.11 38.07 -5.76
N GLN F 52 17.68 36.98 -6.39
CA GLN F 52 17.57 35.68 -5.74
C GLN F 52 18.77 34.79 -6.02
N GLY F 53 19.86 35.39 -6.48
CA GLY F 53 21.13 34.70 -6.59
C GLY F 53 21.43 34.01 -7.90
N ALA F 54 20.60 34.16 -8.95
CA ALA F 54 20.89 33.50 -10.22
C ALA F 54 22.04 34.18 -10.91
N GLN F 55 22.83 33.48 -11.70
CA GLN F 55 23.76 34.05 -12.70
C GLN F 55 23.06 34.00 -14.07
N LEU F 56 22.92 35.15 -14.72
CA LEU F 56 22.17 35.23 -15.94
C LEU F 56 23.03 35.28 -17.22
N VAL F 57 22.43 34.77 -18.31
CA VAL F 57 22.88 35.10 -19.67
C VAL F 57 21.64 35.71 -20.28
N LEU F 58 21.79 36.83 -20.94
CA LEU F 58 20.68 37.53 -21.55
C LEU F 58 20.75 37.42 -23.09
N THR F 59 19.57 37.38 -23.75
CA THR F 59 19.52 37.50 -25.21
C THR F 59 18.63 38.61 -25.62
N GLY F 60 19.04 39.26 -26.69
CA GLY F 60 18.31 40.39 -27.25
C GLY F 60 18.26 40.36 -28.75
N PHE F 61 17.22 41.04 -29.26
CA PHE F 61 16.91 41.02 -30.71
C PHE F 61 17.08 42.38 -31.27
N ASP F 62 17.90 42.45 -32.31
CA ASP F 62 17.90 43.61 -33.18
C ASP F 62 18.57 44.87 -32.63
N ARG F 63 18.13 45.41 -31.50
CA ARG F 63 18.62 46.78 -31.05
C ARG F 63 19.61 46.55 -29.89
N LEU F 64 20.70 45.85 -30.18
CA LEU F 64 21.57 45.40 -29.13
C LEU F 64 22.28 46.55 -28.33
N ARG F 65 22.53 47.71 -28.94
CA ARG F 65 23.09 48.82 -28.22
C ARG F 65 22.08 49.37 -27.24
N LEU F 66 20.84 49.55 -27.66
CA LEU F 66 19.83 50.02 -26.74
C LEU F 66 19.69 49.02 -25.55
N ILE F 67 19.67 47.73 -25.91
CA ILE F 67 19.40 46.70 -24.94
C ILE F 67 20.52 46.69 -23.88
N GLN F 68 21.74 46.84 -24.32
CA GLN F 68 22.88 46.93 -23.44
C GLN F 68 22.73 48.10 -22.42
N ARG F 69 22.31 49.32 -22.86
CA ARG F 69 22.04 50.41 -21.91
C ARG F 69 20.94 50.03 -20.91
N ILE F 70 19.92 49.31 -21.40
CA ILE F 70 18.86 48.89 -20.52
C ILE F 70 19.36 47.87 -19.47
N THR F 71 20.13 46.88 -19.90
CA THR F 71 20.56 45.83 -19.00
C THR F 71 21.60 46.30 -18.04
N ASP F 72 22.26 47.43 -18.32
CA ASP F 72 23.07 48.08 -17.31
C ASP F 72 22.27 48.48 -16.08
N ARG F 73 20.95 48.64 -16.17
CA ARG F 73 20.18 48.99 -15.00
C ARG F 73 19.86 47.81 -14.12
N LEU F 74 20.14 46.57 -14.54
CA LEU F 74 19.88 45.37 -13.72
C LEU F 74 20.80 45.43 -12.53
N PRO F 75 20.48 44.70 -11.48
CA PRO F 75 21.40 44.81 -10.36
C PRO F 75 22.77 44.17 -10.60
N ALA F 76 22.97 43.29 -11.54
CA ALA F 76 24.32 42.77 -11.77
C ALA F 76 24.60 42.63 -13.25
N LYS F 77 25.88 42.53 -13.61
CA LYS F 77 26.31 42.44 -15.03
C LYS F 77 25.92 41.11 -15.48
N ALA F 78 25.59 40.99 -16.75
CA ALA F 78 25.31 39.69 -17.27
C ALA F 78 25.71 39.78 -18.71
N PRO F 79 26.25 38.72 -19.28
CA PRO F 79 26.52 38.84 -20.70
C PRO F 79 25.25 38.90 -21.57
N LEU F 80 25.33 39.61 -22.68
CA LEU F 80 24.23 39.81 -23.61
C LEU F 80 24.57 39.15 -24.94
N LEU F 81 23.75 38.26 -25.44
CA LEU F 81 23.98 37.60 -26.71
C LEU F 81 22.87 37.98 -27.67
N GLU F 82 23.19 37.96 -28.94
CA GLU F 82 22.20 38.29 -29.95
C GLU F 82 21.37 37.06 -30.30
N LEU F 83 20.07 37.24 -30.38
CA LEU F 83 19.20 36.17 -30.87
C LEU F 83 17.95 36.72 -31.51
N ASP F 84 17.84 36.50 -32.81
CA ASP F 84 16.64 36.75 -33.57
C ASP F 84 16.11 35.30 -33.77
N VAL F 85 14.96 34.98 -33.23
CA VAL F 85 14.49 33.58 -33.33
C VAL F 85 14.05 33.18 -34.70
N GLN F 86 13.92 34.12 -35.67
CA GLN F 86 13.75 33.73 -37.11
C GLN F 86 15.04 33.43 -37.81
N ASN F 87 16.17 33.62 -37.16
CA ASN F 87 17.46 33.39 -37.81
C ASN F 87 18.03 32.01 -37.46
N GLU F 88 18.05 31.12 -38.42
CA GLU F 88 18.60 29.78 -38.24
C GLU F 88 20.01 29.74 -37.74
N GLU F 89 20.83 30.65 -38.22
CA GLU F 89 22.23 30.66 -37.80
C GLU F 89 22.36 31.05 -36.37
N HIS F 90 21.58 32.02 -35.93
CA HIS F 90 21.59 32.40 -34.50
C HIS F 90 21.22 31.20 -33.60
N LEU F 91 20.17 30.46 -33.98
CA LEU F 91 19.69 29.28 -33.22
C LEU F 91 20.77 28.19 -33.24
N ALA F 92 21.41 27.95 -34.39
CA ALA F 92 22.34 26.88 -34.48
C ALA F 92 23.63 27.17 -33.69
N SER F 93 23.97 28.44 -33.45
CA SER F 93 25.24 28.81 -32.77
C SER F 93 24.91 29.12 -31.29
N LEU F 94 23.66 29.23 -30.92
CA LEU F 94 23.28 29.71 -29.59
C LEU F 94 23.90 28.92 -28.42
N ALA F 95 23.82 27.59 -28.49
CA ALA F 95 24.34 26.76 -27.38
C ALA F 95 25.81 27.02 -27.18
N GLY F 96 26.56 27.03 -28.28
CA GLY F 96 28.00 27.30 -28.25
C GLY F 96 28.34 28.68 -27.69
N ARG F 97 27.55 29.68 -28.05
CA ARG F 97 27.77 31.03 -27.54
C ARG F 97 27.39 31.16 -26.04
N VAL F 98 26.32 30.46 -25.62
CA VAL F 98 26.01 30.39 -24.19
C VAL F 98 27.14 29.69 -23.41
N THR F 99 27.65 28.59 -23.96
CA THR F 99 28.64 27.81 -23.23
C THR F 99 29.90 28.65 -23.05
N GLU F 100 30.27 29.39 -24.09
CA GLU F 100 31.39 30.29 -23.97
C GLU F 100 31.12 31.40 -22.93
N ALA F 101 29.93 31.95 -22.84
CA ALA F 101 29.63 32.91 -21.79
C ALA F 101 29.65 32.33 -20.37
N ILE F 102 29.11 31.14 -20.14
CA ILE F 102 29.06 30.58 -18.76
C ILE F 102 30.20 29.70 -18.39
N GLY F 103 31.01 29.35 -19.37
CA GLY F 103 32.22 28.54 -19.08
C GLY F 103 32.04 27.10 -19.50
N ALA F 104 33.03 26.55 -20.15
CA ALA F 104 33.01 25.16 -20.63
C ALA F 104 32.76 24.24 -19.45
N GLY F 105 31.92 23.23 -19.63
CA GLY F 105 31.63 22.32 -18.51
C GLY F 105 30.46 22.79 -17.63
N ASN F 106 29.96 24.00 -17.80
CA ASN F 106 28.78 24.42 -17.05
C ASN F 106 27.60 24.38 -17.98
N LYS F 107 26.44 24.18 -17.40
CA LYS F 107 25.22 24.15 -18.15
C LYS F 107 24.22 25.10 -17.54
N LEU F 108 23.12 25.31 -18.27
CA LEU F 108 22.02 26.09 -17.82
C LEU F 108 21.07 25.26 -16.94
N ASP F 109 20.52 25.91 -15.93
CA ASP F 109 19.44 25.39 -15.16
C ASP F 109 18.07 25.94 -15.59
N GLY F 110 18.07 27.08 -16.28
CA GLY F 110 16.82 27.71 -16.62
C GLY F 110 16.87 28.43 -17.95
N VAL F 111 15.73 28.49 -18.63
CA VAL F 111 15.56 29.25 -19.85
C VAL F 111 14.23 29.99 -19.77
N VAL F 112 14.21 31.27 -20.07
CA VAL F 112 13.01 32.08 -20.11
C VAL F 112 12.80 32.63 -21.50
N HIS F 113 11.64 32.23 -22.10
CA HIS F 113 11.16 32.75 -23.36
C HIS F 113 10.19 33.85 -23.04
N SER F 114 10.54 35.12 -23.37
CA SER F 114 9.63 36.26 -23.09
C SER F 114 9.62 37.10 -24.36
N ILE F 115 9.09 36.49 -25.41
CA ILE F 115 9.24 36.97 -26.76
C ILE F 115 7.85 36.85 -27.44
N GLY F 116 7.52 37.88 -28.18
CA GLY F 116 6.37 37.83 -29.07
C GLY F 116 6.44 38.90 -30.13
N PHE F 117 5.63 38.75 -31.17
CA PHE F 117 5.46 39.76 -32.21
C PHE F 117 4.23 39.39 -33.00
N MET F 118 3.54 40.40 -33.49
CA MET F 118 2.50 40.26 -34.48
C MET F 118 2.48 41.53 -35.30
N PRO F 119 2.43 41.43 -36.63
CA PRO F 119 2.33 42.66 -37.40
C PRO F 119 1.01 43.39 -37.07
N GLN F 120 1.01 44.71 -37.28
CA GLN F 120 -0.11 45.58 -37.04
C GLN F 120 -1.44 45.13 -37.70
N THR F 121 -1.36 44.47 -38.83
CA THR F 121 -2.57 43.98 -39.51
C THR F 121 -3.27 42.92 -38.65
N GLY F 122 -2.53 42.27 -37.78
CA GLY F 122 -3.09 41.19 -36.99
C GLY F 122 -3.67 41.53 -35.63
N MET F 123 -3.78 42.84 -35.30
CA MET F 123 -4.14 43.30 -33.98
C MET F 123 -4.91 44.60 -34.05
N GLY F 124 -5.59 44.94 -32.95
CA GLY F 124 -6.20 46.23 -32.82
C GLY F 124 -7.47 46.42 -33.56
N ILE F 125 -7.71 47.56 -34.16
CA ILE F 125 -8.98 47.76 -34.89
C ILE F 125 -8.92 47.23 -36.29
N ASN F 126 -7.79 46.76 -36.79
CA ASN F 126 -7.75 46.22 -38.11
C ASN F 126 -8.70 44.94 -38.14
N PRO F 127 -9.58 44.85 -39.14
CA PRO F 127 -10.48 43.72 -39.14
C PRO F 127 -9.70 42.35 -39.12
N PHE F 128 -10.21 41.45 -38.27
CA PHE F 128 -9.68 40.13 -38.13
C PHE F 128 -9.39 39.42 -39.50
N PHE F 129 -10.33 39.53 -40.38
CA PHE F 129 -10.31 38.85 -41.69
C PHE F 129 -9.33 39.47 -42.66
N ASP F 130 -8.84 40.69 -42.39
CA ASP F 130 -7.95 41.35 -43.33
C ASP F 130 -6.48 41.07 -43.05
N ALA F 131 -6.10 40.32 -42.04
CA ALA F 131 -4.68 40.07 -41.84
C ALA F 131 -4.18 39.01 -42.83
N PRO F 132 -3.24 39.36 -43.70
CA PRO F 132 -2.78 38.29 -44.65
C PRO F 132 -2.01 37.19 -43.94
N TYR F 133 -2.03 36.02 -44.52
CA TYR F 133 -1.40 34.89 -43.81
C TYR F 133 0.13 35.13 -43.64
N ALA F 134 0.78 35.79 -44.56
CA ALA F 134 2.23 36.03 -44.41
C ALA F 134 2.50 36.82 -43.11
N ASP F 135 1.59 37.74 -42.74
CA ASP F 135 1.74 38.46 -41.48
C ASP F 135 1.45 37.54 -40.29
N VAL F 136 0.34 36.81 -40.34
CA VAL F 136 -0.02 35.89 -39.24
C VAL F 136 1.10 34.89 -39.03
N SER F 137 1.65 34.35 -40.12
CA SER F 137 2.70 33.30 -40.06
C SER F 137 3.94 33.85 -39.36
N LYS F 138 4.29 35.07 -39.70
CA LYS F 138 5.41 35.71 -39.03
C LYS F 138 5.20 35.82 -37.53
N GLY F 139 4.02 36.24 -37.14
CA GLY F 139 3.69 36.31 -35.71
C GLY F 139 3.72 34.97 -35.01
N ILE F 140 3.19 33.93 -35.65
CA ILE F 140 3.19 32.61 -35.07
C ILE F 140 4.64 32.08 -34.99
N HIS F 141 5.46 32.39 -35.98
CA HIS F 141 6.83 31.95 -35.99
C HIS F 141 7.52 32.50 -34.70
N ILE F 142 7.43 33.80 -34.49
CA ILE F 142 8.11 34.47 -33.38
C ILE F 142 7.52 34.14 -32.04
N SER F 143 6.19 34.06 -31.98
CA SER F 143 5.50 34.02 -30.72
C SER F 143 5.25 32.59 -30.22
N ALA F 144 5.21 31.61 -31.11
CA ALA F 144 4.86 30.21 -30.72
C ALA F 144 5.91 29.19 -31.16
N TYR F 145 6.22 29.11 -32.45
CA TYR F 145 7.20 28.15 -32.92
C TYR F 145 8.59 28.32 -32.22
N SER F 146 8.96 29.56 -31.98
CA SER F 146 10.25 29.87 -31.38
C SER F 146 10.41 29.25 -29.97
N TYR F 147 9.33 28.96 -29.27
CA TYR F 147 9.41 28.31 -27.98
C TYR F 147 10.02 26.90 -28.18
N ALA F 148 9.59 26.21 -29.24
CA ALA F 148 10.22 24.94 -29.62
C ALA F 148 11.64 25.09 -30.09
N SER F 149 11.88 26.08 -30.97
CA SER F 149 13.23 26.26 -31.52
C SER F 149 14.27 26.57 -30.39
N MET F 150 13.87 27.36 -29.41
CA MET F 150 14.75 27.63 -28.28
C MET F 150 15.01 26.43 -27.45
N ALA F 151 13.95 25.67 -27.21
CA ALA F 151 14.14 24.41 -26.42
C ALA F 151 15.06 23.45 -27.16
N LYS F 152 14.90 23.35 -28.48
CA LYS F 152 15.75 22.52 -29.22
C LYS F 152 17.22 22.93 -29.12
N ALA F 153 17.47 24.22 -29.20
CA ALA F 153 18.83 24.73 -29.18
C ALA F 153 19.46 24.54 -27.78
N LEU F 154 18.66 24.74 -26.70
CA LEU F 154 19.17 24.82 -25.36
C LEU F 154 19.09 23.58 -24.50
N LEU F 155 18.15 22.67 -24.77
CA LEU F 155 18.09 21.43 -23.97
C LEU F 155 19.40 20.69 -23.94
N PRO F 156 20.19 20.64 -25.04
CA PRO F 156 21.46 19.90 -24.94
C PRO F 156 22.45 20.51 -23.95
N ILE F 157 22.25 21.76 -23.51
CA ILE F 157 23.11 22.33 -22.51
C ILE F 157 22.33 22.71 -21.25
N MET F 158 21.28 21.94 -20.94
CA MET F 158 20.54 22.09 -19.67
C MET F 158 20.80 20.91 -18.75
N ASN F 159 20.90 21.23 -17.47
CA ASN F 159 21.07 20.23 -16.43
C ASN F 159 19.75 19.56 -16.12
N PRO F 160 19.79 18.28 -15.71
CA PRO F 160 18.61 17.66 -15.10
C PRO F 160 18.06 18.51 -13.98
N GLY F 161 16.75 18.58 -13.80
CA GLY F 161 16.15 19.42 -12.77
C GLY F 161 15.92 20.84 -13.30
N GLY F 162 16.26 21.11 -14.55
CA GLY F 162 16.12 22.44 -15.06
C GLY F 162 14.70 22.79 -15.43
N SER F 163 14.54 24.00 -15.93
CA SER F 163 13.21 24.58 -16.14
C SER F 163 13.18 25.57 -17.33
N ILE F 164 12.26 25.37 -18.24
CA ILE F 164 11.98 26.28 -19.30
C ILE F 164 10.61 26.93 -19.05
N VAL F 165 10.58 28.26 -19.16
CA VAL F 165 9.38 29.03 -18.89
C VAL F 165 9.13 30.00 -20.03
N GLY F 166 7.89 30.04 -20.52
CA GLY F 166 7.46 31.01 -21.52
C GLY F 166 6.32 31.87 -20.98
N MET F 167 6.03 32.99 -21.65
CA MET F 167 4.95 33.87 -21.24
C MET F 167 3.74 33.72 -22.15
N ASP F 168 2.57 33.63 -21.53
CA ASP F 168 1.27 33.42 -22.14
C ASP F 168 0.35 34.53 -21.70
N PHE F 169 -0.70 34.72 -22.48
CA PHE F 169 -1.82 35.58 -22.11
C PHE F 169 -3.06 34.76 -22.50
N ASP F 170 -3.89 34.47 -21.53
CA ASP F 170 -4.94 33.47 -21.64
C ASP F 170 -5.77 33.62 -22.89
N PRO F 171 -5.64 32.65 -23.82
CA PRO F 171 -6.34 32.77 -25.12
C PRO F 171 -7.56 31.83 -25.21
N SER F 172 -8.04 31.34 -24.08
CA SER F 172 -9.10 30.34 -24.06
C SER F 172 -10.43 30.91 -24.53
N ARG F 173 -10.59 32.23 -24.49
CA ARG F 173 -11.79 32.91 -25.01
C ARG F 173 -11.31 34.07 -25.88
N ALA F 174 -12.07 34.37 -26.92
CA ALA F 174 -11.72 35.46 -27.80
C ALA F 174 -12.02 36.79 -27.05
N MET F 175 -11.47 37.85 -27.61
CA MET F 175 -11.54 39.17 -26.99
C MET F 175 -11.26 40.26 -28.02
N PRO F 176 -11.64 41.50 -27.73
CA PRO F 176 -11.29 42.58 -28.65
C PRO F 176 -9.76 42.75 -28.80
N ALA F 177 -9.37 43.16 -30.01
CA ALA F 177 -8.03 43.72 -30.33
C ALA F 177 -6.87 42.70 -30.36
N TYR F 178 -6.87 41.72 -29.48
CA TYR F 178 -5.73 40.80 -29.39
C TYR F 178 -5.70 39.89 -30.63
N ASN F 179 -6.88 39.65 -31.21
CA ASN F 179 -7.01 39.11 -32.55
C ASN F 179 -6.04 37.95 -32.82
N TRP F 180 -5.15 38.08 -33.80
CA TRP F 180 -4.32 36.96 -34.21
C TRP F 180 -3.24 36.62 -33.16
N MET F 181 -2.90 37.56 -32.27
CA MET F 181 -2.02 37.18 -31.18
C MET F 181 -2.69 36.12 -30.28
N THR F 182 -4.02 36.21 -30.14
CA THR F 182 -4.74 35.20 -29.38
C THR F 182 -4.49 33.81 -29.98
N VAL F 183 -4.53 33.76 -31.31
CA VAL F 183 -4.31 32.53 -32.05
C VAL F 183 -2.89 32.03 -31.83
N ALA F 184 -1.94 32.94 -31.87
CA ALA F 184 -0.54 32.58 -31.58
C ALA F 184 -0.35 32.01 -30.17
N LYS F 185 -1.01 32.61 -29.19
CA LYS F 185 -0.93 32.10 -27.82
C LYS F 185 -1.58 30.72 -27.66
N SER F 186 -2.71 30.48 -28.32
CA SER F 186 -3.29 29.13 -28.34
C SER F 186 -2.30 28.16 -28.89
N ALA F 187 -1.63 28.52 -30.00
CA ALA F 187 -0.61 27.66 -30.57
C ALA F 187 0.53 27.45 -29.57
N LEU F 188 0.97 28.50 -28.91
CA LEU F 188 2.05 28.40 -27.92
C LEU F 188 1.69 27.41 -26.80
N GLU F 189 0.47 27.47 -26.31
CA GLU F 189 0.05 26.55 -25.27
C GLU F 189 0.21 25.10 -25.69
N SER F 190 -0.16 24.83 -26.93
CA SER F 190 -0.09 23.48 -27.47
C SER F 190 1.40 23.11 -27.65
N VAL F 191 2.21 24.06 -28.13
CA VAL F 191 3.64 23.83 -28.30
C VAL F 191 4.30 23.46 -26.97
N ASN F 192 3.94 24.19 -25.89
CA ASN F 192 4.45 23.95 -24.57
C ASN F 192 4.24 22.50 -24.12
N ARG F 193 3.07 21.94 -24.42
CA ARG F 193 2.77 20.58 -24.02
C ARG F 193 3.69 19.55 -24.74
N PHE F 194 4.03 19.84 -26.00
CA PHE F 194 4.97 19.01 -26.74
C PHE F 194 6.42 19.21 -26.30
N VAL F 195 6.79 20.47 -26.02
CA VAL F 195 8.12 20.75 -25.52
C VAL F 195 8.33 20.02 -24.21
N ALA F 196 7.29 19.95 -23.38
CA ALA F 196 7.37 19.20 -22.17
C ALA F 196 7.69 17.75 -22.38
N ARG F 197 7.09 17.14 -23.37
CA ARG F 197 7.43 15.73 -23.69
C ARG F 197 8.89 15.58 -24.08
N GLU F 198 9.43 16.51 -24.87
CA GLU F 198 10.89 16.40 -25.26
C GLU F 198 11.77 16.70 -24.07
N ALA F 199 11.42 17.74 -23.33
CA ALA F 199 12.22 18.17 -22.20
C ALA F 199 12.31 17.15 -21.07
N GLY F 200 11.24 16.36 -20.94
CA GLY F 200 11.22 15.33 -19.93
C GLY F 200 12.32 14.33 -20.10
N LYS F 201 12.76 14.06 -21.33
CA LYS F 201 13.89 13.13 -21.57
C LYS F 201 15.18 13.63 -20.95
N TYR F 202 15.31 14.94 -20.72
CA TYR F 202 16.44 15.58 -20.08
C TYR F 202 16.23 15.87 -18.60
N GLY F 203 15.13 15.43 -18.02
CA GLY F 203 14.78 15.80 -16.65
C GLY F 203 14.41 17.30 -16.51
N VAL F 204 13.93 17.93 -17.60
CA VAL F 204 13.65 19.31 -17.60
C VAL F 204 12.13 19.54 -17.74
N ARG F 205 11.65 20.53 -16.99
CA ARG F 205 10.26 20.96 -17.02
C ARG F 205 10.06 22.09 -18.02
N SER F 206 8.85 22.18 -18.55
CA SER F 206 8.47 23.28 -19.47
C SER F 206 7.09 23.73 -19.06
N ASN F 207 6.92 25.03 -18.82
CA ASN F 207 5.67 25.59 -18.39
C ASN F 207 5.53 27.02 -18.93
N LEU F 208 4.30 27.49 -18.99
CA LEU F 208 4.04 28.89 -19.27
C LEU F 208 3.47 29.58 -18.05
N VAL F 209 3.74 30.88 -17.98
CA VAL F 209 3.03 31.75 -17.04
C VAL F 209 2.04 32.59 -17.82
N ALA F 210 0.78 32.45 -17.52
CA ALA F 210 -0.26 33.29 -18.13
C ALA F 210 -0.42 34.52 -17.22
N ALA F 211 0.20 35.63 -17.63
CA ALA F 211 0.24 36.84 -16.79
C ALA F 211 -0.96 37.72 -17.09
N GLY F 212 -1.38 38.44 -16.07
CA GLY F 212 -2.23 39.57 -16.29
C GLY F 212 -1.50 40.69 -17.05
N PRO F 213 -2.28 41.70 -17.45
CA PRO F 213 -1.72 42.75 -18.31
C PRO F 213 -0.67 43.63 -17.58
N ILE F 214 0.41 43.91 -18.29
CA ILE F 214 1.49 44.77 -17.72
C ILE F 214 1.82 45.80 -18.83
N ARG F 215 1.97 47.04 -18.38
CA ARG F 215 2.26 48.09 -19.34
C ARG F 215 3.67 48.00 -19.90
N THR F 216 3.78 47.51 -21.10
CA THR F 216 5.07 47.37 -21.81
C THR F 216 4.96 47.98 -23.21
N LEU F 217 6.05 48.03 -23.92
CA LEU F 217 6.09 48.54 -25.28
C LEU F 217 5.16 47.68 -26.12
N ALA F 218 5.19 46.34 -26.00
CA ALA F 218 4.29 45.54 -26.78
C ALA F 218 2.80 45.84 -26.49
N MET F 219 2.45 46.07 -25.23
CA MET F 219 1.09 46.39 -24.88
C MET F 219 0.63 47.57 -25.68
N SER F 220 1.41 48.64 -25.74
CA SER F 220 0.96 49.79 -26.49
C SER F 220 0.87 49.54 -27.99
N ALA F 221 1.69 48.63 -28.53
CA ALA F 221 1.67 48.30 -29.96
C ALA F 221 0.41 47.51 -30.42
N ILE F 222 -0.25 46.84 -29.49
CA ILE F 222 -1.51 46.19 -29.81
C ILE F 222 -2.53 47.15 -30.46
N VAL F 223 -2.65 48.38 -29.92
CA VAL F 223 -3.51 49.37 -30.56
C VAL F 223 -2.74 50.42 -31.33
N GLY F 224 -1.53 50.15 -31.83
CA GLY F 224 -0.79 51.05 -32.68
C GLY F 224 -0.13 52.16 -31.88
N GLY F 225 0.06 52.07 -30.57
CA GLY F 225 0.96 53.05 -29.82
C GLY F 225 0.22 53.49 -28.57
N ALA F 226 0.86 54.30 -27.73
CA ALA F 226 0.19 54.73 -26.48
C ALA F 226 -0.96 55.72 -26.81
N LEU F 227 -0.85 56.39 -27.94
CA LEU F 227 -1.87 57.25 -28.39
C LEU F 227 -2.66 56.64 -29.55
N GLY F 228 -2.67 55.32 -29.69
CA GLY F 228 -3.51 54.61 -30.64
C GLY F 228 -4.93 55.03 -30.47
N GLU F 229 -5.68 54.87 -31.53
CA GLU F 229 -7.08 55.37 -31.59
C GLU F 229 -8.01 54.82 -30.41
N GLU F 230 -7.79 53.55 -30.10
CA GLU F 230 -8.59 52.95 -29.06
C GLU F 230 -7.83 52.71 -27.77
N ALA F 231 -6.80 53.44 -27.50
CA ALA F 231 -6.02 53.27 -26.23
C ALA F 231 -6.83 53.45 -24.94
N GLY F 232 -7.80 54.38 -24.98
CA GLY F 232 -8.74 54.64 -23.83
C GLY F 232 -9.55 53.34 -23.56
N ALA F 233 -10.08 52.78 -24.65
CA ALA F 233 -10.82 51.51 -24.62
C ALA F 233 -9.96 50.38 -24.16
N GLN F 234 -8.69 50.37 -24.52
CA GLN F 234 -7.81 49.33 -24.05
C GLN F 234 -7.70 49.35 -22.54
N ILE F 235 -7.45 50.52 -21.95
CA ILE F 235 -7.28 50.56 -20.52
C ILE F 235 -8.58 50.13 -19.82
N GLN F 236 -9.74 50.59 -20.34
CA GLN F 236 -10.96 50.25 -19.70
C GLN F 236 -11.21 48.68 -19.71
N LEU F 237 -10.99 48.05 -20.86
CA LEU F 237 -11.16 46.58 -21.01
C LEU F 237 -10.18 45.87 -20.09
N LEU F 238 -8.96 46.35 -19.96
CA LEU F 238 -8.01 45.71 -19.08
C LEU F 238 -8.40 45.82 -17.62
N GLU F 239 -8.93 46.97 -17.23
CA GLU F 239 -9.41 47.12 -15.86
C GLU F 239 -10.62 46.22 -15.58
N GLU F 240 -11.52 46.10 -16.53
CA GLU F 240 -12.69 45.22 -16.38
C GLU F 240 -12.35 43.74 -16.34
N GLY F 241 -11.42 43.34 -17.20
CA GLY F 241 -11.02 41.96 -17.34
C GLY F 241 -10.17 41.40 -16.22
N TRP F 242 -9.38 42.29 -15.60
CA TRP F 242 -8.37 41.89 -14.64
C TRP F 242 -8.65 42.50 -13.27
N ASP F 243 -8.30 43.75 -13.03
CA ASP F 243 -8.45 44.28 -11.70
C ASP F 243 -9.84 44.10 -11.06
N GLN F 244 -10.87 44.37 -11.86
CA GLN F 244 -12.26 44.21 -11.39
C GLN F 244 -12.64 42.76 -11.12
N ARG F 245 -12.06 41.79 -11.77
CA ARG F 245 -12.44 40.39 -11.56
C ARG F 245 -11.51 39.75 -10.50
N ALA F 246 -10.31 40.23 -10.35
CA ALA F 246 -9.29 39.59 -9.49
C ALA F 246 -9.63 39.75 -8.02
N PRO F 247 -9.77 38.64 -7.27
CA PRO F 247 -10.07 38.78 -5.84
C PRO F 247 -9.00 39.53 -5.09
N ILE F 248 -7.76 39.54 -5.55
CA ILE F 248 -6.74 40.26 -4.82
C ILE F 248 -6.34 41.49 -5.63
N GLY F 249 -7.08 41.89 -6.63
CA GLY F 249 -6.70 43.06 -7.44
C GLY F 249 -5.59 42.76 -8.44
N TRP F 250 -5.36 43.72 -9.29
CA TRP F 250 -4.32 43.61 -10.31
C TRP F 250 -3.81 45.02 -10.64
N ASN F 251 -2.52 45.20 -10.60
CA ASN F 251 -1.87 46.44 -10.92
C ASN F 251 -0.97 46.29 -12.16
N MET F 252 -1.41 46.87 -13.25
CA MET F 252 -0.74 46.76 -14.53
C MET F 252 0.59 47.50 -14.57
N LYS F 253 0.89 48.32 -13.57
CA LYS F 253 2.19 48.98 -13.52
C LYS F 253 3.21 48.19 -12.78
N ASP F 254 2.85 47.06 -12.23
CA ASP F 254 3.76 46.30 -11.35
C ASP F 254 4.01 44.91 -11.87
N ALA F 255 5.15 44.72 -12.50
CA ALA F 255 5.56 43.42 -13.07
C ALA F 255 6.11 42.44 -12.01
N THR F 256 6.36 42.90 -10.81
CA THR F 256 6.99 42.05 -9.80
C THR F 256 6.28 40.72 -9.56
N PRO F 257 4.95 40.72 -9.41
CA PRO F 257 4.22 39.46 -9.11
C PRO F 257 4.40 38.44 -10.22
N VAL F 258 4.48 38.93 -11.46
CA VAL F 258 4.68 38.07 -12.62
C VAL F 258 6.13 37.51 -12.57
N ALA F 259 7.08 38.38 -12.35
CA ALA F 259 8.49 37.98 -12.27
C ALA F 259 8.71 36.94 -11.18
N LYS F 260 8.10 37.15 -10.03
CA LYS F 260 8.23 36.20 -8.92
C LYS F 260 7.67 34.83 -9.30
N THR F 261 6.54 34.83 -9.99
CA THR F 261 5.94 33.58 -10.41
C THR F 261 6.86 32.81 -11.39
N VAL F 262 7.48 33.53 -12.34
CA VAL F 262 8.39 32.88 -13.25
C VAL F 262 9.61 32.27 -12.42
N CYS F 263 10.10 33.02 -11.44
CA CYS F 263 11.17 32.57 -10.59
C CYS F 263 10.73 31.32 -9.80
N ALA F 264 9.50 31.26 -9.36
CA ALA F 264 8.99 30.07 -8.67
C ALA F 264 9.09 28.82 -9.59
N LEU F 265 8.72 29.00 -10.86
CA LEU F 265 8.84 27.91 -11.83
C LEU F 265 10.30 27.56 -12.15
N LEU F 266 11.19 28.52 -12.13
CA LEU F 266 12.59 28.28 -12.34
C LEU F 266 13.26 27.58 -11.14
N SER F 267 12.66 27.69 -9.97
CA SER F 267 13.23 27.18 -8.74
C SER F 267 12.94 25.67 -8.67
N ASP F 268 13.34 25.08 -7.58
CA ASP F 268 13.08 23.69 -7.29
C ASP F 268 11.76 23.51 -6.54
N TRP F 269 10.93 24.55 -6.44
CA TRP F 269 9.71 24.48 -5.59
C TRP F 269 8.41 24.11 -6.33
N LEU F 270 8.46 23.93 -7.62
CA LEU F 270 7.36 23.36 -8.38
C LEU F 270 7.90 22.16 -9.21
N PRO F 271 8.41 21.15 -8.54
CA PRO F 271 9.21 20.13 -9.18
C PRO F 271 8.38 19.06 -9.93
N ALA F 272 7.08 19.11 -9.76
CA ALA F 272 6.23 18.12 -10.36
C ALA F 272 5.22 18.75 -11.36
N THR F 273 5.52 19.92 -11.87
CA THR F 273 4.62 20.61 -12.74
C THR F 273 5.34 20.80 -14.07
N THR F 274 4.74 20.28 -15.14
CA THR F 274 5.31 20.43 -16.49
C THR F 274 4.18 20.30 -17.53
N GLY F 275 4.46 20.82 -18.69
CA GLY F 275 3.47 20.95 -19.75
C GLY F 275 2.28 21.85 -19.43
N ASP F 276 2.48 22.73 -18.46
CA ASP F 276 1.39 23.34 -17.78
C ASP F 276 1.44 24.87 -17.86
N ILE F 277 0.40 25.49 -17.31
CA ILE F 277 0.15 26.92 -17.31
C ILE F 277 -0.13 27.38 -15.88
N ILE F 278 0.66 28.31 -15.37
CA ILE F 278 0.38 28.90 -14.08
C ILE F 278 -0.12 30.32 -14.33
N TYR F 279 -1.21 30.67 -13.70
CA TYR F 279 -1.88 31.95 -13.91
C TYR F 279 -1.44 32.97 -12.88
N ALA F 280 -0.78 34.01 -13.32
CA ALA F 280 -0.35 35.11 -12.46
C ALA F 280 -1.11 36.35 -12.87
N ASP F 281 -2.39 36.38 -12.46
CA ASP F 281 -3.34 37.34 -12.97
C ASP F 281 -4.30 37.84 -11.90
N GLY F 282 -3.91 37.70 -10.65
CA GLY F 282 -4.71 38.15 -9.52
C GLY F 282 -5.96 37.24 -9.26
N GLY F 283 -5.98 36.10 -9.94
CA GLY F 283 -7.12 35.20 -9.91
C GLY F 283 -8.27 35.63 -10.86
N ALA F 284 -8.01 36.63 -11.72
CA ALA F 284 -9.07 37.10 -12.57
C ALA F 284 -9.76 36.00 -13.43
N HIS F 285 -8.97 35.05 -13.92
CA HIS F 285 -9.50 34.06 -14.85
C HIS F 285 -10.43 33.06 -14.07
N THR F 286 -10.47 33.13 -12.74
CA THR F 286 -11.31 32.23 -11.94
C THR F 286 -12.68 32.82 -11.62
N GLN F 287 -12.91 34.06 -12.04
CA GLN F 287 -14.09 34.83 -11.71
C GLN F 287 -14.79 35.33 -12.99
N LEU F 288 -16.09 35.23 -12.99
CA LEU F 288 -16.86 35.50 -14.19
C LEU F 288 -17.04 36.99 -14.38
N LEU F 289 -17.39 37.61 -13.29
CA LEU F 289 -17.62 39.07 -13.15
C LEU F 289 -17.19 39.34 -11.70
N THR G 22 18.44 31.03 4.75
CA THR G 22 17.04 31.43 4.87
C THR G 22 16.13 30.40 4.10
N GLY G 23 15.22 29.83 4.87
CA GLY G 23 14.22 29.01 4.36
C GLY G 23 13.06 29.82 3.73
N LEU G 24 12.37 29.10 2.83
CA LEU G 24 11.29 29.64 2.07
C LEU G 24 10.15 30.19 2.93
N LEU G 25 9.89 29.61 4.08
CA LEU G 25 8.79 30.01 4.92
C LEU G 25 9.27 30.60 6.28
N ASP G 26 10.46 31.15 6.28
CA ASP G 26 11.02 31.72 7.50
C ASP G 26 10.10 32.73 8.14
N GLY G 27 9.78 32.52 9.40
CA GLY G 27 8.98 33.48 10.12
C GLY G 27 7.48 33.29 9.89
N LYS G 28 7.03 32.35 9.09
CA LYS G 28 5.62 32.23 8.86
C LYS G 28 5.00 31.28 9.87
N ARG G 29 3.77 31.58 10.30
CA ARG G 29 2.99 30.74 11.18
C ARG G 29 1.92 30.09 10.33
N ILE G 30 1.92 28.76 10.29
CA ILE G 30 1.08 28.01 9.36
C ILE G 30 0.37 26.90 10.13
N LEU G 31 -0.95 26.79 9.90
CA LEU G 31 -1.75 25.72 10.43
C LEU G 31 -1.79 24.60 9.38
N VAL G 32 -1.57 23.36 9.83
CA VAL G 32 -1.62 22.22 8.95
C VAL G 32 -2.55 21.16 9.55
N SER G 33 -3.65 20.88 8.84
CA SER G 33 -4.57 19.84 9.19
C SER G 33 -4.25 18.57 8.45
N GLY G 34 -4.85 17.45 8.86
CA GLY G 34 -4.84 16.24 8.05
C GLY G 34 -3.78 15.17 8.26
N ILE G 35 -2.97 15.31 9.27
CA ILE G 35 -2.02 14.24 9.63
C ILE G 35 -2.78 13.11 10.35
N ILE G 36 -2.62 11.91 9.81
CA ILE G 36 -3.04 10.71 10.52
C ILE G 36 -1.92 9.67 10.61
N THR G 37 -1.11 9.52 9.57
CA THR G 37 0.09 8.68 9.68
C THR G 37 1.27 9.43 9.13
N ASP G 38 2.45 8.85 9.24
CA ASP G 38 3.62 9.49 8.60
C ASP G 38 3.71 9.32 7.07
N SER G 39 2.73 8.70 6.44
CA SER G 39 2.57 8.75 4.97
C SER G 39 1.62 9.84 4.54
N SER G 40 0.90 10.46 5.47
CA SER G 40 -0.08 11.48 5.12
C SER G 40 0.56 12.59 4.33
N ILE G 41 -0.14 13.06 3.30
CA ILE G 41 0.37 14.22 2.55
C ILE G 41 0.66 15.37 3.53
N ALA G 42 -0.24 15.59 4.49
CA ALA G 42 -0.08 16.65 5.45
C ALA G 42 1.18 16.48 6.34
N PHE G 43 1.57 15.25 6.62
CA PHE G 43 2.79 15.04 7.39
C PHE G 43 4.00 15.60 6.59
N HIS G 44 4.05 15.28 5.31
CA HIS G 44 5.12 15.75 4.48
C HIS G 44 5.07 17.25 4.23
N ILE G 45 3.87 17.81 4.13
CA ILE G 45 3.73 19.26 4.03
C ILE G 45 4.32 19.90 5.28
N ALA G 46 3.95 19.37 6.44
CA ALA G 46 4.47 19.89 7.68
C ALA G 46 5.98 19.75 7.81
N ARG G 47 6.52 18.59 7.44
CA ARG G 47 7.96 18.35 7.50
C ARG G 47 8.71 19.40 6.65
N VAL G 48 8.30 19.51 5.39
CA VAL G 48 8.99 20.43 4.48
C VAL G 48 8.84 21.89 4.99
N ALA G 49 7.64 22.24 5.47
CA ALA G 49 7.42 23.60 5.94
C ALA G 49 8.37 23.90 7.14
N GLN G 50 8.51 22.95 8.06
CA GLN G 50 9.45 23.16 9.17
C GLN G 50 10.88 23.20 8.68
N GLU G 51 11.26 22.36 7.71
CA GLU G 51 12.62 22.46 7.19
C GLU G 51 12.83 23.83 6.62
N GLN G 52 11.80 24.52 6.15
CA GLN G 52 11.94 25.81 5.50
C GLN G 52 11.63 26.96 6.47
N GLY G 53 11.63 26.67 7.76
CA GLY G 53 11.59 27.69 8.78
C GLY G 53 10.23 28.08 9.31
N ALA G 54 9.14 27.40 8.91
CA ALA G 54 7.81 27.77 9.39
C ALA G 54 7.66 27.35 10.85
N GLN G 55 6.84 28.05 11.62
CA GLN G 55 6.32 27.60 12.92
C GLN G 55 4.92 27.07 12.69
N LEU G 56 4.68 25.82 13.05
CA LEU G 56 3.41 25.17 12.78
C LEU G 56 2.46 25.11 13.97
N VAL G 57 1.16 25.08 13.66
CA VAL G 57 0.10 24.61 14.54
C VAL G 57 -0.52 23.49 13.74
N LEU G 58 -0.72 22.35 14.38
CA LEU G 58 -1.26 21.18 13.73
C LEU G 58 -2.66 20.89 14.24
N THR G 59 -3.52 20.32 13.36
CA THR G 59 -4.83 19.83 13.79
C THR G 59 -5.01 18.40 13.39
N GLY G 60 -5.71 17.69 14.25
CA GLY G 60 -5.93 16.23 14.09
C GLY G 60 -7.36 15.87 14.47
N PHE G 61 -7.84 14.79 13.85
CA PHE G 61 -9.19 14.31 14.01
C PHE G 61 -9.20 12.96 14.71
N ASP G 62 -9.96 12.88 15.78
CA ASP G 62 -10.44 11.58 16.31
C ASP G 62 -9.35 10.81 17.09
N ARG G 63 -8.22 10.42 16.50
CA ARG G 63 -7.26 9.57 17.23
C ARG G 63 -6.08 10.42 17.69
N LEU G 64 -6.37 11.35 18.60
CA LEU G 64 -5.39 12.34 18.96
C LEU G 64 -4.13 11.77 19.66
N ARG G 65 -4.22 10.66 20.38
CA ARG G 65 -3.02 10.08 20.95
C ARG G 65 -2.14 9.49 19.87
N LEU G 66 -2.72 8.78 18.92
CA LEU G 66 -1.90 8.24 17.80
C LEU G 66 -1.25 9.43 17.06
N ILE G 67 -2.05 10.48 16.82
CA ILE G 67 -1.60 11.56 15.99
C ILE G 67 -0.43 12.28 16.66
N GLN G 68 -0.52 12.45 17.97
CA GLN G 68 0.57 13.00 18.74
C GLN G 68 1.88 12.18 18.59
N ARG G 69 1.83 10.87 18.66
CA ARG G 69 3.04 10.01 18.38
C ARG G 69 3.57 10.23 16.99
N ILE G 70 2.66 10.38 16.01
CA ILE G 70 3.08 10.62 14.64
C ILE G 70 3.78 11.99 14.51
N THR G 71 3.20 13.04 15.09
CA THR G 71 3.75 14.38 14.95
C THR G 71 5.02 14.55 15.76
N ASP G 72 5.26 13.71 16.72
CA ASP G 72 6.58 13.66 17.33
C ASP G 72 7.69 13.31 16.36
N ARG G 73 7.40 12.69 15.23
CA ARG G 73 8.44 12.36 14.30
C ARG G 73 8.77 13.55 13.38
N LEU G 74 8.04 14.67 13.45
CA LEU G 74 8.35 15.84 12.64
C LEU G 74 9.66 16.41 13.11
N PRO G 75 10.33 17.20 12.29
CA PRO G 75 11.60 17.70 12.81
C PRO G 75 11.48 18.69 13.94
N ALA G 76 10.38 19.32 14.20
CA ALA G 76 10.27 20.21 15.39
C ALA G 76 8.93 20.05 16.07
N LYS G 77 8.84 20.49 17.31
CA LYS G 77 7.61 20.35 18.13
C LYS G 77 6.64 21.32 17.55
N ALA G 78 5.39 20.98 17.61
CA ALA G 78 4.39 21.91 17.19
C ALA G 78 3.18 21.59 18.00
N PRO G 79 2.42 22.58 18.44
CA PRO G 79 1.23 22.20 19.14
C PRO G 79 0.16 21.50 18.31
N LEU G 80 -0.57 20.56 18.91
CA LEU G 80 -1.60 19.79 18.20
C LEU G 80 -2.95 20.12 18.76
N LEU G 81 -3.90 20.54 17.93
CA LEU G 81 -5.22 20.88 18.38
C LEU G 81 -6.20 19.91 17.74
N GLU G 82 -7.32 19.67 18.45
CA GLU G 82 -8.33 18.79 17.91
C GLU G 82 -9.24 19.52 16.96
N LEU G 83 -9.52 18.92 15.82
CA LEU G 83 -10.52 19.47 14.92
C LEU G 83 -11.20 18.38 14.11
N ASP G 84 -12.48 18.24 14.34
CA ASP G 84 -13.37 17.42 13.55
C ASP G 84 -14.15 18.52 12.79
N VAL G 85 -14.01 18.57 11.49
CA VAL G 85 -14.67 19.63 10.71
C VAL G 85 -16.17 19.47 10.62
N GLN G 86 -16.75 18.33 11.04
CA GLN G 86 -18.22 18.26 11.25
C GLN G 86 -18.71 18.83 12.55
N ASN G 87 -17.82 19.17 13.44
CA ASN G 87 -18.23 19.64 14.76
C ASN G 87 -18.25 21.15 14.86
N GLU G 88 -19.45 21.73 14.97
CA GLU G 88 -19.58 23.17 15.05
C GLU G 88 -18.83 23.82 16.16
N GLU G 89 -18.79 23.15 17.32
CA GLU G 89 -18.09 23.72 18.46
C GLU G 89 -16.62 23.78 18.22
N HIS G 90 -16.07 22.74 17.61
CA HIS G 90 -14.63 22.77 17.28
C HIS G 90 -14.27 23.96 16.33
N LEU G 91 -15.12 24.19 15.31
CA LEU G 91 -14.92 25.30 14.35
C LEU G 91 -15.10 26.66 15.07
N ALA G 92 -16.07 26.77 15.94
CA ALA G 92 -16.34 28.03 16.58
C ALA G 92 -15.22 28.40 17.60
N SER G 93 -14.48 27.42 18.12
CA SER G 93 -13.46 27.68 19.15
C SER G 93 -12.08 27.67 18.49
N LEU G 94 -11.99 27.26 17.22
CA LEU G 94 -10.68 27.03 16.58
C LEU G 94 -9.74 28.26 16.61
N ALA G 95 -10.28 29.42 16.24
CA ALA G 95 -9.42 30.63 16.17
C ALA G 95 -8.85 30.94 17.53
N GLY G 96 -9.71 30.91 18.56
CA GLY G 96 -9.28 31.15 19.94
C GLY G 96 -8.19 30.16 20.42
N ARG G 97 -8.35 28.90 20.06
CA ARG G 97 -7.37 27.89 20.43
C ARG G 97 -6.04 28.05 19.65
N VAL G 98 -6.13 28.44 18.38
CA VAL G 98 -4.92 28.77 17.63
C VAL G 98 -4.22 29.97 18.24
N THR G 99 -4.97 31.01 18.59
CA THR G 99 -4.37 32.23 19.07
C THR G 99 -3.64 31.95 20.39
N GLU G 100 -4.25 31.13 21.24
CA GLU G 100 -3.58 30.73 22.46
C GLU G 100 -2.31 29.92 22.19
N ALA G 101 -2.30 29.03 21.21
CA ALA G 101 -1.07 28.33 20.86
C ALA G 101 0.02 29.21 20.26
N ILE G 102 -0.30 30.16 19.39
CA ILE G 102 0.78 31.00 18.77
C ILE G 102 1.06 32.27 19.51
N GLY G 103 0.23 32.62 20.46
CA GLY G 103 0.48 33.78 21.31
C GLY G 103 -0.41 34.94 20.90
N ALA G 104 -0.95 35.61 21.90
CA ALA G 104 -1.88 36.73 21.68
C ALA G 104 -1.14 37.79 20.83
N GLY G 105 -1.82 38.39 19.88
CA GLY G 105 -1.18 39.38 19.04
C GLY G 105 -0.49 38.82 17.82
N ASN G 106 -0.37 37.49 17.68
CA ASN G 106 0.21 36.91 16.48
C ASN G 106 -0.89 36.34 15.65
N LYS G 107 -0.67 36.27 14.36
CA LYS G 107 -1.65 35.69 13.46
C LYS G 107 -1.00 34.66 12.59
N LEU G 108 -1.85 33.91 11.89
CA LEU G 108 -1.40 32.95 10.91
C LEU G 108 -1.09 33.58 9.57
N ASP G 109 -0.07 33.08 8.91
CA ASP G 109 0.23 33.38 7.53
C ASP G 109 -0.27 32.32 6.54
N GLY G 110 -0.50 31.11 7.04
CA GLY G 110 -0.86 30.03 6.15
C GLY G 110 -1.85 29.07 6.82
N VAL G 111 -2.70 28.46 6.00
CA VAL G 111 -3.57 27.37 6.43
C VAL G 111 -3.58 26.29 5.38
N VAL G 112 -3.37 25.04 5.78
CA VAL G 112 -3.43 23.92 4.88
C VAL G 112 -4.58 22.99 5.26
N HIS G 113 -5.48 22.79 4.30
CA HIS G 113 -6.58 21.83 4.39
C HIS G 113 -6.12 20.57 3.65
N SER G 114 -5.92 19.47 4.40
CA SER G 114 -5.51 18.19 3.76
C SER G 114 -6.35 17.12 4.35
N ILE G 115 -7.64 17.21 4.05
CA ILE G 115 -8.67 16.44 4.73
C ILE G 115 -9.64 15.89 3.69
N GLY G 116 -10.02 14.65 3.87
CA GLY G 116 -11.12 14.09 3.06
C GLY G 116 -11.72 12.84 3.68
N PHE G 117 -12.92 12.49 3.24
CA PHE G 117 -13.56 11.26 3.64
C PHE G 117 -14.71 10.98 2.66
N MET G 118 -14.98 9.73 2.45
CA MET G 118 -16.17 9.27 1.76
C MET G 118 -16.50 7.90 2.33
N PRO G 119 -17.76 7.66 2.67
CA PRO G 119 -18.09 6.29 3.14
C PRO G 119 -17.83 5.27 2.02
N GLN G 120 -17.63 4.04 2.41
CA GLN G 120 -17.35 2.93 1.50
C GLN G 120 -18.41 2.77 0.41
N THR G 121 -19.68 3.13 0.68
CA THR G 121 -20.70 2.95 -0.34
C THR G 121 -20.43 3.89 -1.52
N GLY G 122 -19.70 4.98 -1.26
CA GLY G 122 -19.47 5.95 -2.31
C GLY G 122 -18.25 5.78 -3.21
N MET G 123 -17.51 4.68 -3.05
CA MET G 123 -16.23 4.45 -3.69
C MET G 123 -16.01 3.00 -4.04
N GLY G 124 -15.04 2.76 -4.91
CA GLY G 124 -14.59 1.39 -5.16
C GLY G 124 -15.48 0.64 -6.09
N ILE G 125 -15.70 -0.65 -5.85
CA ILE G 125 -16.56 -1.43 -6.77
C ILE G 125 -18.01 -1.33 -6.39
N ASN G 126 -18.36 -0.68 -5.29
CA ASN G 126 -19.78 -0.49 -5.02
C ASN G 126 -20.44 0.34 -6.15
N PRO G 127 -21.58 -0.11 -6.64
CA PRO G 127 -22.20 0.65 -7.74
C PRO G 127 -22.45 2.11 -7.40
N PHE G 128 -22.07 2.99 -8.32
CA PHE G 128 -22.25 4.42 -8.16
C PHE G 128 -23.68 4.79 -7.71
N PHE G 129 -24.69 4.14 -8.30
CA PHE G 129 -26.08 4.49 -8.00
C PHE G 129 -26.56 3.99 -6.65
N ASP G 130 -25.81 3.10 -6.01
CA ASP G 130 -26.27 2.54 -4.72
C ASP G 130 -25.76 3.37 -3.54
N ALA G 131 -25.00 4.43 -3.71
CA ALA G 131 -24.60 5.19 -2.56
C ALA G 131 -25.78 6.07 -2.06
N PRO G 132 -26.25 5.87 -0.85
CA PRO G 132 -27.33 6.76 -0.41
C PRO G 132 -26.84 8.19 -0.17
N TYR G 133 -27.76 9.13 -0.30
CA TYR G 133 -27.36 10.51 -0.21
C TYR G 133 -26.79 10.85 1.21
N ALA G 134 -27.31 10.24 2.25
CA ALA G 134 -26.74 10.49 3.59
C ALA G 134 -25.23 10.22 3.63
N ASP G 135 -24.78 9.19 2.90
CA ASP G 135 -23.35 8.91 2.84
C ASP G 135 -22.62 9.92 1.97
N VAL G 136 -23.15 10.21 0.79
CA VAL G 136 -22.51 11.16 -0.11
C VAL G 136 -22.41 12.54 0.59
N SER G 137 -23.47 12.94 1.30
CA SER G 137 -23.53 14.24 1.98
C SER G 137 -22.44 14.34 3.05
N LYS G 138 -22.25 13.26 3.79
CA LYS G 138 -21.19 13.23 4.77
C LYS G 138 -19.83 13.44 4.12
N GLY G 139 -19.59 12.74 3.02
CA GLY G 139 -18.34 12.92 2.30
C GLY G 139 -18.11 14.33 1.76
N ILE G 140 -19.18 14.92 1.23
CA ILE G 140 -19.08 16.27 0.70
C ILE G 140 -18.86 17.27 1.88
N HIS G 141 -19.50 17.01 3.03
CA HIS G 141 -19.34 17.85 4.16
C HIS G 141 -17.84 17.91 4.54
N ILE G 142 -17.23 16.74 4.72
CA ILE G 142 -15.82 16.67 5.15
C ILE G 142 -14.85 17.13 4.10
N SER G 143 -15.11 16.78 2.84
CA SER G 143 -14.12 16.91 1.79
C SER G 143 -14.21 18.22 1.05
N ALA G 144 -15.36 18.89 1.06
CA ALA G 144 -15.59 20.12 0.28
C ALA G 144 -16.09 21.29 1.11
N TYR G 145 -17.22 21.14 1.80
CA TYR G 145 -17.75 22.24 2.60
C TYR G 145 -16.75 22.71 3.65
N SER G 146 -16.01 21.76 4.26
CA SER G 146 -15.10 22.09 5.34
C SER G 146 -13.97 23.04 4.87
N TYR G 147 -13.66 23.09 3.58
CA TYR G 147 -12.69 24.05 3.09
C TYR G 147 -13.21 25.47 3.35
N ALA G 148 -14.50 25.69 3.11
CA ALA G 148 -15.14 26.95 3.41
C ALA G 148 -15.22 27.19 4.94
N SER G 149 -15.66 26.18 5.70
CA SER G 149 -15.80 26.41 7.11
C SER G 149 -14.44 26.69 7.82
N MET G 150 -13.36 26.07 7.36
CA MET G 150 -12.04 26.39 7.90
C MET G 150 -11.63 27.81 7.56
N ALA G 151 -11.88 28.20 6.32
CA ALA G 151 -11.53 29.58 5.92
C ALA G 151 -12.34 30.60 6.74
N LYS G 152 -13.62 30.30 6.95
CA LYS G 152 -14.42 31.16 7.74
C LYS G 152 -13.89 31.33 9.17
N ALA G 153 -13.48 30.24 9.76
CA ALA G 153 -13.01 30.25 11.15
C ALA G 153 -11.65 30.96 11.25
N LEU G 154 -10.77 30.79 10.24
CA LEU G 154 -9.39 31.22 10.34
C LEU G 154 -9.03 32.56 9.66
N LEU G 155 -9.79 32.99 8.65
CA LEU G 155 -9.49 34.27 8.03
C LEU G 155 -9.39 35.42 9.02
N PRO G 156 -10.25 35.47 10.04
CA PRO G 156 -10.11 36.60 11.01
C PRO G 156 -8.82 36.62 11.77
N ILE G 157 -8.04 35.52 11.78
CA ILE G 157 -6.72 35.56 12.41
C ILE G 157 -5.61 35.29 11.40
N MET G 158 -5.81 35.71 10.13
CA MET G 158 -4.77 35.61 9.12
C MET G 158 -4.22 37.01 8.76
N ASN G 159 -2.91 37.07 8.55
CA ASN G 159 -2.26 38.28 8.13
C ASN G 159 -2.48 38.53 6.64
N PRO G 160 -2.51 39.79 6.22
CA PRO G 160 -2.45 40.12 4.79
C PRO G 160 -1.23 39.46 4.15
N GLY G 161 -1.34 39.02 2.91
CA GLY G 161 -0.26 38.30 2.24
C GLY G 161 -0.35 36.80 2.53
N GLY G 162 -1.31 36.36 3.31
CA GLY G 162 -1.33 34.97 3.67
C GLY G 162 -1.91 34.07 2.60
N SER G 163 -2.03 32.79 2.94
CA SER G 163 -2.31 31.78 1.92
C SER G 163 -3.07 30.57 2.52
N ILE G 164 -4.17 30.21 1.89
CA ILE G 164 -4.89 29.01 2.21
C ILE G 164 -4.74 28.03 1.06
N VAL G 165 -4.37 26.79 1.39
CA VAL G 165 -4.15 25.75 0.41
C VAL G 165 -4.93 24.50 0.79
N GLY G 166 -5.63 23.90 -0.18
CA GLY G 166 -6.30 22.63 -0.03
C GLY G 166 -5.79 21.60 -1.04
N MET G 167 -6.07 20.33 -0.79
CA MET G 167 -5.65 19.23 -1.66
C MET G 167 -6.79 18.73 -2.53
N ASP G 168 -6.50 18.60 -3.84
CA ASP G 168 -7.45 18.21 -4.88
C ASP G 168 -6.89 16.99 -5.59
N PHE G 169 -7.75 16.30 -6.28
CA PHE G 169 -7.38 15.21 -7.20
C PHE G 169 -8.28 15.45 -8.42
N ASP G 170 -7.69 15.64 -9.55
CA ASP G 170 -8.34 16.21 -10.72
C ASP G 170 -9.64 15.48 -11.09
N PRO G 171 -10.79 16.15 -10.92
CA PRO G 171 -12.07 15.53 -11.12
C PRO G 171 -12.76 15.94 -12.43
N SER G 172 -12.00 16.51 -13.35
CA SER G 172 -12.53 17.04 -14.58
C SER G 172 -13.08 15.94 -15.51
N ARG G 173 -12.64 14.68 -15.31
CA ARG G 173 -13.09 13.55 -16.06
C ARG G 173 -13.47 12.45 -15.09
N ALA G 174 -14.48 11.64 -15.44
CA ALA G 174 -14.81 10.53 -14.58
C ALA G 174 -13.74 9.44 -14.70
N MET G 175 -13.75 8.52 -13.76
CA MET G 175 -12.77 7.46 -13.70
C MET G 175 -13.32 6.28 -12.84
N PRO G 176 -12.70 5.11 -12.97
CA PRO G 176 -13.09 4.02 -12.08
C PRO G 176 -12.83 4.31 -10.61
N ALA G 177 -13.73 3.79 -9.75
CA ALA G 177 -13.56 3.68 -8.29
C ALA G 177 -13.66 4.97 -7.50
N TYR G 178 -13.17 6.10 -8.03
CA TYR G 178 -13.12 7.32 -7.21
C TYR G 178 -14.56 7.85 -7.01
N ASN G 179 -15.43 7.53 -7.99
CA ASN G 179 -16.88 7.66 -7.80
C ASN G 179 -17.30 8.95 -7.14
N TRP G 180 -17.97 8.87 -5.98
CA TRP G 180 -18.55 10.09 -5.37
C TRP G 180 -17.44 11.00 -4.78
N MET G 181 -16.24 10.47 -4.52
CA MET G 181 -15.16 11.39 -4.13
C MET G 181 -14.85 12.36 -5.29
N THR G 182 -14.99 11.88 -6.52
CA THR G 182 -14.78 12.73 -7.69
C THR G 182 -15.76 13.92 -7.63
N VAL G 183 -16.99 13.62 -7.27
CA VAL G 183 -18.03 14.63 -7.18
C VAL G 183 -17.68 15.61 -6.03
N ALA G 184 -17.20 15.09 -4.92
CA ALA G 184 -16.77 15.96 -3.82
C ALA G 184 -15.62 16.90 -4.22
N LYS G 185 -14.66 16.39 -4.98
CA LYS G 185 -13.55 17.21 -5.47
C LYS G 185 -14.01 18.28 -6.46
N SER G 186 -14.97 17.96 -7.33
CA SER G 186 -15.56 18.97 -8.19
C SER G 186 -16.19 20.07 -7.37
N ALA G 187 -16.92 19.69 -6.32
CA ALA G 187 -17.54 20.65 -5.41
C ALA G 187 -16.43 21.49 -4.74
N LEU G 188 -15.35 20.83 -4.29
CA LEU G 188 -14.27 21.56 -3.64
C LEU G 188 -13.66 22.60 -4.55
N GLU G 189 -13.46 22.25 -5.84
CA GLU G 189 -12.89 23.22 -6.76
C GLU G 189 -13.77 24.48 -6.82
N SER G 190 -15.07 24.28 -6.85
CA SER G 190 -16.00 25.39 -6.93
C SER G 190 -15.94 26.21 -5.61
N VAL G 191 -15.90 25.49 -4.48
CA VAL G 191 -15.80 26.13 -3.19
C VAL G 191 -14.53 27.03 -3.10
N ASN G 192 -13.41 26.52 -3.58
CA ASN G 192 -12.15 27.25 -3.60
C ASN G 192 -12.26 28.61 -4.31
N ARG G 193 -12.99 28.65 -5.41
CA ARG G 193 -13.14 29.89 -6.14
C ARG G 193 -13.95 30.94 -5.35
N PHE G 194 -14.94 30.46 -4.59
CA PHE G 194 -15.69 31.36 -3.68
C PHE G 194 -14.88 31.78 -2.44
N VAL G 195 -14.10 30.85 -1.90
CA VAL G 195 -13.24 31.15 -0.77
C VAL G 195 -12.27 32.25 -1.16
N ALA G 196 -11.77 32.16 -2.38
CA ALA G 196 -10.89 33.20 -2.88
C ALA G 196 -11.53 34.57 -2.91
N ARG G 197 -12.77 34.66 -3.27
CA ARG G 197 -13.47 35.96 -3.22
C ARG G 197 -13.52 36.51 -1.79
N GLU G 198 -13.81 35.64 -0.81
CA GLU G 198 -13.86 36.11 0.60
C GLU G 198 -12.48 36.44 1.12
N ALA G 199 -11.53 35.58 0.81
CA ALA G 199 -10.18 35.74 1.31
C ALA G 199 -9.47 36.97 0.77
N GLY G 200 -9.83 37.35 -0.46
CA GLY G 200 -9.25 38.53 -1.06
C GLY G 200 -9.48 39.77 -0.27
N LYS G 201 -10.60 39.87 0.44
CA LYS G 201 -10.88 41.05 1.30
C LYS G 201 -9.88 41.17 2.44
N TYR G 202 -9.22 40.09 2.82
CA TYR G 202 -8.18 40.05 3.83
C TYR G 202 -6.77 40.08 3.27
N GLY G 203 -6.62 40.25 1.96
CA GLY G 203 -5.31 40.12 1.33
C GLY G 203 -4.79 38.70 1.33
N VAL G 204 -5.68 37.70 1.35
CA VAL G 204 -5.27 36.32 1.46
C VAL G 204 -5.67 35.57 0.17
N ARG G 205 -4.77 34.69 -0.26
CA ARG G 205 -4.96 33.82 -1.42
C ARG G 205 -5.58 32.48 -0.98
N SER G 206 -6.31 31.87 -1.89
CA SER G 206 -6.84 30.49 -1.71
C SER G 206 -6.60 29.73 -2.97
N ASN G 207 -5.99 28.58 -2.86
CA ASN G 207 -5.67 27.74 -4.01
C ASN G 207 -5.71 26.25 -3.61
N LEU G 208 -5.89 25.41 -4.62
CA LEU G 208 -5.74 23.99 -4.42
C LEU G 208 -4.53 23.45 -5.15
N VAL G 209 -3.96 22.40 -4.61
CA VAL G 209 -2.94 21.63 -5.30
C VAL G 209 -3.58 20.30 -5.73
N ALA G 210 -3.66 20.08 -7.01
CA ALA G 210 -4.16 18.82 -7.56
C ALA G 210 -2.94 17.88 -7.67
N ALA G 211 -2.85 16.95 -6.75
CA ALA G 211 -1.68 16.07 -6.67
C ALA G 211 -1.91 14.82 -7.46
N GLY G 212 -0.84 14.28 -8.01
CA GLY G 212 -0.85 12.91 -8.43
C GLY G 212 -1.01 11.94 -7.25
N PRO G 213 -1.20 10.66 -7.52
CA PRO G 213 -1.46 9.70 -6.48
C PRO G 213 -0.26 9.47 -5.56
N ILE G 214 -0.58 9.42 -4.25
CA ILE G 214 0.47 9.16 -3.23
C ILE G 214 -0.07 8.06 -2.32
N ARG G 215 0.80 7.15 -1.99
CA ARG G 215 0.38 5.98 -1.19
C ARG G 215 0.15 6.42 0.29
N THR G 216 -1.10 6.61 0.65
CA THR G 216 -1.52 7.04 1.95
C THR G 216 -2.55 6.05 2.52
N LEU G 217 -2.89 6.21 3.80
CA LEU G 217 -3.93 5.45 4.40
C LEU G 217 -5.25 5.58 3.63
N ALA G 218 -5.61 6.81 3.25
CA ALA G 218 -6.85 6.97 2.48
C ALA G 218 -6.80 6.24 1.12
N MET G 219 -5.66 6.25 0.45
CA MET G 219 -5.54 5.54 -0.82
CA MET G 219 -5.55 5.55 -0.81
C MET G 219 -5.97 4.10 -0.63
N SER G 220 -5.45 3.44 0.38
CA SER G 220 -5.81 2.04 0.54
C SER G 220 -7.31 1.83 0.98
N ALA G 221 -8.05 2.85 1.43
CA ALA G 221 -9.48 2.78 1.68
C ALA G 221 -10.39 2.93 0.41
N ILE G 222 -9.93 3.56 -0.61
CA ILE G 222 -10.70 3.72 -1.82
C ILE G 222 -11.27 2.38 -2.38
N VAL G 223 -10.45 1.35 -2.49
CA VAL G 223 -11.00 0.04 -2.86
C VAL G 223 -11.00 -0.86 -1.57
N GLY G 224 -12.14 -1.35 -1.03
CA GLY G 224 -12.16 -2.37 0.10
C GLY G 224 -11.35 -3.66 -0.11
N GLU G 230 -10.53 -5.01 -6.42
CA GLU G 230 -9.10 -5.38 -6.78
C GLU G 230 -7.94 -4.23 -6.70
N ALA G 231 -7.17 -4.43 -5.67
CA ALA G 231 -6.02 -3.55 -5.38
C ALA G 231 -4.95 -3.57 -6.51
N GLY G 232 -4.76 -4.83 -7.17
CA GLY G 232 -3.85 -4.95 -8.32
C GLY G 232 -4.34 -3.97 -9.46
N ALA G 233 -5.63 -3.96 -9.69
CA ALA G 233 -6.30 -3.06 -10.64
C ALA G 233 -6.12 -1.61 -10.32
N GLN G 234 -6.14 -1.27 -9.03
CA GLN G 234 -5.89 0.08 -8.63
C GLN G 234 -4.49 0.53 -9.03
N ILE G 235 -3.49 -0.26 -8.73
CA ILE G 235 -2.15 0.13 -9.04
C ILE G 235 -1.98 0.24 -10.59
N GLN G 236 -2.55 -0.67 -11.33
CA GLN G 236 -2.42 -0.63 -12.78
C GLN G 236 -3.03 0.70 -13.37
N LEU G 237 -4.24 1.07 -12.89
CA LEU G 237 -4.88 2.32 -13.30
C LEU G 237 -4.01 3.52 -12.94
N LEU G 238 -3.43 3.49 -11.75
CA LEU G 238 -2.61 4.60 -11.29
C LEU G 238 -1.33 4.75 -12.16
N GLU G 239 -0.72 3.62 -12.50
CA GLU G 239 0.45 3.65 -13.32
C GLU G 239 0.12 4.17 -14.76
N GLU G 240 -1.04 3.75 -15.29
CA GLU G 240 -1.46 4.22 -16.59
C GLU G 240 -1.80 5.71 -16.64
N GLY G 241 -2.50 6.16 -15.64
CA GLY G 241 -3.00 7.51 -15.53
C GLY G 241 -1.95 8.58 -15.24
N TRP G 242 -0.89 8.17 -14.51
CA TRP G 242 0.08 9.12 -14.00
C TRP G 242 1.47 8.82 -14.55
N ASP G 243 2.20 7.87 -14.01
CA ASP G 243 3.57 7.71 -14.43
C ASP G 243 3.76 7.58 -15.93
N GLN G 244 2.91 6.80 -16.58
CA GLN G 244 2.97 6.60 -18.03
C GLN G 244 2.69 7.92 -18.83
N ARG G 245 1.88 8.82 -18.32
CA ARG G 245 1.53 10.00 -19.08
C ARG G 245 2.46 11.16 -18.69
N ALA G 246 3.02 11.15 -17.49
CA ALA G 246 3.82 12.27 -16.99
C ALA G 246 5.14 12.41 -17.74
N PRO G 247 5.42 13.58 -18.35
CA PRO G 247 6.71 13.65 -19.09
C PRO G 247 7.90 13.56 -18.13
N ILE G 248 7.74 13.89 -16.86
CA ILE G 248 8.86 13.77 -15.96
C ILE G 248 8.65 12.61 -15.02
N GLY G 249 7.71 11.71 -15.30
CA GLY G 249 7.49 10.55 -14.42
C GLY G 249 6.71 10.96 -13.13
N TRP G 250 6.26 9.93 -12.44
CA TRP G 250 5.54 10.10 -11.21
C TRP G 250 5.84 8.92 -10.30
N ASN G 251 6.24 9.21 -9.06
CA ASN G 251 6.56 8.20 -8.07
C ASN G 251 5.55 8.40 -6.90
N MET G 252 4.65 7.43 -6.77
CA MET G 252 3.63 7.48 -5.76
C MET G 252 4.12 7.26 -4.36
N LYS G 253 5.35 6.84 -4.20
CA LYS G 253 5.92 6.62 -2.86
C LYS G 253 6.57 7.91 -2.37
N ASP G 254 6.66 8.94 -3.17
CA ASP G 254 7.42 10.13 -2.78
C ASP G 254 6.49 11.36 -2.74
N ALA G 255 6.10 11.75 -1.55
CA ALA G 255 5.25 12.92 -1.30
C ALA G 255 5.99 14.25 -1.37
N THR G 256 7.31 14.24 -1.40
CA THR G 256 8.06 15.49 -1.34
C THR G 256 7.69 16.51 -2.41
N PRO G 257 7.54 16.08 -3.69
CA PRO G 257 7.18 17.06 -4.74
C PRO G 257 5.88 17.75 -4.48
N VAL G 258 4.93 17.03 -3.90
CA VAL G 258 3.60 17.55 -3.54
C VAL G 258 3.79 18.56 -2.41
N ALA G 259 4.51 18.13 -1.38
CA ALA G 259 4.75 19.00 -0.21
C ALA G 259 5.44 20.30 -0.63
N LYS G 260 6.42 20.21 -1.48
CA LYS G 260 7.14 21.39 -2.00
C LYS G 260 6.19 22.34 -2.71
N THR G 261 5.30 21.79 -3.53
CA THR G 261 4.36 22.60 -4.25
C THR G 261 3.40 23.35 -3.30
N VAL G 262 2.93 22.67 -2.24
CA VAL G 262 2.09 23.34 -1.27
C VAL G 262 2.87 24.51 -0.61
N CYS G 263 4.15 24.24 -0.26
CA CYS G 263 5.03 25.23 0.33
C CYS G 263 5.23 26.41 -0.64
N ALA G 264 5.30 26.16 -1.92
CA ALA G 264 5.42 27.24 -2.91
C ALA G 264 4.21 28.19 -2.82
N LEU G 265 3.03 27.59 -2.73
CA LEU G 265 1.79 28.36 -2.59
C LEU G 265 1.71 29.10 -1.24
N LEU G 266 2.27 28.51 -0.19
CA LEU G 266 2.29 29.19 1.11
C LEU G 266 3.29 30.33 1.18
N SER G 267 4.27 30.32 0.30
CA SER G 267 5.34 31.31 0.30
C SER G 267 4.81 32.61 -0.39
N ASP G 268 5.71 33.54 -0.51
CA ASP G 268 5.46 34.78 -1.18
C ASP G 268 5.82 34.69 -2.67
N TRP G 269 6.06 33.48 -3.20
CA TRP G 269 6.55 33.33 -4.60
C TRP G 269 5.49 33.06 -5.64
N LEU G 270 4.23 32.93 -5.21
CA LEU G 270 3.12 32.88 -6.13
C LEU G 270 2.09 33.93 -5.72
N PRO G 271 2.50 35.21 -5.81
CA PRO G 271 1.65 36.23 -5.09
C PRO G 271 0.46 36.68 -5.88
N ALA G 272 0.39 36.24 -7.15
CA ALA G 272 -0.77 36.73 -7.98
C ALA G 272 -1.65 35.53 -8.42
N THR G 273 -1.63 34.45 -7.68
CA THR G 273 -2.38 33.27 -7.98
C THR G 273 -3.38 33.03 -6.87
N THR G 274 -4.68 33.04 -7.23
CA THR G 274 -5.74 32.76 -6.26
C THR G 274 -6.96 32.26 -6.98
N GLY G 275 -7.80 31.59 -6.23
CA GLY G 275 -8.98 30.88 -6.77
C GLY G 275 -8.63 29.74 -7.73
N ASP G 276 -7.40 29.27 -7.65
CA ASP G 276 -6.82 28.52 -8.72
C ASP G 276 -6.39 27.11 -8.26
N ILE G 277 -5.88 26.34 -9.23
CA ILE G 277 -5.47 24.96 -9.04
C ILE G 277 -4.10 24.79 -9.68
N ILE G 278 -3.12 24.32 -8.88
CA ILE G 278 -1.81 24.03 -9.40
C ILE G 278 -1.67 22.52 -9.37
N TYR G 279 -1.21 21.98 -10.45
CA TYR G 279 -1.13 20.53 -10.69
C TYR G 279 0.25 20.05 -10.38
N ALA G 280 0.35 19.22 -9.32
CA ALA G 280 1.62 18.58 -8.97
C ALA G 280 1.47 17.08 -9.23
N ASP G 281 1.57 16.74 -10.51
CA ASP G 281 1.23 15.42 -11.01
C ASP G 281 2.15 14.91 -12.09
N GLY G 282 3.33 15.49 -12.17
CA GLY G 282 4.32 15.13 -13.16
C GLY G 282 3.97 15.57 -14.59
N GLY G 283 2.96 16.42 -14.69
CA GLY G 283 2.38 16.83 -15.97
C GLY G 283 1.45 15.85 -16.59
N ALA G 284 1.05 14.80 -15.84
CA ALA G 284 0.19 13.80 -16.41
C ALA G 284 -1.10 14.37 -17.07
N HIS G 285 -1.72 15.34 -16.41
CA HIS G 285 -3.01 15.84 -16.84
C HIS G 285 -2.84 16.67 -18.18
N THR G 286 -1.62 16.94 -18.62
CA THR G 286 -1.37 17.69 -19.87
C THR G 286 -1.19 16.77 -21.09
N GLN G 287 -1.23 15.47 -20.85
CA GLN G 287 -0.93 14.45 -21.84
C GLN G 287 -2.04 13.43 -21.94
N LEU G 288 -2.43 13.10 -23.14
CA LEU G 288 -3.56 12.23 -23.38
C LEU G 288 -3.22 10.79 -23.15
N LEU G 289 -2.09 10.41 -23.64
CA LEU G 289 -1.46 9.11 -23.54
C LEU G 289 0.06 9.44 -23.48
N THR H 22 -42.75 15.09 -40.38
CA THR H 22 -41.99 14.35 -39.41
C THR H 22 -41.12 15.36 -38.53
N GLY H 23 -41.51 15.34 -37.29
CA GLY H 23 -40.82 15.97 -36.26
C GLY H 23 -39.57 15.20 -35.79
N LEU H 24 -38.71 15.99 -35.17
CA LEU H 24 -37.43 15.53 -34.70
C LEU H 24 -37.55 14.39 -33.69
N LEU H 25 -38.59 14.35 -32.87
CA LEU H 25 -38.74 13.36 -31.85
C LEU H 25 -39.92 12.42 -32.10
N ASP H 26 -40.30 12.27 -33.36
CA ASP H 26 -41.43 11.42 -33.73
C ASP H 26 -41.30 10.04 -33.17
N GLY H 27 -42.31 9.59 -32.43
CA GLY H 27 -42.31 8.22 -31.95
C GLY H 27 -41.55 8.10 -30.63
N LYS H 28 -40.94 9.13 -30.08
CA LYS H 28 -40.19 8.93 -28.87
C LYS H 28 -41.05 9.16 -27.64
N ARG H 29 -40.83 8.40 -26.58
CA ARG H 29 -41.48 8.58 -25.29
C ARG H 29 -40.44 9.20 -24.35
N ILE H 30 -40.75 10.35 -23.81
CA ILE H 30 -39.84 11.18 -23.06
C ILE H 30 -40.50 11.63 -21.75
N LEU H 31 -39.78 11.44 -20.64
CA LEU H 31 -40.18 11.96 -19.34
C LEU H 31 -39.57 13.33 -19.15
N VAL H 32 -40.39 14.28 -18.71
CA VAL H 32 -39.94 15.64 -18.45
C VAL H 32 -40.34 16.06 -17.02
N SER H 33 -39.32 16.30 -16.17
CA SER H 33 -39.50 16.82 -14.85
C SER H 33 -39.34 18.29 -14.83
N GLY H 34 -39.74 18.96 -13.74
CA GLY H 34 -39.38 20.37 -13.51
C GLY H 34 -40.31 21.47 -13.95
N ILE H 35 -41.51 21.13 -14.43
CA ILE H 35 -42.51 22.17 -14.70
C ILE H 35 -43.12 22.66 -13.38
N ILE H 36 -43.07 23.96 -13.17
CA ILE H 36 -43.86 24.60 -12.13
C ILE H 36 -44.68 25.76 -12.63
N THR H 37 -44.19 26.55 -13.57
CA THR H 37 -45.00 27.58 -14.23
C THR H 37 -44.83 27.50 -15.71
N ASP H 38 -45.56 28.29 -16.47
CA ASP H 38 -45.33 28.29 -17.93
C ASP H 38 -44.07 29.08 -18.38
N SER H 39 -43.28 29.64 -17.44
CA SER H 39 -41.96 30.16 -17.72
C SER H 39 -40.87 29.14 -17.47
N SER H 40 -41.20 28.02 -16.83
CA SER H 40 -40.20 27.01 -16.52
C SER H 40 -39.47 26.56 -17.79
N ILE H 41 -38.17 26.36 -17.69
CA ILE H 41 -37.43 25.82 -18.84
C ILE H 41 -38.08 24.48 -19.28
N ALA H 42 -38.45 23.67 -18.31
CA ALA H 42 -39.09 22.40 -18.58
C ALA H 42 -40.39 22.50 -19.33
N PHE H 43 -41.15 23.58 -19.08
CA PHE H 43 -42.40 23.79 -19.83
C PHE H 43 -42.08 23.92 -21.30
N HIS H 44 -41.09 24.74 -21.63
CA HIS H 44 -40.73 24.96 -23.01
C HIS H 44 -40.08 23.74 -23.63
N ILE H 45 -39.32 22.96 -22.86
CA ILE H 45 -38.76 21.71 -23.35
C ILE H 45 -39.91 20.77 -23.73
N ALA H 46 -40.90 20.68 -22.84
CA ALA H 46 -42.05 19.84 -23.12
C ALA H 46 -42.85 20.32 -24.34
N ARG H 47 -43.07 21.64 -24.44
CA ARG H 47 -43.81 22.21 -25.56
C ARG H 47 -43.13 21.84 -26.88
N VAL H 48 -41.83 22.16 -26.96
CA VAL H 48 -41.09 21.90 -28.21
C VAL H 48 -41.06 20.40 -28.51
N ALA H 49 -40.87 19.58 -27.49
CA ALA H 49 -40.82 18.14 -27.72
C ALA H 49 -42.15 17.62 -28.28
N GLN H 50 -43.27 18.12 -27.75
CA GLN H 50 -44.59 17.74 -28.32
C GLN H 50 -44.76 18.27 -29.70
N GLU H 51 -44.32 19.51 -29.96
CA GLU H 51 -44.41 20.02 -31.36
C GLU H 51 -43.63 19.12 -32.27
N GLN H 52 -42.59 18.43 -31.79
CA GLN H 52 -41.73 17.61 -32.63
C GLN H 52 -42.11 16.14 -32.55
N GLY H 53 -43.33 15.85 -32.04
CA GLY H 53 -43.90 14.53 -32.13
C GLY H 53 -43.63 13.62 -30.95
N ALA H 54 -43.02 14.06 -29.88
CA ALA H 54 -42.73 13.18 -28.74
C ALA H 54 -44.02 12.94 -27.97
N GLN H 55 -44.17 11.79 -27.33
CA GLN H 55 -45.23 11.51 -26.35
C GLN H 55 -44.59 11.65 -24.97
N LEU H 56 -45.14 12.48 -24.14
CA LEU H 56 -44.56 12.84 -22.86
C LEU H 56 -45.20 12.15 -21.64
N VAL H 57 -44.39 11.96 -20.61
CA VAL H 57 -44.81 11.73 -19.24
C VAL H 57 -44.18 12.85 -18.49
N LEU H 58 -44.97 13.52 -17.66
CA LEU H 58 -44.51 14.67 -16.89
C LEU H 58 -44.43 14.32 -15.42
N THR H 59 -43.45 14.92 -14.71
CA THR H 59 -43.39 14.79 -13.26
C THR H 59 -43.34 16.17 -12.64
N GLY H 60 -43.99 16.23 -11.48
CA GLY H 60 -44.12 17.47 -10.74
C GLY H 60 -43.97 17.28 -9.27
N PHE H 61 -43.56 18.35 -8.59
CA PHE H 61 -43.22 18.31 -7.15
C PHE H 61 -44.13 19.29 -6.46
N ASP H 62 -44.78 18.81 -5.39
CA ASP H 62 -45.37 19.66 -4.39
C ASP H 62 -46.68 20.36 -4.79
N ARG H 63 -46.73 21.13 -5.83
CA ARG H 63 -47.92 21.95 -6.17
C ARG H 63 -48.70 21.25 -7.31
N LEU H 64 -49.15 20.03 -7.09
CA LEU H 64 -49.70 19.23 -8.16
C LEU H 64 -50.94 19.78 -8.86
N ARG H 65 -51.78 20.50 -8.15
CA ARG H 65 -52.96 21.13 -8.77
C ARG H 65 -52.54 22.25 -9.64
N LEU H 66 -51.60 23.11 -9.17
CA LEU H 66 -51.14 24.18 -10.01
C LEU H 66 -50.48 23.57 -11.28
N ILE H 67 -49.68 22.53 -11.09
CA ILE H 67 -48.89 21.98 -12.18
C ILE H 67 -49.82 21.42 -13.23
N GLN H 68 -50.88 20.74 -12.79
CA GLN H 68 -51.88 20.25 -13.71
C GLN H 68 -52.53 21.41 -14.56
N ARG H 69 -52.89 22.53 -13.95
CA ARG H 69 -53.38 23.72 -14.71
C ARG H 69 -52.35 24.21 -15.71
N ILE H 70 -51.07 24.19 -15.32
CA ILE H 70 -50.01 24.64 -16.19
C ILE H 70 -49.85 23.69 -17.39
N THR H 71 -49.83 22.39 -17.14
CA THR H 71 -49.61 21.43 -18.19
C THR H 71 -50.80 21.30 -19.11
N ASP H 72 -51.96 21.73 -18.68
CA ASP H 72 -53.06 21.90 -19.61
C ASP H 72 -52.76 22.90 -20.72
N ARG H 73 -51.82 23.79 -20.55
CA ARG H 73 -51.53 24.76 -21.61
C ARG H 73 -50.55 24.16 -22.63
N LEU H 74 -50.00 22.95 -22.43
CA LEU H 74 -49.11 22.36 -23.41
C LEU H 74 -49.92 22.01 -24.60
N PRO H 75 -49.27 21.79 -25.74
CA PRO H 75 -50.11 21.48 -26.88
C PRO H 75 -50.78 20.11 -26.82
N ALA H 76 -50.35 19.18 -26.03
CA ALA H 76 -51.09 17.90 -25.94
C ALA H 76 -51.14 17.42 -24.50
N LYS H 77 -52.06 16.49 -24.25
CA LYS H 77 -52.28 15.95 -22.89
C LYS H 77 -51.13 15.07 -22.61
N ALA H 78 -50.71 15.02 -21.37
CA ALA H 78 -49.69 14.11 -21.00
C ALA H 78 -49.97 13.73 -19.59
N PRO H 79 -49.72 12.49 -19.22
CA PRO H 79 -49.98 12.20 -17.82
C PRO H 79 -48.95 12.87 -16.88
N LEU H 80 -49.40 13.23 -15.67
CA LEU H 80 -48.60 13.92 -14.69
C LEU H 80 -48.40 13.03 -13.48
N LEU H 81 -47.16 12.75 -13.09
CA LEU H 81 -46.88 11.92 -11.97
C LEU H 81 -46.18 12.74 -10.91
N GLU H 82 -46.36 12.36 -9.66
CA GLU H 82 -45.73 13.09 -8.59
C GLU H 82 -44.31 12.59 -8.36
N LEU H 83 -43.35 13.51 -8.24
CA LEU H 83 -42.03 13.13 -7.87
C LEU H 83 -41.32 14.22 -7.11
N ASP H 84 -41.00 13.90 -5.86
CA ASP H 84 -40.16 14.72 -5.00
C ASP H 84 -38.89 13.89 -5.00
N VAL H 85 -37.80 14.42 -5.53
CA VAL H 85 -36.56 13.64 -5.62
C VAL H 85 -35.92 13.36 -4.30
N GLN H 86 -36.35 14.03 -3.19
CA GLN H 86 -35.91 13.62 -1.84
C GLN H 86 -36.66 12.46 -1.25
N ASN H 87 -37.73 12.05 -1.90
CA ASN H 87 -38.56 10.99 -1.37
C ASN H 87 -38.21 9.61 -1.96
N GLU H 88 -37.64 8.75 -1.11
CA GLU H 88 -37.27 7.41 -1.54
C GLU H 88 -38.37 6.59 -2.11
N GLU H 89 -39.57 6.73 -1.55
CA GLU H 89 -40.70 5.94 -2.04
C GLU H 89 -41.10 6.40 -3.39
N HIS H 90 -41.10 7.68 -3.64
CA HIS H 90 -41.41 8.20 -4.99
C HIS H 90 -40.42 7.63 -6.05
N LEU H 91 -39.14 7.62 -5.73
CA LEU H 91 -38.08 7.09 -6.64
C LEU H 91 -38.25 5.57 -6.82
N ALA H 92 -38.57 4.84 -5.75
CA ALA H 92 -38.66 3.42 -5.86
C ALA H 92 -39.89 2.99 -6.68
N SER H 93 -40.95 3.81 -6.74
CA SER H 93 -42.18 3.45 -7.44
C SER H 93 -42.19 4.10 -8.82
N LEU H 94 -41.29 4.99 -9.11
CA LEU H 94 -41.37 5.81 -10.33
C LEU H 94 -41.41 4.99 -11.63
N ALA H 95 -40.54 3.99 -11.77
CA ALA H 95 -40.48 3.22 -13.04
C ALA H 95 -41.82 2.54 -13.26
N GLY H 96 -42.35 1.90 -12.20
CA GLY H 96 -43.65 1.24 -12.27
C GLY H 96 -44.79 2.19 -12.64
N ARG H 97 -44.79 3.38 -12.08
CA ARG H 97 -45.80 4.40 -12.40
C ARG H 97 -45.66 4.93 -13.83
N VAL H 98 -44.41 5.11 -14.30
CA VAL H 98 -44.21 5.46 -15.70
C VAL H 98 -44.69 4.35 -16.64
N THR H 99 -44.39 3.10 -16.30
CA THR H 99 -44.72 1.99 -17.17
C THR H 99 -46.25 1.90 -17.30
N GLU H 100 -46.95 2.09 -16.19
CA GLU H 100 -48.39 2.11 -16.23
C GLU H 100 -48.92 3.28 -17.07
N ALA H 101 -48.32 4.47 -17.03
CA ALA H 101 -48.75 5.54 -17.88
C ALA H 101 -48.47 5.32 -19.37
N ILE H 102 -47.31 4.77 -19.76
CA ILE H 102 -47.01 4.58 -21.20
C ILE H 102 -47.42 3.25 -21.76
N GLY H 103 -47.79 2.32 -20.88
CA GLY H 103 -48.28 1.03 -21.37
C GLY H 103 -47.21 -0.07 -21.18
N ALA H 104 -47.63 -1.20 -20.66
CA ALA H 104 -46.74 -2.32 -20.39
C ALA H 104 -46.04 -2.73 -21.68
N GLY H 105 -44.77 -3.03 -21.62
CA GLY H 105 -44.04 -3.39 -22.85
C GLY H 105 -43.45 -2.17 -23.58
N ASN H 106 -43.76 -0.96 -23.18
CA ASN H 106 -43.12 0.19 -23.79
C ASN H 106 -42.11 0.76 -22.84
N LYS H 107 -41.10 1.40 -23.39
CA LYS H 107 -40.08 2.01 -22.61
C LYS H 107 -39.89 3.46 -23.03
N LEU H 108 -39.14 4.19 -22.22
CA LEU H 108 -38.82 5.55 -22.50
C LEU H 108 -37.58 5.63 -23.42
N ASP H 109 -37.58 6.62 -24.29
CA ASP H 109 -36.44 7.02 -25.06
C ASP H 109 -35.70 8.21 -24.51
N GLY H 110 -36.32 9.00 -23.65
CA GLY H 110 -35.70 10.21 -23.16
C GLY H 110 -36.12 10.50 -21.72
N VAL H 111 -35.23 11.16 -21.00
CA VAL H 111 -35.50 11.67 -19.65
C VAL H 111 -34.90 13.06 -19.53
N VAL H 112 -35.68 14.02 -19.07
CA VAL H 112 -35.20 15.37 -18.85
C VAL H 112 -35.28 15.71 -17.34
N HIS H 113 -34.13 16.03 -16.78
CA HIS H 113 -33.97 16.52 -15.42
C HIS H 113 -33.90 18.05 -15.53
N SER H 114 -34.93 18.75 -15.02
CA SER H 114 -34.92 20.23 -15.06
C SER H 114 -35.36 20.70 -13.68
N ILE H 115 -34.52 20.41 -12.71
CA ILE H 115 -34.81 20.47 -11.30
C ILE H 115 -33.65 21.11 -10.56
N GLY H 116 -33.96 22.03 -9.67
CA GLY H 116 -32.96 22.57 -8.77
C GLY H 116 -33.59 23.23 -7.55
N PHE H 117 -32.81 23.40 -6.48
CA PHE H 117 -33.23 24.13 -5.32
C PHE H 117 -31.99 24.48 -4.51
N MET H 118 -32.05 25.61 -3.85
CA MET H 118 -31.07 25.96 -2.84
C MET H 118 -31.80 26.81 -1.81
N PRO H 119 -31.61 26.53 -0.52
CA PRO H 119 -32.23 27.42 0.46
C PRO H 119 -31.69 28.85 0.33
N GLN H 120 -32.48 29.79 0.79
CA GLN H 120 -32.13 31.22 0.76
C GLN H 120 -30.77 31.56 1.36
N THR H 121 -30.35 30.80 2.38
CA THR H 121 -29.08 31.09 3.03
C THR H 121 -27.91 30.85 2.04
N GLY H 122 -28.16 30.02 1.04
CA GLY H 122 -27.08 29.63 0.13
C GLY H 122 -26.89 30.48 -1.13
N MET H 123 -27.64 31.59 -1.25
CA MET H 123 -27.70 32.38 -2.47
C MET H 123 -27.92 33.85 -2.16
N GLY H 124 -27.68 34.68 -3.16
CA GLY H 124 -28.05 36.08 -3.05
C GLY H 124 -27.10 36.91 -2.28
N ILE H 125 -27.58 37.85 -1.45
CA ILE H 125 -26.68 38.68 -0.68
C ILE H 125 -26.25 38.03 0.63
N ASN H 126 -26.80 36.89 0.99
CA ASN H 126 -26.37 36.24 2.21
C ASN H 126 -24.86 35.85 2.08
N PRO H 127 -24.06 36.16 3.09
CA PRO H 127 -22.65 35.78 3.01
C PRO H 127 -22.45 34.26 2.72
N PHE H 128 -21.57 33.98 1.76
CA PHE H 128 -21.23 32.64 1.39
C PHE H 128 -20.89 31.76 2.60
N PHE H 129 -20.15 32.27 3.53
CA PHE H 129 -19.71 31.49 4.71
C PHE H 129 -20.81 31.24 5.73
N ASP H 130 -21.92 31.95 5.63
CA ASP H 130 -22.98 31.80 6.64
C ASP H 130 -24.01 30.71 6.23
N ALA H 131 -23.90 30.07 5.08
CA ALA H 131 -24.86 29.04 4.79
C ALA H 131 -24.52 27.76 5.61
N PRO H 132 -25.41 27.30 6.44
CA PRO H 132 -25.08 26.03 7.15
C PRO H 132 -25.09 24.84 6.23
N TYR H 133 -24.31 23.84 6.59
CA TYR H 133 -24.20 22.68 5.72
C TYR H 133 -25.55 21.98 5.51
N ALA H 134 -26.40 21.96 6.53
CA ALA H 134 -27.73 21.31 6.35
C ALA H 134 -28.49 21.94 5.17
N ASP H 135 -28.33 23.26 4.98
CA ASP H 135 -28.97 23.91 3.84
C ASP H 135 -28.27 23.57 2.54
N VAL H 136 -26.95 23.68 2.52
CA VAL H 136 -26.18 23.39 1.30
C VAL H 136 -26.45 21.92 0.88
N SER H 137 -26.51 20.99 1.85
CA SER H 137 -26.71 19.58 1.57
C SER H 137 -28.07 19.34 0.92
N LYS H 138 -29.08 20.01 1.41
CA LYS H 138 -30.38 19.94 0.80
C LYS H 138 -30.35 20.37 -0.63
N GLY H 139 -29.69 21.50 -0.90
CA GLY H 139 -29.55 21.97 -2.27
C GLY H 139 -28.81 21.01 -3.18
N ILE H 140 -27.73 20.43 -2.68
CA ILE H 140 -26.96 19.48 -3.47
C ILE H 140 -27.78 18.20 -3.72
N HIS H 141 -28.58 17.80 -2.73
CA HIS H 141 -29.42 16.61 -2.87
C HIS H 141 -30.34 16.83 -4.09
N ILE H 142 -31.08 17.94 -4.09
CA ILE H 142 -32.06 18.22 -5.12
C ILE H 142 -31.45 18.52 -6.47
N SER H 143 -30.35 19.28 -6.48
CA SER H 143 -29.86 19.88 -7.67
C SER H 143 -28.80 19.02 -8.37
N ALA H 144 -28.13 18.10 -7.64
CA ALA H 144 -27.08 17.29 -8.21
C ALA H 144 -27.25 15.79 -8.00
N TYR H 145 -27.36 15.32 -6.77
CA TYR H 145 -27.54 13.90 -6.51
C TYR H 145 -28.74 13.33 -7.26
N SER H 146 -29.85 14.12 -7.32
CA SER H 146 -31.06 13.63 -7.94
C SER H 146 -30.90 13.29 -9.41
N TYR H 147 -29.90 13.85 -10.10
CA TYR H 147 -29.63 13.47 -11.48
C TYR H 147 -29.24 12.00 -11.52
N ALA H 148 -28.43 11.56 -10.58
CA ALA H 148 -28.11 10.12 -10.43
C ALA H 148 -29.30 9.30 -10.02
N SER H 149 -30.05 9.76 -9.00
CA SER H 149 -31.22 9.00 -8.54
C SER H 149 -32.27 8.79 -9.64
N MET H 150 -32.49 9.82 -10.46
CA MET H 150 -33.43 9.69 -11.57
C MET H 150 -32.92 8.70 -12.61
N ALA H 151 -31.65 8.79 -12.92
CA ALA H 151 -31.07 7.84 -13.87
C ALA H 151 -31.17 6.40 -13.36
N LYS H 152 -30.89 6.22 -12.07
CA LYS H 152 -31.00 4.95 -11.49
C LYS H 152 -32.43 4.37 -11.60
N ALA H 153 -33.40 5.21 -11.33
CA ALA H 153 -34.79 4.77 -11.32
C ALA H 153 -35.27 4.46 -12.75
N LEU H 154 -34.82 5.24 -13.74
CA LEU H 154 -35.36 5.17 -15.09
C LEU H 154 -34.56 4.37 -16.12
N LEU H 155 -33.25 4.20 -15.95
CA LEU H 155 -32.48 3.42 -16.93
C LEU H 155 -33.05 2.04 -17.17
N PRO H 156 -33.55 1.35 -16.11
CA PRO H 156 -34.11 0.00 -16.43
C PRO H 156 -35.34 0.03 -17.33
N ILE H 157 -35.97 1.18 -17.53
CA ILE H 157 -37.08 1.26 -18.50
C ILE H 157 -36.75 2.22 -19.66
N MET H 158 -35.46 2.33 -20.02
CA MET H 158 -35.05 3.10 -21.20
C MET H 158 -34.59 2.19 -22.33
N ASN H 159 -34.94 2.55 -23.54
CA ASN H 159 -34.51 1.85 -24.75
C ASN H 159 -33.06 2.16 -25.09
N PRO H 160 -32.36 1.23 -25.71
CA PRO H 160 -31.07 1.56 -26.37
C PRO H 160 -31.23 2.74 -27.31
N GLY H 161 -30.24 3.61 -27.39
CA GLY H 161 -30.32 4.82 -28.21
C GLY H 161 -31.00 5.97 -27.45
N GLY H 162 -31.35 5.75 -26.19
CA GLY H 162 -32.03 6.79 -25.46
C GLY H 162 -31.10 7.88 -24.96
N SER H 163 -31.70 8.84 -24.28
CA SER H 163 -31.00 10.08 -23.93
C SER H 163 -31.50 10.68 -22.61
N ILE H 164 -30.59 10.96 -21.70
CA ILE H 164 -30.88 11.65 -20.47
C ILE H 164 -30.22 13.04 -20.54
N VAL H 165 -30.99 14.08 -20.25
CA VAL H 165 -30.52 15.43 -20.31
C VAL H 165 -30.85 16.18 -19.02
N GLY H 166 -29.87 16.89 -18.48
CA GLY H 166 -30.08 17.76 -17.32
C GLY H 166 -29.70 19.22 -17.62
N MET H 167 -30.12 20.14 -16.78
CA MET H 167 -29.86 21.58 -16.99
C MET H 167 -28.77 22.06 -16.05
N ASP H 168 -27.83 22.81 -16.62
CA ASP H 168 -26.62 23.32 -15.97
C ASP H 168 -26.58 24.81 -16.17
N PHE H 169 -25.79 25.47 -15.34
CA PHE H 169 -25.47 26.89 -15.49
C PHE H 169 -24.00 26.96 -15.17
N ASP H 170 -23.22 27.44 -16.14
CA ASP H 170 -21.76 27.30 -16.10
C ASP H 170 -21.11 27.69 -14.80
N PRO H 171 -20.58 26.72 -14.07
CA PRO H 171 -19.99 26.97 -12.75
C PRO H 171 -18.47 27.00 -12.73
N SER H 172 -17.87 27.11 -13.91
CA SER H 172 -16.43 27.02 -14.08
C SER H 172 -15.69 28.17 -13.35
N ARG H 173 -16.41 29.30 -13.21
CA ARG H 173 -15.86 30.51 -12.56
C ARG H 173 -16.85 30.93 -11.49
N ALA H 174 -16.33 31.50 -10.38
CA ALA H 174 -17.23 32.00 -9.36
C ALA H 174 -17.90 33.30 -9.88
N MET H 175 -18.97 33.68 -9.22
CA MET H 175 -19.76 34.82 -9.61
C MET H 175 -20.57 35.37 -8.43
N PRO H 176 -21.05 36.60 -8.51
CA PRO H 176 -21.92 37.08 -7.40
C PRO H 176 -23.21 36.29 -7.31
N ALA H 177 -23.70 36.13 -6.09
CA ALA H 177 -25.08 35.68 -5.72
C ALA H 177 -25.35 34.20 -5.94
N TYR H 178 -24.80 33.57 -6.98
CA TYR H 178 -25.18 32.18 -7.27
C TYR H 178 -24.59 31.25 -6.22
N ASN H 179 -23.46 31.67 -5.62
CA ASN H 179 -22.96 31.11 -4.38
C ASN H 179 -22.99 29.60 -4.35
N TRP H 180 -23.71 29.02 -3.39
CA TRP H 180 -23.67 27.56 -3.21
C TRP H 180 -24.39 26.80 -4.35
N MET H 181 -25.28 27.49 -5.11
CA MET H 181 -25.83 26.83 -6.27
C MET H 181 -24.71 26.55 -7.30
N THR H 182 -23.71 27.45 -7.36
CA THR H 182 -22.58 27.26 -8.23
C THR H 182 -21.87 25.91 -7.87
N VAL H 183 -21.74 25.69 -6.58
CA VAL H 183 -21.10 24.50 -6.09
C VAL H 183 -21.93 23.25 -6.43
N ALA H 184 -23.25 23.39 -6.29
CA ALA H 184 -24.15 22.29 -6.69
C ALA H 184 -24.03 21.95 -8.18
N LYS H 185 -23.95 22.97 -9.04
CA LYS H 185 -23.77 22.76 -10.47
C LYS H 185 -22.42 22.10 -10.80
N SER H 186 -21.35 22.49 -10.14
CA SER H 186 -20.07 21.81 -10.31
C SER H 186 -20.22 20.33 -9.95
N ALA H 187 -20.90 20.04 -8.84
CA ALA H 187 -21.16 18.68 -8.47
C ALA H 187 -21.99 17.96 -9.55
N LEU H 188 -23.02 18.62 -10.06
CA LEU H 188 -23.85 18.02 -11.11
C LEU H 188 -23.03 17.65 -12.34
N GLU H 189 -22.14 18.54 -12.75
CA GLU H 189 -21.27 18.22 -13.91
C GLU H 189 -20.52 16.93 -13.69
N SER H 190 -20.00 16.76 -12.48
CA SER H 190 -19.20 15.57 -12.17
C SER H 190 -20.17 14.32 -12.17
N VAL H 191 -21.34 14.50 -11.59
CA VAL H 191 -22.33 13.43 -11.53
C VAL H 191 -22.72 12.95 -12.95
N ASN H 192 -22.92 13.92 -13.87
CA ASN H 192 -23.24 13.63 -15.26
C ASN H 192 -22.23 12.71 -15.91
N ARG H 193 -20.95 12.92 -15.63
CA ARG H 193 -19.91 12.07 -16.23
C ARG H 193 -19.96 10.66 -15.70
N PHE H 194 -20.33 10.46 -14.45
CA PHE H 194 -20.54 9.11 -13.90
C PHE H 194 -21.83 8.46 -14.40
N VAL H 195 -22.90 9.25 -14.52
CA VAL H 195 -24.14 8.75 -15.05
C VAL H 195 -23.91 8.26 -16.46
N ALA H 196 -23.09 8.98 -17.21
CA ALA H 196 -22.73 8.53 -18.55
C ALA H 196 -22.09 7.18 -18.59
N ARG H 197 -21.20 6.90 -17.66
CA ARG H 197 -20.60 5.57 -17.59
C ARG H 197 -21.64 4.49 -17.34
N GLU H 198 -22.61 4.75 -16.43
CA GLU H 198 -23.66 3.73 -16.17
C GLU H 198 -24.60 3.61 -17.33
N ALA H 199 -25.00 4.75 -17.87
CA ALA H 199 -25.97 4.76 -18.93
C ALA H 199 -25.47 4.10 -20.23
N GLY H 200 -24.16 4.17 -20.45
CA GLY H 200 -23.58 3.54 -21.61
C GLY H 200 -23.80 2.08 -21.67
N LYS H 201 -23.89 1.41 -20.53
CA LYS H 201 -24.18 -0.06 -20.52
C LYS H 201 -25.56 -0.37 -21.08
N TYR H 202 -26.48 0.60 -21.08
CA TYR H 202 -27.80 0.49 -21.64
C TYR H 202 -27.93 1.07 -23.04
N GLY H 203 -26.82 1.53 -23.63
CA GLY H 203 -26.89 2.24 -24.90
C GLY H 203 -27.50 3.62 -24.77
N VAL H 204 -27.42 4.23 -23.60
CA VAL H 204 -28.05 5.51 -23.34
C VAL H 204 -26.98 6.58 -23.09
N ARG H 205 -27.24 7.76 -23.61
CA ARG H 205 -26.39 8.96 -23.48
C ARG H 205 -26.88 9.78 -22.28
N SER H 206 -25.93 10.50 -21.66
CA SER H 206 -26.24 11.46 -20.60
C SER H 206 -25.47 12.71 -20.87
N ASN H 207 -26.14 13.85 -20.89
CA ASN H 207 -25.53 15.13 -21.16
C ASN H 207 -26.25 16.25 -20.40
N LEU H 208 -25.56 17.36 -20.16
CA LEU H 208 -26.16 18.55 -19.65
C LEU H 208 -26.20 19.65 -20.71
N VAL H 209 -27.24 20.48 -20.61
CA VAL H 209 -27.25 21.74 -21.36
C VAL H 209 -26.97 22.88 -20.41
N ALA H 210 -25.87 23.57 -20.64
CA ALA H 210 -25.50 24.76 -19.83
C ALA H 210 -26.18 25.97 -20.53
N ALA H 211 -27.30 26.40 -19.96
CA ALA H 211 -28.11 27.43 -20.59
C ALA H 211 -27.73 28.78 -20.12
N GLY H 212 -27.89 29.76 -20.99
CA GLY H 212 -27.88 31.13 -20.54
C GLY H 212 -29.11 31.46 -19.65
N PRO H 213 -29.12 32.62 -19.06
CA PRO H 213 -30.17 32.96 -18.10
C PRO H 213 -31.55 33.14 -18.76
N ILE H 214 -32.56 32.61 -18.11
CA ILE H 214 -33.96 32.68 -18.57
C ILE H 214 -34.80 33.14 -17.37
N ARG H 215 -35.70 34.04 -17.62
CA ARG H 215 -36.53 34.57 -16.54
C ARG H 215 -37.57 33.52 -16.12
N THR H 216 -37.30 32.85 -15.02
CA THR H 216 -38.14 31.84 -14.44
C THR H 216 -38.47 32.15 -12.98
N LEU H 217 -39.32 31.30 -12.39
CA LEU H 217 -39.64 31.46 -10.98
C LEU H 217 -38.34 31.34 -10.17
N ALA H 218 -37.50 30.34 -10.48
CA ALA H 218 -36.28 30.19 -9.71
C ALA H 218 -35.35 31.44 -9.84
N MET H 219 -35.27 32.02 -11.03
CA MET H 219 -34.44 33.17 -11.20
C MET H 219 -34.86 34.27 -10.18
N SER H 220 -36.13 34.52 -10.07
CA SER H 220 -36.55 35.53 -9.15
C SER H 220 -36.37 35.16 -7.65
N ALA H 221 -36.10 33.90 -7.29
CA ALA H 221 -35.76 33.52 -5.92
C ALA H 221 -34.28 33.68 -5.55
N ILE H 222 -33.40 33.66 -6.51
CA ILE H 222 -31.99 33.82 -6.25
C ILE H 222 -31.66 35.03 -5.34
N VAL H 223 -32.22 36.18 -5.66
CA VAL H 223 -32.09 37.35 -4.81
C VAL H 223 -33.40 37.59 -4.06
N GLY H 224 -33.49 37.54 -2.72
CA GLY H 224 -34.75 37.80 -1.91
C GLY H 224 -34.97 39.24 -1.44
N ALA H 231 -32.50 42.24 -8.11
CA ALA H 231 -33.42 42.62 -9.26
C ALA H 231 -32.65 43.51 -10.17
N GLY H 232 -32.58 44.88 -10.05
CA GLY H 232 -31.99 45.79 -11.10
C GLY H 232 -30.52 45.37 -11.34
N ALA H 233 -29.77 45.23 -10.23
CA ALA H 233 -28.36 44.80 -10.31
C ALA H 233 -28.23 43.37 -10.88
N GLN H 234 -29.18 42.51 -10.56
CA GLN H 234 -29.16 41.17 -11.10
C GLN H 234 -29.30 41.20 -12.62
N ILE H 235 -30.26 41.93 -13.13
CA ILE H 235 -30.45 41.99 -14.55
C ILE H 235 -29.21 42.60 -15.23
N GLN H 236 -28.64 43.64 -14.67
CA GLN H 236 -27.46 44.24 -15.28
C GLN H 236 -26.26 43.21 -15.36
N LEU H 237 -26.01 42.48 -14.26
CA LEU H 237 -24.96 41.44 -14.24
C LEU H 237 -25.26 40.34 -15.31
N LEU H 238 -26.53 39.96 -15.43
CA LEU H 238 -26.88 38.97 -16.42
C LEU H 238 -26.68 39.48 -17.87
N GLU H 239 -27.00 40.73 -18.11
CA GLU H 239 -26.76 41.35 -19.39
C GLU H 239 -25.26 41.46 -19.71
N GLU H 240 -24.44 41.78 -18.73
CA GLU H 240 -22.98 41.83 -18.89
C GLU H 240 -22.37 40.47 -19.15
N GLY H 241 -22.82 39.46 -18.43
CA GLY H 241 -22.29 38.11 -18.54
C GLY H 241 -22.68 37.35 -19.81
N TRP H 242 -23.85 37.66 -20.33
CA TRP H 242 -24.47 36.93 -21.41
C TRP H 242 -24.69 37.80 -22.65
N ASP H 243 -25.75 38.57 -22.72
CA ASP H 243 -26.04 39.27 -23.95
C ASP H 243 -24.87 40.09 -24.53
N GLN H 244 -24.18 40.80 -23.68
CA GLN H 244 -23.03 41.62 -24.08
C GLN H 244 -21.85 40.76 -24.60
N ARG H 245 -21.67 39.54 -24.13
CA ARG H 245 -20.54 38.72 -24.54
C ARG H 245 -20.95 37.83 -25.72
N ALA H 246 -22.20 37.47 -25.84
CA ALA H 246 -22.67 36.52 -26.86
C ALA H 246 -22.59 37.07 -28.25
N PRO H 247 -21.83 36.40 -29.16
CA PRO H 247 -21.77 36.99 -30.54
C PRO H 247 -23.14 37.01 -31.22
N ILE H 248 -24.08 36.15 -30.83
CA ILE H 248 -25.39 36.20 -31.48
C ILE H 248 -26.41 36.76 -30.51
N GLY H 249 -26.01 37.38 -29.42
CA GLY H 249 -26.95 37.95 -28.46
C GLY H 249 -27.59 36.86 -27.57
N TRP H 250 -28.33 37.34 -26.60
CA TRP H 250 -29.01 36.49 -25.66
C TRP H 250 -30.26 37.21 -25.15
N ASN H 251 -31.42 36.56 -25.28
CA ASN H 251 -32.67 37.14 -24.81
C ASN H 251 -33.22 36.24 -23.67
N MET H 252 -33.20 36.75 -22.49
CA MET H 252 -33.60 36.03 -21.29
C MET H 252 -35.12 35.81 -21.25
N LYS H 253 -35.90 36.45 -22.10
CA LYS H 253 -37.33 36.22 -22.14
C LYS H 253 -37.69 35.08 -23.09
N ASP H 254 -36.74 34.52 -23.81
CA ASP H 254 -37.03 33.55 -24.85
C ASP H 254 -36.34 32.20 -24.51
N ALA H 255 -37.13 31.27 -23.99
CA ALA H 255 -36.62 29.95 -23.64
C ALA H 255 -36.48 28.98 -24.83
N THR H 256 -37.02 29.35 -25.97
CA THR H 256 -37.07 28.46 -27.10
C THR H 256 -35.71 27.88 -27.51
N PRO H 257 -34.65 28.74 -27.58
CA PRO H 257 -33.34 28.23 -28.02
C PRO H 257 -32.80 27.14 -27.09
N VAL H 258 -33.10 27.29 -25.79
CA VAL H 258 -32.65 26.30 -24.79
C VAL H 258 -33.46 25.00 -25.01
N ALA H 259 -34.76 25.14 -25.16
CA ALA H 259 -35.64 24.00 -25.34
C ALA H 259 -35.23 23.19 -26.60
N LYS H 260 -34.94 23.92 -27.68
CA LYS H 260 -34.52 23.30 -28.90
C LYS H 260 -33.23 22.50 -28.73
N THR H 261 -32.30 23.07 -27.99
CA THR H 261 -31.03 22.40 -27.74
C THR H 261 -31.23 21.11 -26.96
N VAL H 262 -32.11 21.14 -25.94
CA VAL H 262 -32.40 19.91 -25.20
C VAL H 262 -32.98 18.84 -26.16
N CYS H 263 -33.90 19.26 -27.04
CA CYS H 263 -34.52 18.39 -28.03
C CYS H 263 -33.47 17.82 -28.96
N ALA H 264 -32.46 18.61 -29.33
CA ALA H 264 -31.39 18.11 -30.19
C ALA H 264 -30.66 16.92 -29.50
N LEU H 265 -30.39 17.10 -28.20
CA LEU H 265 -29.77 16.01 -27.42
C LEU H 265 -30.68 14.80 -27.23
N LEU H 266 -31.96 15.03 -27.14
CA LEU H 266 -32.92 13.92 -27.01
C LEU H 266 -33.08 13.14 -28.36
N SER H 267 -32.74 13.78 -29.47
CA SER H 267 -32.93 13.24 -30.77
C SER H 267 -31.80 12.25 -31.09
N ASP H 268 -31.82 11.75 -32.28
CA ASP H 268 -30.80 10.88 -32.80
C ASP H 268 -29.69 11.67 -33.50
N TRP H 269 -29.67 12.98 -33.39
CA TRP H 269 -28.74 13.85 -34.19
C TRP H 269 -27.46 14.24 -33.43
N LEU H 270 -27.32 13.84 -32.17
CA LEU H 270 -26.09 13.93 -31.47
C LEU H 270 -25.71 12.57 -30.88
N PRO H 271 -25.50 11.58 -31.76
CA PRO H 271 -25.46 10.19 -31.29
C PRO H 271 -24.12 9.78 -30.68
N ALA H 272 -23.14 10.66 -30.79
CA ALA H 272 -21.80 10.29 -30.28
C ALA H 272 -21.34 11.24 -29.14
N THR H 273 -22.28 11.90 -28.49
CA THR H 273 -21.97 12.84 -27.46
C THR H 273 -22.57 12.31 -26.16
N THR H 274 -21.73 12.09 -25.15
CA THR H 274 -22.17 11.67 -23.83
C THR H 274 -21.15 12.07 -22.77
N GLY H 275 -21.62 12.12 -21.55
CA GLY H 275 -20.86 12.65 -20.42
C GLY H 275 -20.50 14.15 -20.53
N ASP H 276 -21.24 14.85 -21.38
CA ASP H 276 -20.79 16.10 -21.89
C ASP H 276 -21.75 17.24 -21.57
N ILE H 277 -21.33 18.44 -21.95
CA ILE H 277 -22.04 19.70 -21.68
C ILE H 277 -22.12 20.47 -22.99
N ILE H 278 -23.36 20.79 -23.41
CA ILE H 278 -23.56 21.62 -24.58
C ILE H 278 -24.02 22.98 -24.07
N TYR H 279 -23.41 24.04 -24.61
CA TYR H 279 -23.65 25.39 -24.09
C TYR H 279 -24.65 26.06 -24.98
N ALA H 280 -25.83 26.37 -24.44
CA ALA H 280 -26.85 27.10 -25.14
C ALA H 280 -27.01 28.48 -24.52
N ASP H 281 -26.04 29.35 -24.84
CA ASP H 281 -25.85 30.60 -24.13
C ASP H 281 -25.45 31.73 -25.07
N GLY H 282 -25.73 31.57 -26.37
CA GLY H 282 -25.40 32.61 -27.31
C GLY H 282 -23.89 32.71 -27.66
N GLY H 283 -23.15 31.73 -27.18
CA GLY H 283 -21.69 31.72 -27.26
C GLY H 283 -21.01 32.60 -26.20
N ALA H 284 -21.76 33.08 -25.21
CA ALA H 284 -21.16 33.94 -24.24
C ALA H 284 -19.90 33.40 -23.56
N HIS H 285 -19.93 32.11 -23.23
CA HIS H 285 -18.84 31.52 -22.46
C HIS H 285 -17.55 31.42 -23.35
N THR H 286 -17.63 31.68 -24.65
CA THR H 286 -16.47 31.61 -25.55
C THR H 286 -15.76 32.96 -25.71
N GLN H 287 -16.31 34.01 -25.08
CA GLN H 287 -15.84 35.35 -25.22
C GLN H 287 -15.53 35.94 -23.84
N LEU H 288 -14.44 36.63 -23.76
CA LEU H 288 -13.96 37.10 -22.46
C LEU H 288 -14.69 38.36 -22.07
N LEU H 289 -14.85 39.22 -23.07
CA LEU H 289 -15.46 40.55 -22.98
C LEU H 289 -16.13 40.69 -24.35
PA NAD I . 3.13 -8.32 -2.91
O1A NAD I . 1.69 -8.08 -3.14
O2A NAD I . 4.18 -7.42 -3.48
O5B NAD I . 3.59 -9.63 -3.69
C5B NAD I . 2.84 -10.87 -3.53
C4B NAD I . 2.94 -11.54 -4.87
O4B NAD I . 2.25 -12.81 -4.90
C3B NAD I . 2.45 -10.73 -6.08
O3B NAD I . 3.51 -10.54 -7.04
C2B NAD I . 1.35 -11.64 -6.68
O2B NAD I . 1.37 -11.58 -8.09
C1B NAD I . 1.86 -13.01 -6.24
N9A NAD I . 0.92 -14.11 -6.38
C8A NAD I . -0.38 -14.16 -5.94
N7A NAD I . -1.07 -15.16 -6.44
C5A NAD I . -0.17 -15.81 -7.27
C6A NAD I . -0.31 -16.90 -8.15
N6A NAD I . -1.46 -17.53 -8.38
N1A NAD I . 0.79 -17.29 -8.85
C2A NAD I . 1.92 -16.59 -8.71
N3A NAD I . 2.15 -15.51 -7.95
C4A NAD I . 1.07 -15.18 -7.23
O3 NAD I . 3.58 -8.50 -1.46
PN NAD I . 4.84 -8.93 -0.59
O1N NAD I . 4.63 -8.39 0.79
O2N NAD I . 6.07 -8.50 -1.29
O5D NAD I . 4.71 -10.52 -0.52
C5D NAD I . 5.79 -11.34 -0.99
C4D NAD I . 6.03 -12.49 -0.02
O4D NAD I . 6.56 -11.98 1.24
C3D NAD I . 4.82 -13.33 0.38
O3D NAD I . 5.19 -14.68 0.64
C2D NAD I . 4.30 -12.59 1.61
O2D NAD I . 3.56 -13.43 2.46
C1D NAD I . 5.73 -12.45 2.25
N1N NAD I . 5.91 -11.56 3.43
C2N NAD I . 5.49 -10.26 3.44
C3N NAD I . 5.71 -9.45 4.54
C7N NAD I . 5.30 -8.01 4.57
O7N NAD I . 5.29 -7.43 5.63
N7N NAD I . 5.13 -7.39 3.40
C4N NAD I . 6.42 -9.98 5.62
C5N NAD I . 6.85 -11.28 5.60
C6N NAD I . 6.57 -12.07 4.49
N1 53K J . 1.66 -8.00 8.13
N3 53K J . 0.98 -6.77 8.04
C4 53K J . -1.90 -12.65 1.81
C5 53K J . -1.59 -12.15 3.06
C6 53K J . -0.40 -11.48 3.27
C7 53K J . 0.57 -11.39 2.29
C8 53K J . 2.02 -10.20 3.73
C10 53K J . 2.09 -8.30 5.13
C13 53K J . 1.02 -8.73 9.02
C15 53K J . -1.11 -8.48 10.46
C17 53K J . 0.17 -8.18 12.66
C20 53K J . -2.03 -7.35 10.83
C21 53K J . 2.79 -10.42 6.01
C22 53K J . 2.49 -10.99 4.79
O2 53K J . 2.63 -12.31 4.63
O1 53K J . 1.77 -10.76 2.51
C3 53K J . -0.90 -12.53 0.81
C2 53K J . 0.31 -11.91 1.02
C1 53K J . 1.21 -11.85 -0.04
C11 53K J . 2.53 -9.05 6.19
C9 53K J . 1.81 -8.84 3.91
C12 53K J . 2.84 -8.36 7.42
N2 53K J . 0.01 -6.82 8.83
C14 53K J . 0.00 -8.00 9.44
C19 53K J . -1.30 -6.43 11.72
C18 53K J . -0.92 -7.17 12.99
C16 53K J . -0.47 -9.11 11.66
CL CL K . 20.38 -2.54 5.06
PA NAD L . -7.44 -44.12 13.39
O1A NAD L . -7.48 -44.48 11.95
O2A NAD L . -7.83 -44.98 14.55
O5B NAD L . -8.48 -42.98 13.65
C5B NAD L . -8.56 -41.95 12.64
C4B NAD L . -9.99 -41.50 12.57
O4B NAD L . -10.17 -40.43 11.60
C3B NAD L . -10.96 -42.63 12.16
O3B NAD L . -11.96 -42.74 13.17
C2B NAD L . -11.60 -42.08 10.88
O2B NAD L . -12.98 -42.36 10.73
C1B NAD L . -11.50 -40.57 11.18
N9A NAD L . -11.80 -39.70 10.05
C8A NAD L . -11.22 -39.75 8.81
N7A NAD L . -11.82 -39.01 7.91
C5A NAD L . -12.85 -38.40 8.62
C6A NAD L . -13.88 -37.52 8.22
N6A NAD L . -14.10 -37.19 6.95
N1A NAD L . -14.74 -37.09 9.17
C2A NAD L . -14.57 -37.52 10.43
N3A NAD L . -13.67 -38.37 10.90
C4A NAD L . -12.84 -38.80 9.94
O3 NAD L . -6.13 -43.49 13.89
PN NAD L . -5.40 -42.80 15.12
O1N NAD L . -3.98 -43.22 15.12
O2N NAD L . -6.23 -43.08 16.33
O5D NAD L . -5.66 -41.29 14.74
C5D NAD L . -6.35 -40.33 15.59
C4D NAD L . -5.61 -38.99 15.70
O4D NAD L . -4.36 -39.12 16.42
C3D NAD L . -5.22 -38.34 14.37
O3D NAD L . -5.34 -36.93 14.41
C2D NAD L . -3.81 -38.83 14.20
O2D NAD L . -3.11 -38.05 13.27
C1D NAD L . -3.37 -38.57 15.63
N1N NAD L . -2.11 -39.19 16.04
C2N NAD L . -1.86 -40.54 15.83
C3N NAD L . -0.71 -41.11 16.35
C7N NAD L . -0.41 -42.58 16.28
O7N NAD L . 0.73 -42.97 16.43
N7N NAD L . -1.46 -43.41 16.04
C4N NAD L . 0.19 -40.28 17.01
C5N NAD L . -0.08 -38.94 17.18
C6N NAD L . -1.23 -38.42 16.70
N1 53K M . 3.51 -42.51 12.90
N3 53K M . 3.72 -43.81 12.47
C4 53K M . -3.06 -39.92 8.06
C5 53K M . -1.77 -40.13 8.51
C6 53K M . -1.54 -40.45 9.82
C7 53K M . -2.58 -40.52 10.69
C8 53K M . -1.23 -41.18 12.47
C10 53K M . 0.38 -42.81 13.15
C13 53K M . 4.33 -41.76 12.16
C15 53K M . 6.01 -42.11 10.26
C17 53K M . 7.91 -41.36 11.82
C20 53K M . 6.85 -43.22 9.74
C21 53K M . 0.96 -40.45 13.31
C22 53K M . -0.33 -40.14 12.87
O2 53K M . -0.73 -38.82 12.71
O1 53K M . -2.51 -40.81 11.99
C3 53K M . -4.10 -40.01 8.93
C2 53K M . -3.83 -40.30 10.25
C1 53K M . -4.88 -40.37 11.17
C11 53K M . 1.32 -41.81 13.47
C9 53K M . -0.85 -42.51 12.63
C12 53K M . 2.62 -42.13 13.98
N2 53K M . 4.64 -43.81 11.51
C14 53K M . 5.03 -42.55 11.33
C19 53K M . 7.84 -43.69 10.81
C18 53K M . 8.78 -42.52 11.26
C16 53K M . 6.93 -40.96 10.72
PA NAD N . 8.90 -16.55 46.87
O1A NAD N . 9.72 -15.35 47.26
O2A NAD N . 7.54 -16.86 47.47
O5B NAD N . 9.66 -17.89 46.92
C5B NAD N . 11.04 -17.93 46.50
C4B NAD N . 11.60 -18.99 47.41
O4B NAD N . 12.99 -19.20 47.13
C3B NAD N . 11.51 -18.61 48.92
O3B NAD N . 10.79 -19.56 49.72
C2B NAD N . 12.97 -18.58 49.33
O2B NAD N . 13.15 -19.01 50.66
C1B NAD N . 13.52 -19.62 48.37
N9A NAD N . 14.98 -19.70 48.36
C8A NAD N . 15.86 -18.69 48.08
N7A NAD N . 17.10 -18.97 48.33
C5A NAD N . 17.05 -20.27 48.80
C6A NAD N . 18.05 -21.18 49.21
N6A NAD N . 19.32 -20.84 49.34
N1A NAD N . 17.69 -22.44 49.49
C2A NAD N . 16.39 -22.76 49.46
N3A NAD N . 15.34 -21.96 49.18
C4A NAD N . 15.75 -20.73 48.82
O3 NAD N . 8.49 -16.50 45.32
PN NAD N . 7.79 -17.25 44.13
O1N NAD N . 7.28 -16.29 43.11
O2N NAD N . 6.78 -18.16 44.76
O5D NAD N . 9.05 -18.06 43.63
C5D NAD N . 8.96 -19.52 43.56
C4D NAD N . 9.48 -20.09 42.24
O4D NAD N . 8.55 -19.77 41.18
C3D NAD N . 10.82 -19.57 41.74
O3D NAD N . 11.51 -20.57 40.98
C2D NAD N . 10.38 -18.39 40.85
O2D NAD N . 11.38 -18.14 39.87
C1D NAD N . 9.28 -19.09 40.15
N1N NAD N . 8.30 -18.29 39.37
C2N NAD N . 7.71 -17.20 39.93
C3N NAD N . 6.76 -16.51 39.22
C7N NAD N . 6.02 -15.35 39.80
O7N NAD N . 5.40 -14.60 39.03
N7N NAD N . 5.95 -15.25 41.13
C4N NAD N . 6.46 -16.91 37.92
C5N NAD N . 7.10 -17.99 37.36
C6N NAD N . 8.00 -18.69 38.11
N1 53K O . 8.00 -11.51 36.83
N3 53K O . 7.61 -10.36 37.49
C4 53K O . 14.72 -13.95 41.72
C5 53K O . 13.94 -13.38 40.71
C6 53K O . 12.63 -13.75 40.49
C7 53K O . 12.07 -14.76 41.26
C8 53K O . 9.99 -14.64 40.20
C10 53K O . 8.30 -13.01 39.54
C13 53K O . 8.88 -11.15 35.87
C15 53K O . 9.82 -8.97 34.96
C17 53K O . 8.60 -9.52 32.79
C20 53K O . 9.34 -7.52 34.84
C21 53K O . 9.24 -14.48 37.90
C22 53K O . 10.04 -15.08 38.84
O2 53K O . 10.92 -16.04 38.51
O1 53K O . 10.81 -15.23 41.11
C3 53K O . 14.11 -14.91 42.52
C2 53K O . 12.80 -15.32 42.30
C1 53K O . 12.28 -16.35 43.15
C11 53K O . 8.34 -13.47 38.22
C9 53K O . 9.12 -13.62 40.54
C12 53K O . 7.51 -12.88 37.23
N2 53K O . 8.19 -9.35 36.94
C14 53K O . 8.95 -9.82 35.89
C19 53K O . 8.05 -7.40 34.12
C18 53K O . 8.07 -8.02 32.69
C16 53K O . 9.89 -9.52 33.50
PA NAD P . 39.19 -25.23 20.68
O1A NAD P . 39.72 -26.16 21.71
O2A NAD P . 39.91 -24.90 19.44
O5B NAD P . 39.00 -23.77 21.14
C5B NAD P . 38.44 -23.44 22.43
C4B NAD P . 39.10 -22.17 22.87
O4B NAD P . 38.59 -21.65 24.14
C3B NAD P . 40.64 -22.25 23.01
O3B NAD P . 41.25 -21.27 22.16
C2B NAD P . 40.88 -21.86 24.49
O2B NAD P . 42.06 -21.12 24.74
C1B NAD P . 39.67 -20.96 24.73
N9A NAD P . 39.43 -20.64 26.15
C8A NAD P . 39.20 -21.52 27.18
N7A NAD P . 39.23 -20.96 28.37
C5A NAD P . 39.50 -19.61 28.11
C6A NAD P . 39.60 -18.47 28.94
N6A NAD P . 39.51 -18.49 30.26
N1A NAD P . 39.75 -17.26 28.34
C2A NAD P . 39.85 -17.22 27.01
N3A NAD P . 39.79 -18.23 26.14
C4A NAD P . 39.61 -19.40 26.74
O3 NAD P . 37.70 -25.63 20.27
PN NAD P . 36.48 -25.23 19.32
O1N NAD P . 35.67 -26.42 19.02
O2N NAD P . 37.11 -24.42 18.24
O5D NAD P . 35.63 -24.23 20.23
C5D NAD P . 35.38 -22.86 19.86
C4D NAD P . 33.91 -22.52 20.13
O4D NAD P . 33.04 -23.25 19.21
C3D NAD P . 33.41 -22.87 21.54
O3D NAD P . 32.46 -21.97 22.06
C2D NAD P . 32.81 -24.26 21.36
O2D NAD P . 31.88 -24.63 22.37
C1D NAD P . 32.09 -23.90 20.01
N1N NAD P . 31.58 -25.07 19.24
C2N NAD P . 32.34 -26.19 18.93
C3N NAD P . 31.86 -27.20 18.11
C7N NAD P . 32.71 -28.37 17.63
O7N NAD P . 32.17 -29.42 17.25
N7N NAD P . 34.06 -28.23 17.64
C4N NAD P . 30.54 -27.10 17.68
C5N NAD P . 29.76 -26.01 18.03
C6N NAD P . 30.30 -24.99 18.80
N1 53K Q . 30.49 -32.25 20.27
N3 53K Q . 31.41 -33.27 20.19
C4 53K Q . 34.01 -27.55 26.57
C5 53K Q . 33.29 -28.50 25.86
C6 53K Q . 33.18 -28.41 24.51
C7 53K Q . 33.78 -27.41 23.83
C8 53K Q . 32.96 -28.19 21.71
C10 53K Q . 32.76 -30.12 20.24
C13 53K Q . 29.52 -32.66 21.09
C15 53K Q . 28.97 -34.72 22.45
C17 53K Q . 26.89 -35.04 20.96
C20 53K Q . 29.20 -36.20 22.43
C21 53K Q . 30.78 -29.03 20.96
C22 53K Q . 31.55 -28.09 21.66
O2 53K Q . 30.93 -27.10 22.33
O1 53K Q . 33.71 -27.28 22.44
C3 53K Q . 34.67 -26.57 25.87
C2 53K Q . 34.52 -26.48 24.49
C1 53K Q . 35.18 -25.44 23.84
C11 53K Q . 31.40 -30.03 20.21
C9 53K Q . 33.52 -29.22 20.99
C12 53K Q . 30.64 -30.97 19.52
N2 53K Q . 30.99 -34.31 20.94
C14 53K Q . 29.82 -33.90 21.49
C19 53K Q . 28.68 -36.79 21.17
C18 53K Q . 27.16 -36.53 20.98
C16 53K Q . 27.45 -34.45 22.26
PA NAD R . -9.32 13.59 -45.93
O1A NAD R . -7.95 13.33 -46.45
O2A NAD R . -10.54 12.77 -46.36
O5B NAD R . -9.79 15.03 -46.19
C5B NAD R . -8.93 16.19 -45.99
C4B NAD R . -9.22 17.18 -47.08
O4B NAD R . -8.37 18.35 -46.95
C3B NAD R . -9.03 16.63 -48.51
O3B NAD R . -10.26 16.73 -49.25
C2B NAD R . -7.94 17.52 -49.07
O2B NAD R . -8.19 17.88 -50.40
C1B NAD R . -8.20 18.81 -48.27
N9A NAD R . -7.20 19.86 -48.41
C8A NAD R . -5.85 19.79 -48.19
N7A NAD R . -5.19 20.85 -48.60
C5A NAD R . -6.19 21.67 -49.12
C6A NAD R . -6.14 22.92 -49.73
N6A NAD R . -5.00 23.58 -49.94
N1A NAD R . -7.33 23.49 -50.11
C2A NAD R . -8.45 22.79 -49.91
N3A NAD R . -8.61 21.55 -49.42
C4A NAD R . -7.43 21.06 -49.00
O3 NAD R . -9.45 13.44 -44.38
PN NAD R . -10.46 13.70 -43.16
O1N NAD R . -10.08 12.83 -42.04
O2N NAD R . -11.85 13.57 -43.68
O5D NAD R . -10.22 15.27 -42.88
C5D NAD R . -11.21 16.30 -42.81
C4D NAD R . -11.09 17.14 -41.54
O4D NAD R . -11.43 16.33 -40.39
C3D NAD R . -9.72 17.75 -41.22
O3D NAD R . -9.80 19.06 -40.67
C2D NAD R . -9.14 16.75 -40.25
O2D NAD R . -8.11 17.31 -39.49
C1D NAD R . -10.39 16.59 -39.40
N1N NAD R . -10.46 15.44 -38.54
C2N NAD R . -10.20 14.19 -38.94
C3N NAD R . -10.31 13.14 -38.06
C7N NAD R . -10.08 11.68 -38.44
O7N NAD R . -9.87 10.83 -37.53
N7N NAD R . -10.09 11.34 -39.72
C4N NAD R . -10.71 13.41 -36.75
C5N NAD R . -11.00 14.71 -36.38
C6N NAD R . -10.85 15.71 -37.27
N1 53K S . -5.80 10.57 -35.76
N3 53K S . -5.38 9.36 -36.37
C4 53K S . -3.00 15.86 -42.11
C5 53K S . -3.01 15.21 -40.89
C6 53K S . -4.22 14.81 -40.33
C7 53K S . -5.43 15.07 -40.95
C8 53K S . -6.71 13.78 -39.35
C10 53K S . -6.73 11.57 -38.42
C13 53K S . -4.87 11.02 -34.93
C15 53K S . -2.46 10.16 -34.23
C17 53K S . -3.43 9.72 -31.95
C20 53K S . -1.81 8.68 -34.18
C21 53K S . -7.06 13.50 -36.97
C22 53K S . -6.92 14.35 -38.04
O2 53K S . -6.94 15.71 -37.93
O1 53K S . -6.61 14.63 -40.43
C3 53K S . -4.22 16.08 -42.77
C2 53K S . -5.43 15.75 -42.18
C1 53K S . -6.61 16.04 -42.94
C11 53K S . -6.98 12.10 -37.15
C9 53K S . -6.60 12.41 -39.48
C12 53K S . -7.09 11.16 -36.04
N2 53K S . -4.15 9.13 -35.90
C14 53K S . -3.84 10.12 -35.01
C19 53K S . -2.59 7.72 -33.33
C18 53K S . -2.75 8.33 -31.93
C16 53K S . -2.63 10.69 -32.79
CL CL T . -14.86 26.18 -60.28
PA NAD U . 8.11 43.76 -24.83
O1A NAD U . 7.85 44.56 -26.07
O2A NAD U . 8.77 44.23 -23.61
O5B NAD U . 8.96 42.45 -25.10
C5B NAD U . 8.72 41.70 -26.28
C4B NAD U . 10.06 41.17 -26.67
O4B NAD U . 9.98 40.29 -27.81
C3B NAD U . 11.06 42.28 -27.04
O3B NAD U . 12.24 42.14 -26.24
C2B NAD U . 11.41 41.97 -28.49
O2B NAD U . 12.79 42.13 -28.80
C1B NAD U . 11.20 40.45 -28.50
N9A NAD U . 11.18 39.86 -29.84
C8A NAD U . 10.41 40.26 -30.92
N7A NAD U . 10.75 39.68 -32.06
C5A NAD U . 11.78 38.83 -31.71
C6A NAD U . 12.62 37.98 -32.46
N6A NAD U . 12.52 37.85 -33.78
N1A NAD U . 13.58 37.29 -31.82
C2A NAD U . 13.73 37.49 -30.50
N3A NAD U . 13.03 38.30 -29.69
C4A NAD U . 12.06 38.93 -30.35
O3 NAD U . 6.88 43.08 -24.20
PN NAD U . 6.34 42.16 -23.01
O1N NAD U . 4.97 42.64 -22.68
O2N NAD U . 7.43 42.11 -22.00
O5D NAD U . 6.26 40.73 -23.72
C5D NAD U . 7.02 39.59 -23.28
C4D NAD U . 6.18 38.32 -23.34
O4D NAD U . 5.13 38.40 -22.36
C3D NAD U . 5.48 38.02 -24.66
O3D NAD U . 5.37 36.64 -24.91
C2D NAD U . 4.10 38.62 -24.41
O2D NAD U . 3.12 38.13 -25.31
C1D NAD U . 3.92 38.11 -23.00
N1N NAD U . 2.80 38.73 -22.18
C2N NAD U . 2.70 40.09 -22.03
C3N NAD U . 1.71 40.60 -21.20
C7N NAD U . 1.56 42.08 -20.94
O7N NAD U . 0.52 42.50 -20.53
N7N NAD U . 2.58 42.84 -21.14
C4N NAD U . 0.83 39.71 -20.58
C5N NAD U . 0.98 38.33 -20.75
C6N NAD U . 1.97 37.88 -21.55
N1 53K V . -2.95 43.01 -23.43
N3 53K V . -3.01 44.34 -23.51
C4 53K V . 2.39 41.02 -29.89
C5 53K V . 1.26 41.34 -29.15
C6 53K V . 1.30 41.42 -27.79
C7 53K V . 2.48 41.19 -27.12
C8 53K V . 1.51 41.46 -25.03
C10 53K V . 0.19 42.94 -23.72
C13 53K V . -3.97 42.50 -24.15
C15 53K V . -5.89 43.51 -25.63
C17 53K V . -7.51 42.46 -23.91
C20 53K V . -6.70 44.79 -25.56
C21 53K V . -0.51 40.68 -23.92
C22 53K V . 0.59 40.44 -24.71
O2 53K V . 0.83 39.20 -25.20
O1 53K V . 2.62 41.20 -25.77
C3 53K V . 3.59 40.82 -29.22
C2 53K V . 3.65 40.93 -27.83
C1 53K V . 4.91 40.67 -27.21
C11 53K V . -0.74 41.95 -23.43
C9 53K V . 1.30 42.72 -24.52
C12 53K V . -1.89 42.27 -22.62
N2 53K V . -4.05 44.67 -24.30
C14 53K V . -4.64 43.55 -24.67
C19 53K V . -7.38 44.90 -24.22
C18 53K V . -8.35 43.68 -23.98
C16 53K V . -6.83 42.30 -25.29
NA NA W . -3.58 47.07 -35.87
PA NAD X . -4.82 10.48 4.80
O1A NAD X . -5.74 9.35 5.09
O2A NAD X . -3.40 10.62 5.17
O5B NAD X . -5.35 11.89 5.30
C5B NAD X . -6.75 12.19 5.24
C4B NAD X . -7.02 13.00 6.48
O4B NAD X . -8.42 13.35 6.51
C3B NAD X . -6.73 12.26 7.82
O3B NAD X . -5.85 12.94 8.69
C2B NAD X . -8.11 12.18 8.46
O2B NAD X . -8.14 12.33 9.85
C1B NAD X . -8.71 13.47 7.89
N9A NAD X . -10.12 13.65 8.16
C8A NAD X . -11.15 12.80 7.90
N7A NAD X . -12.30 13.17 8.43
C5A NAD X . -11.99 14.36 9.09
C6A NAD X . -12.75 15.23 9.88
N6A NAD X . -14.05 15.05 10.14
N1A NAD X . -12.15 16.32 10.38
C2A NAD X . -10.84 16.50 10.14
N3A NAD X . -10.00 15.74 9.44
C4A NAD X . -10.65 14.67 8.92
O3 NAD X . -4.75 10.76 3.24
PN NAD X . -4.16 11.77 2.17
O1N NAD X . -4.06 11.00 0.92
O2N NAD X . -2.94 12.43 2.73
O5D NAD X . -5.33 12.85 2.00
C5D NAD X . -5.10 14.27 2.20
C4D NAD X . -5.76 15.14 1.14
O4D NAD X . -5.08 14.92 -0.13
C3D NAD X . -7.22 14.82 0.87
O3D NAD X . -7.99 16.00 0.53
C2D NAD X . -7.11 13.82 -0.30
O2D NAD X . -8.35 13.74 -0.98
C1D NAD X . -6.09 14.61 -1.05
N1N NAD X . -5.40 13.88 -2.13
C2N NAD X . -4.84 12.65 -1.95
C3N NAD X . -4.12 12.07 -2.96
C7N NAD X . -3.46 10.74 -2.84
O7N NAD X . -3.10 10.16 -3.86
N7N NAD X . -3.15 10.33 -1.65
C4N NAD X . -4.00 12.74 -4.17
C5N NAD X . -4.60 13.97 -4.34
C6N NAD X . -5.28 14.53 -3.30
N1 53K Y . -6.27 7.75 -5.96
N3 53K Y . -5.91 6.45 -5.69
C4 53K Y . -11.66 9.59 0.51
C5 53K Y . -11.20 9.18 -0.73
C6 53K Y . -9.90 9.48 -1.06
C7 53K Y . -9.11 10.24 -0.22
C8 53K Y . -7.27 10.16 -1.69
C10 53K Y . -5.86 8.67 -2.92
C13 53K Y . -7.35 7.73 -6.73
C15 53K Y . -8.77 5.85 -7.81
C17 53K Y . -7.79 6.67 -10.06
C20 53K Y . -8.56 4.40 -8.33
C21 53K Y . -6.96 10.44 -4.08
C22 53K Y . -7.53 10.84 -2.90
O2 53K Y . -8.37 11.90 -2.90
O1 53K Y . -7.85 10.61 -0.52
C3 53K Y . -10.83 10.29 1.39
C2 53K Y . -9.55 10.62 1.05
C1 53K Y . -8.76 11.40 1.98
C11 53K Y . -6.11 9.33 -4.12
C9 53K Y . -6.44 9.07 -1.72
C12 53K Y . -5.50 8.87 -5.38
N2 53K Y . -6.73 5.67 -6.32
C14 53K Y . -7.63 6.41 -6.96
C19 53K Y . -7.43 4.31 -9.31
C18 53K Y . -7.63 5.23 -10.55
C16 53K Y . -9.02 6.72 -9.05
NA NA Z . -16.51 0.56 -1.67
PA NAD AA . -38.15 26.76 -12.15
O1A NAD AA . -38.52 27.40 -10.86
O2A NAD AA . -39.14 26.84 -13.31
O5B NAD AA . -38.09 25.18 -12.07
C5B NAD AA . -37.33 24.50 -11.02
C4B NAD AA . -38.06 23.23 -10.78
O4B NAD AA . -37.41 22.48 -9.73
C3B NAD AA . -39.54 23.39 -10.34
O3B NAD AA . -40.44 22.71 -11.21
C2B NAD AA . -39.57 22.76 -8.95
O2B NAD AA . -40.74 22.04 -8.61
C1B NAD AA . -38.44 21.73 -9.13
N9A NAD AA . -38.01 21.10 -7.88
C8A NAD AA . -37.53 21.69 -6.73
N7A NAD AA . -37.35 20.84 -5.74
C5A NAD AA . -37.74 19.63 -6.28
C6A NAD AA . -37.87 18.35 -5.70
N6A NAD AA . -37.56 18.07 -4.44
N1A NAD AA . -38.29 17.35 -6.50
C2A NAD AA . -38.57 17.62 -7.77
N3A NAD AA . -38.52 18.80 -8.42
C4A NAD AA . -38.11 19.76 -7.59
O3 NAD AA . -36.80 27.10 -12.75
PN NAD AA . -35.88 26.84 -14.05
O1N NAD AA . -35.14 28.11 -14.23
O2N NAD AA . -36.80 26.38 -15.11
O5D NAD AA . -34.97 25.64 -13.55
C5D NAD AA . -34.88 24.33 -14.20
C4D NAD AA . -33.43 23.87 -14.34
O4D NAD AA . -32.72 24.79 -15.21
C3D NAD AA . -32.63 23.84 -13.04
O3D NAD AA . -31.60 22.85 -12.95
C2D NAD AA . -31.99 25.22 -13.02
O2D NAD AA . -30.81 25.33 -12.22
C1D NAD AA . -31.55 25.16 -14.51
N1N NAD AA . -31.08 26.44 -15.16
C2N NAD AA . -31.84 27.61 -15.09
C3N NAD AA . -31.42 28.74 -15.77
C7N NAD AA . -32.17 30.02 -15.81
O7N NAD AA . -31.61 31.00 -16.07
N7N NAD AA . -33.48 29.99 -15.63
C4N NAD AA . -30.21 28.68 -16.49
C5N NAD AA . -29.48 27.51 -16.54
C6N NAD AA . -29.94 26.39 -15.88
N1 53K BA . -29.08 33.17 -12.88
N3 53K BA . -29.78 34.35 -12.60
C4 53K BA . -31.84 27.43 -7.19
C5 53K BA . -31.07 28.43 -7.78
C6 53K BA . -31.27 28.63 -9.16
C7 53K BA . -32.11 27.81 -9.90
C8 53K BA . -31.64 29.02 -11.86
C10 53K BA . -31.62 31.26 -12.73
C13 53K BA . -27.92 33.21 -12.20
C15 53K BA . -26.90 34.91 -10.57
C17 53K BA . -25.08 35.51 -12.26
C20 53K BA . -27.13 36.43 -10.32
C21 53K BA . -29.66 29.86 -12.93
C22 53K BA . -30.31 28.83 -12.33
O2 53K BA . -29.65 27.64 -12.06
O1 53K BA . -32.32 27.97 -11.27
C3 53K BA . -32.70 26.60 -7.94
C2 53K BA . -32.84 26.78 -9.32
C1 53K BA . -33.74 25.94 -10.07
C11 53K BA . -30.29 31.07 -13.18
C9 53K BA . -32.30 30.21 -12.12
C12 53K BA . -29.62 32.13 -13.83
N2 53K BA . -29.09 35.03 -11.82
C14 53K BA . -27.95 34.39 -11.55
C19 53K BA . -26.69 37.30 -11.48
C18 53K BA . -25.25 36.98 -11.99
C16 53K BA . -25.46 34.66 -11.07
NA NA CA . -30.46 34.70 -0.04
#